data_1VYA
#
_entry.id   1VYA
#
_cell.length_a   66.962
_cell.length_b   179.198
_cell.length_c   88.469
_cell.angle_alpha   90.00
_cell.angle_beta   99.28
_cell.angle_gamma   90.00
#
_symmetry.space_group_name_H-M   'P 1 21 1'
#
loop_
_entity.id
_entity.type
_entity.pdbx_description
1 polymer 'Nucleoside diphosphate kinase'
2 water water
#
_entity_poly.entity_id   1
_entity_poly.type   'polypeptide(L)'
_entity_poly.pdbx_seq_one_letter_code
;MESTFIMIKPDGVQRGLIGEIISRFEKKGFYLKALKLVNVERSFAEKHYADLASKPFFQGLVDYIISGPVVAMVWEGKSV
VTTGRKIIGATNPLASEPGTIRGDFAVDIGRNVIHGSDSIESANKEIALWFPEGLADWQSSQHPWIYEK
;
_entity_poly.pdbx_strand_id   A,B,C,D,E,F,G,H,I,J,K,L
#
# COMPACT_ATOMS: atom_id res chain seq x y z
N MET A 1 47.49 16.21 18.53
CA MET A 1 47.44 17.53 17.90
C MET A 1 48.27 17.65 16.62
N GLU A 2 49.05 16.62 16.30
CA GLU A 2 49.70 16.56 14.99
C GLU A 2 48.63 16.58 13.90
N SER A 3 48.92 17.25 12.79
CA SER A 3 47.94 17.33 11.70
C SER A 3 48.52 16.94 10.34
N THR A 4 47.68 16.42 9.46
CA THR A 4 48.12 16.06 8.13
C THR A 4 47.09 16.47 7.09
N PHE A 5 47.54 16.62 5.84
CA PHE A 5 46.67 16.99 4.72
C PHE A 5 46.28 15.73 3.96
N ILE A 6 44.99 15.50 3.81
CA ILE A 6 44.54 14.32 3.06
C ILE A 6 43.67 14.83 1.94
N MET A 7 43.94 14.37 0.72
CA MET A 7 43.20 14.85 -0.44
C MET A 7 42.71 13.68 -1.26
N ILE A 8 41.40 13.63 -1.49
CA ILE A 8 40.80 12.65 -2.38
C ILE A 8 40.88 13.19 -3.80
N LYS A 9 41.53 12.44 -4.67
CA LYS A 9 41.75 12.86 -6.04
C LYS A 9 40.50 12.70 -6.93
N PRO A 10 40.52 13.26 -8.14
CA PRO A 10 39.32 13.23 -8.98
C PRO A 10 38.81 11.80 -9.20
N ASP A 11 39.68 10.80 -9.26
CA ASP A 11 39.21 9.43 -9.44
C ASP A 11 38.47 8.92 -8.20
N GLY A 12 38.84 9.42 -7.02
CA GLY A 12 38.17 9.04 -5.80
C GLY A 12 36.74 9.56 -5.84
N VAL A 13 36.60 10.80 -6.27
CA VAL A 13 35.28 11.40 -6.43
C VAL A 13 34.46 10.67 -7.50
N GLN A 14 35.02 10.47 -8.70
CA GLN A 14 34.27 9.80 -9.76
C GLN A 14 33.79 8.41 -9.38
N ARG A 15 34.58 7.69 -8.59
CA ARG A 15 34.23 6.32 -8.24
CA ARG A 15 34.24 6.32 -8.24
C ARG A 15 33.43 6.21 -6.95
N GLY A 16 32.94 7.34 -6.45
CA GLY A 16 32.06 7.35 -5.30
C GLY A 16 32.66 6.82 -4.02
N LEU A 17 33.90 7.22 -3.73
CA LEU A 17 34.63 6.71 -2.57
C LEU A 17 34.76 7.77 -1.46
N ILE A 18 34.09 8.91 -1.62
CA ILE A 18 34.28 10.00 -0.68
C ILE A 18 33.90 9.59 0.75
N GLY A 19 32.67 9.10 0.93
CA GLY A 19 32.20 8.76 2.26
C GLY A 19 33.01 7.63 2.87
N GLU A 20 33.29 6.62 2.06
CA GLU A 20 34.05 5.46 2.49
C GLU A 20 35.42 5.87 3.04
N ILE A 21 36.09 6.76 2.33
CA ILE A 21 37.41 7.25 2.76
C ILE A 21 37.34 8.01 4.08
N ILE A 22 36.41 8.94 4.20
CA ILE A 22 36.22 9.71 5.42
C ILE A 22 35.89 8.80 6.61
N SER A 23 34.99 7.83 6.40
CA SER A 23 34.67 6.83 7.44
C SER A 23 35.91 6.15 8.00
N ARG A 24 36.84 5.77 7.13
CA ARG A 24 38.01 5.05 7.59
C ARG A 24 38.83 5.92 8.54
N PHE A 25 38.94 7.21 8.26
CA PHE A 25 39.64 8.10 9.18
C PHE A 25 38.87 8.37 10.46
N GLU A 26 37.53 8.49 10.35
CA GLU A 26 36.68 8.68 11.54
C GLU A 26 36.75 7.48 12.48
N LYS A 27 36.63 6.28 11.91
CA LYS A 27 36.61 5.07 12.75
C LYS A 27 37.95 4.86 13.45
N LYS A 28 39.03 5.32 12.81
CA LYS A 28 40.37 5.14 13.37
C LYS A 28 40.52 5.95 14.67
N GLY A 29 39.71 7.00 14.80
CA GLY A 29 39.77 7.89 15.96
C GLY A 29 40.37 9.27 15.65
N PHE A 30 40.63 9.57 14.39
CA PHE A 30 41.18 10.87 14.02
C PHE A 30 40.08 11.95 13.88
N TYR A 31 40.51 13.20 13.97
CA TYR A 31 39.59 14.34 14.02
C TYR A 31 39.66 15.14 12.72
N LEU A 32 38.55 15.26 12.01
CA LEU A 32 38.49 16.10 10.83
C LEU A 32 38.45 17.56 11.26
N LYS A 33 39.43 18.34 10.81
CA LYS A 33 39.55 19.73 11.23
C LYS A 33 39.34 20.72 10.07
N ALA A 34 39.33 20.21 8.85
CA ALA A 34 39.09 21.06 7.69
C ALA A 34 38.61 20.19 6.55
N LEU A 35 37.72 20.75 5.73
CA LEU A 35 37.09 19.96 4.69
C LEU A 35 36.49 20.85 3.61
N LYS A 36 36.88 20.64 2.36
CA LYS A 36 36.20 21.31 1.25
C LYS A 36 36.31 20.53 -0.07
N LEU A 37 35.22 20.52 -0.84
CA LEU A 37 35.21 20.01 -2.19
C LEU A 37 35.61 21.19 -3.08
N VAL A 38 36.65 21.03 -3.87
CA VAL A 38 37.18 22.14 -4.65
CA VAL A 38 37.14 22.15 -4.67
C VAL A 38 37.60 21.72 -6.07
N ASN A 39 37.38 22.62 -7.03
CA ASN A 39 37.96 22.50 -8.36
C ASN A 39 39.30 23.20 -8.27
N VAL A 40 40.34 22.57 -8.80
CA VAL A 40 41.66 23.13 -8.70
C VAL A 40 42.02 23.83 -10.00
N GLU A 41 42.62 25.00 -9.88
CA GLU A 41 43.07 25.79 -11.02
C GLU A 41 44.53 25.46 -11.38
N ARG A 42 44.88 25.55 -12.67
CA ARG A 42 46.18 25.10 -13.13
CA ARG A 42 46.19 25.10 -13.14
C ARG A 42 47.38 25.69 -12.37
N SER A 43 47.38 26.99 -12.17
CA SER A 43 48.52 27.60 -11.46
C SER A 43 48.59 27.22 -9.98
N PHE A 44 47.44 26.92 -9.37
CA PHE A 44 47.45 26.43 -8.00
C PHE A 44 48.06 25.02 -7.97
N ALA A 45 47.66 24.18 -8.93
CA ALA A 45 48.22 22.84 -9.06
C ALA A 45 49.74 22.88 -9.28
N GLU A 46 50.19 23.81 -10.11
CA GLU A 46 51.62 23.99 -10.33
C GLU A 46 52.32 24.28 -9.01
N LYS A 47 51.65 25.02 -8.13
CA LYS A 47 52.25 25.36 -6.84
C LYS A 47 52.27 24.15 -5.91
N HIS A 48 51.18 23.40 -5.93
CA HIS A 48 51.10 22.21 -5.09
C HIS A 48 52.19 21.19 -5.45
N TYR A 49 52.35 20.96 -6.75
CA TYR A 49 53.37 20.04 -7.22
C TYR A 49 54.72 20.73 -7.51
N ALA A 50 54.93 21.91 -6.95
CA ALA A 50 56.16 22.70 -7.21
C ALA A 50 57.47 21.90 -7.08
N ASP A 51 57.55 21.08 -6.05
CA ASP A 51 58.77 20.33 -5.76
C ASP A 51 59.09 19.30 -6.82
N LEU A 52 58.14 19.05 -7.70
CA LEU A 52 58.31 18.08 -8.78
C LEU A 52 58.42 18.77 -10.13
N ALA A 53 58.68 20.08 -10.14
CA ALA A 53 58.64 20.86 -11.36
C ALA A 53 59.66 20.41 -12.40
N SER A 54 60.76 19.82 -11.94
CA SER A 54 61.84 19.45 -12.85
C SER A 54 61.63 18.05 -13.40
N LYS A 55 60.69 17.32 -12.81
CA LYS A 55 60.40 15.96 -13.24
C LYS A 55 59.59 15.95 -14.54
N PRO A 56 59.77 14.90 -15.35
CA PRO A 56 59.09 14.85 -16.66
C PRO A 56 57.62 14.45 -16.55
N PHE A 57 57.21 13.93 -15.40
CA PHE A 57 55.79 13.61 -15.18
C PHE A 57 55.02 14.78 -14.56
N PHE A 58 55.70 15.90 -14.37
CA PHE A 58 55.10 17.09 -13.75
C PHE A 58 53.81 17.54 -14.43
N GLN A 59 53.88 17.78 -15.73
CA GLN A 59 52.73 18.31 -16.44
C GLN A 59 51.54 17.37 -16.38
N GLY A 60 51.82 16.07 -16.40
CA GLY A 60 50.78 15.06 -16.33
C GLY A 60 50.07 15.11 -14.98
N LEU A 61 50.83 15.35 -13.93
CA LEU A 61 50.28 15.51 -12.59
C LEU A 61 49.34 16.71 -12.55
N VAL A 62 49.83 17.83 -13.05
CA VAL A 62 49.05 19.06 -13.09
C VAL A 62 47.75 18.88 -13.89
N ASP A 63 47.85 18.30 -15.10
CA ASP A 63 46.66 18.05 -15.91
C ASP A 63 45.66 17.21 -15.13
N TYR A 64 46.17 16.18 -14.47
CA TYR A 64 45.27 15.22 -13.86
C TYR A 64 44.53 15.81 -12.67
N ILE A 65 45.24 16.52 -11.79
CA ILE A 65 44.59 17.04 -10.60
C ILE A 65 43.52 18.07 -10.93
N ILE A 66 43.61 18.72 -12.09
CA ILE A 66 42.62 19.69 -12.48
C ILE A 66 41.52 19.11 -13.37
N SER A 67 41.61 17.82 -13.70
CA SER A 67 40.59 17.21 -14.56
C SER A 67 39.27 16.91 -13.82
N GLY A 68 39.24 17.14 -12.52
CA GLY A 68 38.03 16.92 -11.73
C GLY A 68 38.16 17.60 -10.38
N PRO A 69 37.07 17.63 -9.61
CA PRO A 69 37.19 18.26 -8.29
C PRO A 69 37.89 17.32 -7.31
N VAL A 70 38.50 17.88 -6.27
CA VAL A 70 39.12 17.08 -5.23
C VAL A 70 38.47 17.42 -3.90
N VAL A 71 38.61 16.52 -2.94
CA VAL A 71 38.18 16.78 -1.58
C VAL A 71 39.39 17.00 -0.69
N ALA A 72 39.61 18.24 -0.28
CA ALA A 72 40.80 18.59 0.51
C ALA A 72 40.40 18.54 1.98
N MET A 73 41.27 17.97 2.80
CA MET A 73 40.95 17.73 4.19
C MET A 73 42.16 17.89 5.10
N VAL A 74 41.91 18.28 6.35
CA VAL A 74 42.94 18.23 7.38
C VAL A 74 42.46 17.33 8.49
N TRP A 75 43.28 16.33 8.84
CA TRP A 75 42.97 15.45 9.97
C TRP A 75 43.98 15.60 11.07
N GLU A 76 43.53 15.48 12.31
CA GLU A 76 44.38 15.68 13.46
C GLU A 76 44.36 14.46 14.37
N GLY A 77 45.53 14.08 14.88
CA GLY A 77 45.63 13.04 15.89
C GLY A 77 47.06 12.58 16.07
N LYS A 78 47.29 11.70 17.05
CA LYS A 78 48.64 11.20 17.30
C LYS A 78 49.18 10.45 16.08
N SER A 79 50.37 10.83 15.64
CA SER A 79 51.04 10.21 14.49
C SER A 79 50.15 10.12 13.27
N VAL A 80 49.31 11.14 13.07
CA VAL A 80 48.34 11.12 11.98
C VAL A 80 49.02 11.14 10.62
N VAL A 81 50.20 11.75 10.53
CA VAL A 81 50.93 11.77 9.25
C VAL A 81 51.33 10.36 8.77
N THR A 82 52.09 9.62 9.59
CA THR A 82 52.52 8.29 9.19
CA THR A 82 52.52 8.28 9.21
C THR A 82 51.34 7.31 9.16
N THR A 83 50.45 7.42 10.14
CA THR A 83 49.27 6.55 10.16
C THR A 83 48.33 6.85 8.99
N GLY A 84 48.15 8.12 8.64
CA GLY A 84 47.42 8.48 7.44
C GLY A 84 47.98 7.76 6.22
N ARG A 85 49.30 7.76 6.09
CA ARG A 85 49.95 7.09 4.97
C ARG A 85 49.76 5.58 5.01
N LYS A 86 49.76 5.03 6.21
CA LYS A 86 49.55 3.59 6.41
C LYS A 86 48.12 3.20 6.01
N ILE A 87 47.16 4.04 6.36
CA ILE A 87 45.77 3.78 6.03
C ILE A 87 45.57 3.83 4.51
N ILE A 88 46.29 4.74 3.86
CA ILE A 88 46.22 4.90 2.41
C ILE A 88 46.85 3.73 1.64
N GLY A 89 47.97 3.22 2.15
CA GLY A 89 48.66 2.10 1.54
C GLY A 89 49.70 2.54 0.51
N ALA A 90 50.44 1.57 -0.04
CA ALA A 90 51.57 1.83 -0.92
C ALA A 90 51.18 2.54 -2.21
N THR A 91 52.08 3.38 -2.71
CA THR A 91 51.84 4.13 -3.94
C THR A 91 51.53 3.20 -5.10
N ASN A 92 52.35 2.16 -5.24
CA ASN A 92 52.21 1.18 -6.31
C ASN A 92 51.21 0.08 -5.97
N PRO A 93 50.23 -0.14 -6.85
CA PRO A 93 49.08 -1.01 -6.57
C PRO A 93 49.48 -2.46 -6.49
N LEU A 94 50.65 -2.78 -7.03
CA LEU A 94 51.16 -4.13 -6.90
C LEU A 94 51.67 -4.36 -5.48
N ALA A 95 51.73 -3.29 -4.70
CA ALA A 95 52.28 -3.37 -3.35
C ALA A 95 51.23 -3.09 -2.27
N SER A 96 50.20 -2.32 -2.62
CA SER A 96 49.18 -1.91 -1.66
C SER A 96 48.51 -3.12 -1.02
N GLU A 97 48.45 -3.13 0.30
CA GLU A 97 47.90 -4.26 1.03
C GLU A 97 46.38 -4.19 1.17
N PRO A 98 45.69 -5.32 0.93
CA PRO A 98 44.25 -5.35 1.20
C PRO A 98 44.01 -4.86 2.63
N GLY A 99 42.94 -4.10 2.80
CA GLY A 99 42.67 -3.46 4.09
C GLY A 99 43.00 -1.98 4.04
N THR A 100 43.91 -1.59 3.14
CA THR A 100 44.20 -0.18 2.96
C THR A 100 43.32 0.39 1.87
N ILE A 101 43.26 1.71 1.78
CA ILE A 101 42.45 2.36 0.77
C ILE A 101 42.87 1.97 -0.66
N ARG A 102 44.15 2.12 -0.97
CA ARG A 102 44.62 1.74 -2.29
CA ARG A 102 44.63 1.73 -2.28
C ARG A 102 44.58 0.21 -2.46
N GLY A 103 44.90 -0.53 -1.39
CA GLY A 103 44.80 -1.98 -1.43
C GLY A 103 43.41 -2.43 -1.84
N ASP A 104 42.39 -1.77 -1.30
CA ASP A 104 41.00 -2.18 -1.54
C ASP A 104 40.41 -1.61 -2.84
N PHE A 105 40.91 -0.47 -3.31
CA PHE A 105 40.21 0.26 -4.38
C PHE A 105 41.00 0.57 -5.65
N ALA A 106 42.33 0.51 -5.59
CA ALA A 106 43.17 0.99 -6.70
C ALA A 106 43.98 -0.10 -7.41
N VAL A 107 44.15 0.05 -8.72
CA VAL A 107 44.91 -0.92 -9.50
C VAL A 107 46.00 -0.27 -10.36
N ASP A 108 45.91 1.05 -10.51
CA ASP A 108 46.84 1.78 -11.37
C ASP A 108 47.51 2.91 -10.59
N ILE A 109 48.83 2.97 -10.69
CA ILE A 109 49.60 3.94 -9.93
C ILE A 109 49.23 5.37 -10.33
N GLY A 110 48.76 5.54 -11.56
CA GLY A 110 48.35 6.85 -12.03
C GLY A 110 46.93 7.19 -11.62
N ARG A 111 46.21 6.24 -11.04
CA ARG A 111 44.86 6.47 -10.56
CA ARG A 111 44.86 6.49 -10.55
C ARG A 111 44.76 5.94 -9.13
N ASN A 112 45.46 6.60 -8.22
CA ASN A 112 45.64 6.04 -6.89
C ASN A 112 44.76 6.65 -5.81
N VAL A 113 43.68 7.29 -6.24
CA VAL A 113 42.52 7.59 -5.38
C VAL A 113 42.71 8.74 -4.39
N ILE A 114 43.88 8.82 -3.76
CA ILE A 114 44.04 9.72 -2.63
C ILE A 114 45.49 10.12 -2.42
N HIS A 115 45.70 11.26 -1.77
CA HIS A 115 47.04 11.71 -1.40
C HIS A 115 47.09 12.02 0.08
N GLY A 116 48.20 11.68 0.71
CA GLY A 116 48.41 12.05 2.11
C GLY A 116 49.81 12.62 2.28
N SER A 117 49.95 13.64 3.12
CA SER A 117 51.26 14.25 3.36
C SER A 117 52.31 13.19 3.68
N ASP A 118 53.51 13.33 3.16
CA ASP A 118 54.53 12.29 3.38
C ASP A 118 55.38 12.55 4.62
N SER A 119 55.28 13.76 5.16
CA SER A 119 55.99 14.09 6.39
C SER A 119 55.34 15.28 7.06
N ILE A 120 55.75 15.53 8.30
CA ILE A 120 55.25 16.67 9.06
C ILE A 120 55.56 17.99 8.35
N GLU A 121 56.75 18.09 7.77
CA GLU A 121 57.13 19.30 7.04
CA GLU A 121 57.15 19.29 7.03
C GLU A 121 56.24 19.49 5.83
N SER A 122 56.03 18.41 5.07
CA SER A 122 55.15 18.45 3.91
C SER A 122 53.72 18.79 4.32
N ALA A 123 53.27 18.21 5.44
CA ALA A 123 51.92 18.46 5.93
C ALA A 123 51.73 19.94 6.17
N ASN A 124 52.65 20.51 6.94
CA ASN A 124 52.56 21.93 7.31
C ASN A 124 52.49 22.82 6.08
N LYS A 125 53.32 22.52 5.10
CA LYS A 125 53.32 23.24 3.83
C LYS A 125 51.99 23.06 3.10
N GLU A 126 51.52 21.84 2.97
CA GLU A 126 50.28 21.57 2.24
C GLU A 126 49.09 22.25 2.92
N ILE A 127 49.04 22.18 4.24
CA ILE A 127 47.95 22.78 5.01
C ILE A 127 47.93 24.29 4.82
N ALA A 128 49.09 24.92 4.92
CA ALA A 128 49.21 26.36 4.69
C ALA A 128 48.76 26.75 3.27
N LEU A 129 49.10 25.94 2.27
CA LEU A 129 48.72 26.23 0.89
C LEU A 129 47.23 26.02 0.62
N TRP A 130 46.69 24.89 1.08
CA TRP A 130 45.31 24.53 0.80
C TRP A 130 44.29 25.16 1.76
N PHE A 131 44.73 25.47 2.98
CA PHE A 131 43.84 26.03 3.99
C PHE A 131 44.40 27.27 4.69
N PRO A 132 44.77 28.31 3.91
CA PRO A 132 45.27 29.52 4.57
C PRO A 132 44.20 30.14 5.45
N GLU A 133 42.93 29.84 5.18
CA GLU A 133 41.84 30.36 6.01
C GLU A 133 41.78 29.69 7.39
N GLY A 134 42.61 28.67 7.58
CA GLY A 134 42.68 27.95 8.84
C GLY A 134 41.67 26.82 8.95
N LEU A 135 41.47 26.34 10.17
CA LEU A 135 40.72 25.13 10.44
C LEU A 135 39.45 25.43 11.21
N ALA A 136 38.53 24.48 11.21
CA ALA A 136 37.38 24.57 12.09
C ALA A 136 37.74 23.81 13.37
N ASP A 137 37.60 24.44 14.52
CA ASP A 137 37.97 23.71 15.74
C ASP A 137 36.79 23.15 16.52
N TRP A 138 37.05 22.06 17.22
CA TRP A 138 36.08 21.40 18.09
C TRP A 138 36.84 20.38 18.93
N GLN A 139 36.19 19.89 19.98
CA GLN A 139 36.75 18.86 20.82
C GLN A 139 35.80 17.67 20.82
N SER A 140 36.33 16.48 20.56
CA SER A 140 35.50 15.29 20.50
C SER A 140 35.16 14.78 21.90
N SER A 141 33.89 14.47 22.11
CA SER A 141 33.45 13.84 23.36
C SER A 141 34.12 12.49 23.62
N GLN A 142 34.65 11.87 22.55
CA GLN A 142 35.32 10.57 22.63
C GLN A 142 36.81 10.65 22.98
N HIS A 143 37.35 11.86 23.07
CA HIS A 143 38.78 12.02 23.34
C HIS A 143 39.33 11.12 24.46
N PRO A 144 38.63 11.03 25.60
CA PRO A 144 39.24 10.28 26.70
C PRO A 144 39.17 8.76 26.53
N TRP A 145 38.45 8.29 25.52
CA TRP A 145 38.41 6.86 25.23
C TRP A 145 39.27 6.52 24.02
N ILE A 146 39.66 7.54 23.27
CA ILE A 146 40.60 7.37 22.17
C ILE A 146 42.03 7.50 22.67
N TYR A 147 42.25 8.39 23.63
CA TYR A 147 43.59 8.70 24.15
C TYR A 147 43.67 8.49 25.66
N GLU A 148 44.80 8.00 26.12
CA GLU A 148 45.07 7.92 27.55
C GLU A 148 45.71 9.22 27.97
N LYS A 149 45.11 9.89 28.95
CA LYS A 149 45.63 11.16 29.45
C LYS A 149 45.54 12.22 28.36
N MET B 1 -47.21 16.76 -23.70
CA MET B 1 -48.41 17.18 -22.98
C MET B 1 -49.47 16.08 -22.84
N GLU B 2 -49.30 15.00 -23.59
CA GLU B 2 -50.06 13.77 -23.35
C GLU B 2 -49.97 13.34 -21.87
N SER B 3 -51.04 12.77 -21.34
CA SER B 3 -51.03 12.37 -19.93
C SER B 3 -51.60 10.98 -19.76
N THR B 4 -51.26 10.32 -18.66
CA THR B 4 -51.71 8.95 -18.43
C THR B 4 -51.99 8.71 -16.96
N PHE B 5 -52.84 7.73 -16.66
CA PHE B 5 -53.17 7.41 -15.28
C PHE B 5 -52.31 6.23 -14.82
N ILE B 6 -51.59 6.41 -13.72
CA ILE B 6 -50.79 5.31 -13.18
C ILE B 6 -51.24 5.07 -11.74
N MET B 7 -51.51 3.81 -11.41
CA MET B 7 -51.98 3.47 -10.07
C MET B 7 -51.12 2.39 -9.41
N ILE B 8 -50.62 2.69 -8.21
CA ILE B 8 -49.91 1.69 -7.44
C ILE B 8 -50.94 0.92 -6.63
N LYS B 9 -50.99 -0.38 -6.87
CA LYS B 9 -52.02 -1.22 -6.29
C LYS B 9 -51.76 -1.52 -4.81
N PRO B 10 -52.75 -2.09 -4.12
CA PRO B 10 -52.55 -2.29 -2.68
C PRO B 10 -51.27 -3.06 -2.34
N ASP B 11 -50.86 -4.02 -3.17
CA ASP B 11 -49.63 -4.75 -2.91
C ASP B 11 -48.40 -3.87 -3.06
N GLY B 12 -48.46 -2.86 -3.93
CA GLY B 12 -47.37 -1.93 -4.12
C GLY B 12 -47.10 -1.11 -2.87
N VAL B 13 -48.19 -0.68 -2.23
CA VAL B 13 -48.10 0.08 -0.99
C VAL B 13 -47.55 -0.79 0.15
N GLN B 14 -48.15 -1.96 0.35
CA GLN B 14 -47.72 -2.87 1.42
C GLN B 14 -46.25 -3.24 1.32
N ARG B 15 -45.77 -3.44 0.09
CA ARG B 15 -44.40 -3.87 -0.14
CA ARG B 15 -44.40 -3.89 -0.11
C ARG B 15 -43.39 -2.75 -0.11
N GLY B 16 -43.87 -1.53 0.16
CA GLY B 16 -42.98 -0.38 0.32
C GLY B 16 -42.31 0.11 -0.95
N LEU B 17 -43.04 0.10 -2.06
CA LEU B 17 -42.49 0.43 -3.37
C LEU B 17 -42.95 1.78 -3.90
N ILE B 18 -43.63 2.56 -3.07
CA ILE B 18 -44.17 3.83 -3.54
C ILE B 18 -43.08 4.78 -4.08
N GLY B 19 -42.08 5.09 -3.26
CA GLY B 19 -41.03 6.01 -3.66
C GLY B 19 -40.23 5.48 -4.83
N GLU B 20 -39.99 4.18 -4.84
CA GLU B 20 -39.22 3.57 -5.91
CA GLU B 20 -39.22 3.57 -5.91
C GLU B 20 -39.93 3.71 -7.24
N ILE B 21 -41.24 3.54 -7.23
CA ILE B 21 -42.05 3.65 -8.45
C ILE B 21 -42.08 5.09 -8.94
N ILE B 22 -42.31 6.04 -8.04
CA ILE B 22 -42.38 7.43 -8.42
C ILE B 22 -41.03 7.88 -8.96
N SER B 23 -39.96 7.45 -8.30
CA SER B 23 -38.59 7.74 -8.74
C SER B 23 -38.33 7.31 -10.17
N ARG B 24 -38.83 6.14 -10.56
CA ARG B 24 -38.59 5.68 -11.92
C ARG B 24 -39.20 6.59 -12.98
N PHE B 25 -40.40 7.10 -12.72
CA PHE B 25 -41.05 8.04 -13.62
C PHE B 25 -40.41 9.41 -13.61
N GLU B 26 -40.04 9.91 -12.43
CA GLU B 26 -39.27 11.16 -12.30
C GLU B 26 -37.96 11.12 -13.08
N LYS B 27 -37.20 10.03 -12.95
CA LYS B 27 -35.89 9.97 -13.59
C LYS B 27 -36.00 9.87 -15.12
N LYS B 28 -37.10 9.31 -15.58
CA LYS B 28 -37.34 9.13 -17.01
C LYS B 28 -37.55 10.48 -17.70
N GLY B 29 -37.96 11.48 -16.92
CA GLY B 29 -38.21 12.80 -17.44
C GLY B 29 -39.69 13.17 -17.45
N PHE B 30 -40.55 12.30 -16.89
CA PHE B 30 -41.99 12.57 -16.94
C PHE B 30 -42.39 13.51 -15.81
N TYR B 31 -43.55 14.16 -15.95
CA TYR B 31 -43.97 15.19 -15.02
C TYR B 31 -45.16 14.71 -14.20
N LEU B 32 -45.03 14.75 -12.88
CA LEU B 32 -46.12 14.28 -12.02
C LEU B 32 -47.12 15.42 -11.86
N LYS B 33 -48.36 15.20 -12.30
CA LYS B 33 -49.36 16.26 -12.31
C LYS B 33 -50.47 16.04 -11.27
N ALA B 34 -50.58 14.82 -10.76
CA ALA B 34 -51.57 14.51 -9.73
C ALA B 34 -51.10 13.34 -8.90
N LEU B 35 -51.39 13.35 -7.62
CA LEU B 35 -50.93 12.29 -6.75
C LEU B 35 -51.82 12.23 -5.52
N LYS B 36 -52.33 11.05 -5.17
CA LYS B 36 -52.99 10.87 -3.89
C LYS B 36 -53.02 9.44 -3.37
N LEU B 37 -53.01 9.32 -2.05
CA LEU B 37 -53.20 8.04 -1.38
C LEU B 37 -54.70 7.94 -1.05
N VAL B 38 -55.34 6.84 -1.43
CA VAL B 38 -56.79 6.72 -1.28
C VAL B 38 -57.22 5.30 -0.90
N ASN B 39 -58.19 5.21 0.01
CA ASN B 39 -58.90 3.98 0.28
C ASN B 39 -60.12 3.95 -0.63
N VAL B 40 -60.09 3.09 -1.64
CA VAL B 40 -61.13 3.09 -2.68
C VAL B 40 -62.48 2.53 -2.21
N GLU B 41 -63.56 3.21 -2.63
CA GLU B 41 -64.93 2.78 -2.32
C GLU B 41 -65.47 1.83 -3.38
N ARG B 42 -66.35 0.92 -2.98
CA ARG B 42 -66.84 -0.15 -3.86
CA ARG B 42 -66.79 -0.15 -3.87
C ARG B 42 -67.44 0.31 -5.17
N SER B 43 -68.42 1.20 -5.09
CA SER B 43 -69.12 1.64 -6.29
C SER B 43 -68.15 2.37 -7.21
N PHE B 44 -67.17 3.03 -6.61
CA PHE B 44 -66.13 3.70 -7.38
C PHE B 44 -65.28 2.66 -8.11
N ALA B 45 -64.94 1.58 -7.41
CA ALA B 45 -64.13 0.51 -8.00
C ALA B 45 -64.85 -0.13 -9.19
N GLU B 46 -66.16 -0.30 -9.05
CA GLU B 46 -67.01 -0.85 -10.10
C GLU B 46 -66.94 0.00 -11.37
N LYS B 47 -66.91 1.32 -11.19
CA LYS B 47 -66.81 2.23 -12.33
C LYS B 47 -65.43 2.10 -12.95
N HIS B 48 -64.40 2.07 -12.11
CA HIS B 48 -63.04 1.94 -12.62
C HIS B 48 -62.90 0.73 -13.54
N TYR B 49 -63.44 -0.40 -13.10
CA TYR B 49 -63.38 -1.64 -13.89
C TYR B 49 -64.63 -1.86 -14.75
N ALA B 50 -65.32 -0.78 -15.09
CA ALA B 50 -66.59 -0.90 -15.82
C ALA B 50 -66.45 -1.70 -17.11
N ASP B 51 -65.35 -1.53 -17.82
CA ASP B 51 -65.11 -2.24 -19.08
C ASP B 51 -65.09 -3.75 -18.92
N LEU B 52 -64.95 -4.23 -17.69
CA LEU B 52 -64.86 -5.66 -17.44
C LEU B 52 -66.08 -6.16 -16.65
N ALA B 53 -67.09 -5.31 -16.53
CA ALA B 53 -68.25 -5.57 -15.69
C ALA B 53 -68.96 -6.90 -16.01
N SER B 54 -68.78 -7.38 -17.22
CA SER B 54 -69.38 -8.66 -17.60
C SER B 54 -68.33 -9.75 -17.74
N LYS B 55 -67.17 -9.53 -17.13
CA LYS B 55 -66.18 -10.60 -17.02
C LYS B 55 -66.43 -11.35 -15.73
N PRO B 56 -66.09 -12.65 -15.71
CA PRO B 56 -66.29 -13.47 -14.51
C PRO B 56 -65.31 -13.11 -13.38
N PHE B 57 -64.19 -12.48 -13.71
CA PHE B 57 -63.22 -12.07 -12.69
C PHE B 57 -63.43 -10.62 -12.25
N PHE B 58 -64.50 -10.01 -12.74
CA PHE B 58 -64.80 -8.62 -12.46
C PHE B 58 -64.89 -8.35 -10.96
N GLN B 59 -65.66 -9.17 -10.25
CA GLN B 59 -65.87 -8.98 -8.82
CA GLN B 59 -65.87 -8.93 -8.82
C GLN B 59 -64.59 -9.16 -8.01
N GLY B 60 -63.73 -10.06 -8.45
CA GLY B 60 -62.46 -10.29 -7.78
C GLY B 60 -61.54 -9.07 -7.87
N LEU B 61 -61.55 -8.43 -9.04
CA LEU B 61 -60.81 -7.20 -9.25
C LEU B 61 -61.30 -6.09 -8.30
N VAL B 62 -62.62 -5.97 -8.19
CA VAL B 62 -63.23 -4.95 -7.35
C VAL B 62 -62.94 -5.22 -5.89
N ASP B 63 -63.08 -6.46 -5.46
CA ASP B 63 -62.85 -6.80 -4.07
C ASP B 63 -61.42 -6.43 -3.69
N TYR B 64 -60.48 -6.77 -4.57
CA TYR B 64 -59.08 -6.59 -4.23
C TYR B 64 -58.67 -5.13 -4.17
N ILE B 65 -59.12 -4.35 -5.14
CA ILE B 65 -58.70 -2.95 -5.20
C ILE B 65 -59.20 -2.11 -4.02
N ILE B 66 -60.25 -2.56 -3.33
CA ILE B 66 -60.70 -1.87 -2.13
C ILE B 66 -60.22 -2.49 -0.83
N SER B 67 -59.33 -3.48 -0.91
CA SER B 67 -58.86 -4.19 0.28
C SER B 67 -57.69 -3.48 0.95
N GLY B 68 -57.11 -2.50 0.25
CA GLY B 68 -56.01 -1.73 0.81
C GLY B 68 -55.87 -0.43 0.05
N PRO B 69 -55.18 0.54 0.65
CA PRO B 69 -55.11 1.83 -0.05
C PRO B 69 -54.23 1.77 -1.29
N VAL B 70 -54.49 2.65 -2.25
CA VAL B 70 -53.74 2.71 -3.49
C VAL B 70 -53.18 4.11 -3.65
N VAL B 71 -52.16 4.24 -4.50
CA VAL B 71 -51.66 5.56 -4.87
C VAL B 71 -52.05 5.87 -6.30
N ALA B 72 -52.85 6.92 -6.47
CA ALA B 72 -53.33 7.32 -7.78
C ALA B 72 -52.50 8.49 -8.26
N MET B 73 -52.08 8.43 -9.52
CA MET B 73 -51.18 9.43 -10.10
C MET B 73 -51.55 9.75 -11.54
N VAL B 74 -51.25 10.98 -11.94
CA VAL B 74 -51.26 11.35 -13.36
C VAL B 74 -49.85 11.79 -13.75
N TRP B 75 -49.33 11.24 -14.83
CA TRP B 75 -48.02 11.64 -15.34
C TRP B 75 -48.17 12.23 -16.73
N GLU B 76 -47.38 13.26 -17.04
CA GLU B 76 -47.46 13.92 -18.32
C GLU B 76 -46.12 13.90 -19.05
N GLY B 77 -46.17 13.78 -20.37
CA GLY B 77 -44.98 13.80 -21.22
C GLY B 77 -45.22 13.15 -22.57
N LYS B 78 -44.23 13.29 -23.45
CA LYS B 78 -44.35 12.74 -24.80
C LYS B 78 -44.49 11.23 -24.75
N SER B 79 -45.56 10.72 -25.37
CA SER B 79 -45.83 9.27 -25.41
C SER B 79 -45.88 8.63 -24.03
N VAL B 80 -46.29 9.39 -23.02
CA VAL B 80 -46.28 8.86 -21.66
C VAL B 80 -47.19 7.65 -21.49
N VAL B 81 -48.27 7.57 -22.26
CA VAL B 81 -49.15 6.40 -22.20
C VAL B 81 -48.45 5.08 -22.55
N THR B 82 -47.89 4.98 -23.74
CA THR B 82 -47.26 3.72 -24.15
CA THR B 82 -47.23 3.74 -24.16
C THR B 82 -45.93 3.50 -23.42
N THR B 83 -45.22 4.58 -23.14
CA THR B 83 -43.93 4.46 -22.46
C THR B 83 -44.13 4.11 -20.98
N GLY B 84 -45.25 4.58 -20.43
CA GLY B 84 -45.63 4.20 -19.08
C GLY B 84 -45.81 2.70 -19.00
N ARG B 85 -46.50 2.13 -19.99
CA ARG B 85 -46.71 0.69 -20.01
CA ARG B 85 -46.70 0.69 -20.03
C ARG B 85 -45.39 -0.05 -20.24
N LYS B 86 -44.49 0.53 -21.03
CA LYS B 86 -43.17 -0.07 -21.24
C LYS B 86 -42.35 -0.11 -19.94
N ILE B 87 -42.36 1.00 -19.20
CA ILE B 87 -41.69 1.06 -17.90
C ILE B 87 -42.27 0.05 -16.90
N ILE B 88 -43.59 -0.09 -16.93
CA ILE B 88 -44.29 -1.01 -16.05
C ILE B 88 -43.97 -2.47 -16.41
N GLY B 89 -43.98 -2.78 -17.70
CA GLY B 89 -43.63 -4.12 -18.15
C GLY B 89 -44.82 -5.02 -18.37
N ALA B 90 -44.55 -6.22 -18.88
CA ALA B 90 -45.58 -7.15 -19.30
C ALA B 90 -46.56 -7.45 -18.17
N THR B 91 -47.80 -7.71 -18.55
CA THR B 91 -48.88 -7.96 -17.60
C THR B 91 -48.60 -9.18 -16.73
N ASN B 92 -48.23 -10.28 -17.36
CA ASN B 92 -47.83 -11.45 -16.61
C ASN B 92 -46.39 -11.33 -16.18
N PRO B 93 -46.14 -11.25 -14.85
CA PRO B 93 -44.78 -11.11 -14.32
C PRO B 93 -43.83 -12.22 -14.79
N LEU B 94 -44.37 -13.30 -15.31
CA LEU B 94 -43.57 -14.35 -15.90
C LEU B 94 -42.84 -13.88 -17.16
N ALA B 95 -43.39 -12.86 -17.82
CA ALA B 95 -42.81 -12.36 -19.07
C ALA B 95 -42.22 -10.97 -18.93
N SER B 96 -42.34 -10.35 -17.77
CA SER B 96 -41.85 -8.98 -17.63
C SER B 96 -40.33 -8.99 -17.56
N GLU B 97 -39.71 -8.12 -18.35
CA GLU B 97 -38.25 -8.05 -18.43
C GLU B 97 -37.67 -7.34 -17.21
N PRO B 98 -36.55 -7.87 -16.68
CA PRO B 98 -35.81 -7.11 -15.67
C PRO B 98 -35.52 -5.71 -16.17
N GLY B 99 -35.52 -4.73 -15.28
CA GLY B 99 -35.43 -3.34 -15.70
C GLY B 99 -36.79 -2.66 -15.68
N THR B 100 -37.87 -3.43 -15.87
CA THR B 100 -39.20 -2.87 -15.78
C THR B 100 -39.69 -3.01 -14.33
N ILE B 101 -40.75 -2.30 -13.98
CA ILE B 101 -41.27 -2.36 -12.61
C ILE B 101 -41.73 -3.78 -12.22
N ARG B 102 -42.58 -4.38 -13.03
CA ARG B 102 -43.06 -5.73 -12.75
CA ARG B 102 -43.06 -5.73 -12.75
C ARG B 102 -41.93 -6.77 -12.88
N GLY B 103 -41.00 -6.53 -13.80
CA GLY B 103 -39.87 -7.42 -13.96
C GLY B 103 -38.97 -7.44 -12.74
N ASP B 104 -38.77 -6.27 -12.13
CA ASP B 104 -37.94 -6.18 -10.93
C ASP B 104 -38.69 -6.61 -9.64
N PHE B 105 -40.00 -6.41 -9.61
CA PHE B 105 -40.74 -6.52 -8.35
C PHE B 105 -41.85 -7.56 -8.25
N ALA B 106 -42.38 -8.04 -9.37
CA ALA B 106 -43.60 -8.87 -9.33
C ALA B 106 -43.40 -10.31 -9.76
N VAL B 107 -44.14 -11.21 -9.12
CA VAL B 107 -44.03 -12.64 -9.45
CA VAL B 107 -44.04 -12.63 -9.47
C VAL B 107 -45.39 -13.24 -9.80
N ASP B 108 -46.46 -12.62 -9.33
CA ASP B 108 -47.80 -13.15 -9.54
C ASP B 108 -48.66 -12.15 -10.32
N ILE B 109 -49.35 -12.62 -11.36
CA ILE B 109 -50.20 -11.72 -12.14
C ILE B 109 -51.31 -11.05 -11.31
N GLY B 110 -51.78 -11.72 -10.27
CA GLY B 110 -52.80 -11.18 -9.39
C GLY B 110 -52.23 -10.17 -8.40
N ARG B 111 -50.91 -10.12 -8.34
CA ARG B 111 -50.20 -9.18 -7.49
CA ARG B 111 -50.21 -9.17 -7.46
C ARG B 111 -49.13 -8.48 -8.31
N ASN B 112 -49.58 -7.70 -9.28
CA ASN B 112 -48.66 -7.08 -10.23
C ASN B 112 -48.32 -5.62 -9.97
N VAL B 113 -48.52 -5.20 -8.72
CA VAL B 113 -47.91 -3.99 -8.18
C VAL B 113 -48.48 -2.65 -8.67
N ILE B 114 -48.80 -2.58 -9.95
CA ILE B 114 -49.06 -1.28 -10.55
C ILE B 114 -49.97 -1.41 -11.80
N HIS B 115 -50.65 -0.32 -12.14
CA HIS B 115 -51.52 -0.25 -13.32
C HIS B 115 -51.23 1.01 -14.09
N GLY B 116 -51.16 0.91 -15.41
CA GLY B 116 -51.12 2.09 -16.26
C GLY B 116 -52.15 2.04 -17.38
N SER B 117 -52.68 3.20 -17.76
CA SER B 117 -53.66 3.26 -18.84
C SER B 117 -53.17 2.51 -20.08
N ASP B 118 -54.06 1.71 -20.66
CA ASP B 118 -53.70 0.94 -21.85
C ASP B 118 -53.77 1.76 -23.15
N SER B 119 -54.36 2.95 -23.09
CA SER B 119 -54.48 3.79 -24.28
C SER B 119 -54.78 5.22 -23.88
N ILE B 120 -54.67 6.13 -24.83
CA ILE B 120 -55.03 7.53 -24.59
C ILE B 120 -56.50 7.67 -24.15
N GLU B 121 -57.39 6.96 -24.83
CA GLU B 121 -58.82 7.02 -24.52
C GLU B 121 -59.09 6.54 -23.09
N SER B 122 -58.51 5.41 -22.73
CA SER B 122 -58.63 4.92 -21.35
C SER B 122 -58.04 5.89 -20.35
N ALA B 123 -56.92 6.51 -20.69
CA ALA B 123 -56.27 7.46 -19.78
C ALA B 123 -57.19 8.65 -19.49
N ASN B 124 -57.78 9.20 -20.54
CA ASN B 124 -58.68 10.34 -20.36
C ASN B 124 -59.86 9.98 -19.46
N LYS B 125 -60.41 8.79 -19.66
CA LYS B 125 -61.45 8.24 -18.80
C LYS B 125 -60.99 8.11 -17.36
N GLU B 126 -59.88 7.43 -17.17
CA GLU B 126 -59.38 7.18 -15.82
C GLU B 126 -59.06 8.48 -15.11
N ILE B 127 -58.51 9.44 -15.84
CA ILE B 127 -58.17 10.74 -15.25
C ILE B 127 -59.42 11.51 -14.82
N ALA B 128 -60.47 11.45 -15.63
CA ALA B 128 -61.73 12.12 -15.30
C ALA B 128 -62.38 11.51 -14.05
N LEU B 129 -62.18 10.21 -13.86
CA LEU B 129 -62.79 9.49 -12.75
C LEU B 129 -62.02 9.68 -11.45
N TRP B 130 -60.69 9.55 -11.51
CA TRP B 130 -59.86 9.56 -10.32
C TRP B 130 -59.49 10.96 -9.87
N PHE B 131 -59.29 11.85 -10.83
CA PHE B 131 -58.98 13.23 -10.53
C PHE B 131 -59.95 14.19 -11.22
N PRO B 132 -61.24 14.11 -10.89
CA PRO B 132 -62.22 15.05 -11.44
C PRO B 132 -61.88 16.49 -11.06
N GLU B 133 -61.20 16.70 -9.94
CA GLU B 133 -60.81 18.05 -9.53
C GLU B 133 -59.70 18.66 -10.39
N GLY B 134 -59.12 17.87 -11.29
CA GLY B 134 -58.06 18.39 -12.16
C GLY B 134 -56.68 18.12 -11.61
N LEU B 135 -55.68 18.76 -12.22
CA LEU B 135 -54.29 18.46 -11.90
C LEU B 135 -53.61 19.65 -11.24
N ALA B 136 -52.48 19.40 -10.59
CA ALA B 136 -51.68 20.48 -10.01
C ALA B 136 -50.72 20.98 -11.09
N ASP B 137 -50.89 22.22 -11.51
CA ASP B 137 -50.11 22.74 -12.63
C ASP B 137 -48.74 23.26 -12.21
N TRP B 138 -47.74 22.96 -13.04
CA TRP B 138 -46.40 23.51 -12.86
C TRP B 138 -45.60 23.29 -14.15
N GLN B 139 -44.52 24.04 -14.33
CA GLN B 139 -43.63 23.85 -15.46
C GLN B 139 -42.24 23.49 -14.97
N SER B 140 -41.68 22.41 -15.50
CA SER B 140 -40.36 21.98 -15.08
C SER B 140 -39.27 22.88 -15.64
N SER B 141 -38.38 23.34 -14.77
CA SER B 141 -37.19 24.06 -15.23
C SER B 141 -36.25 23.18 -16.07
N GLN B 142 -36.49 21.87 -16.07
CA GLN B 142 -35.69 20.94 -16.88
C GLN B 142 -36.22 20.75 -18.31
N HIS B 143 -37.33 21.41 -18.62
CA HIS B 143 -38.02 21.17 -19.88
C HIS B 143 -37.13 21.32 -21.13
N PRO B 144 -36.33 22.39 -21.19
CA PRO B 144 -35.48 22.54 -22.38
C PRO B 144 -34.37 21.47 -22.52
N TRP B 145 -34.13 20.68 -21.46
CA TRP B 145 -33.10 19.63 -21.53
C TRP B 145 -33.71 18.23 -21.68
N ILE B 146 -34.99 18.13 -21.33
CA ILE B 146 -35.74 16.91 -21.56
C ILE B 146 -36.30 16.90 -22.98
N TYR B 147 -36.69 18.08 -23.49
CA TYR B 147 -37.38 18.18 -24.78
C TYR B 147 -36.68 19.13 -25.74
N GLU B 148 -36.66 18.77 -27.01
CA GLU B 148 -36.10 19.63 -28.03
C GLU B 148 -37.14 20.66 -28.44
N LYS B 149 -36.76 21.93 -28.39
CA LYS B 149 -37.68 23.03 -28.72
C LYS B 149 -38.77 23.16 -27.65
N MET C 1 10.64 -23.97 -1.42
CA MET C 1 10.99 -24.55 -2.72
C MET C 1 10.45 -23.73 -3.89
N GLU C 2 9.61 -22.76 -3.60
CA GLU C 2 9.25 -21.76 -4.61
C GLU C 2 10.53 -21.14 -5.18
N SER C 3 10.50 -20.76 -6.45
CA SER C 3 11.67 -20.17 -7.07
C SER C 3 11.31 -18.93 -7.88
N THR C 4 12.25 -17.99 -7.98
CA THR C 4 12.00 -16.77 -8.75
C THR C 4 13.18 -16.39 -9.63
N PHE C 5 12.89 -15.60 -10.66
CA PHE C 5 13.94 -15.14 -11.57
C PHE C 5 14.35 -13.72 -11.23
N ILE C 6 15.63 -13.55 -10.88
CA ILE C 6 16.20 -12.23 -10.61
C ILE C 6 17.28 -11.91 -11.64
N MET C 7 17.17 -10.75 -12.28
CA MET C 7 18.17 -10.33 -13.24
C MET C 7 18.75 -8.98 -12.89
N ILE C 8 20.08 -8.92 -12.79
CA ILE C 8 20.76 -7.65 -12.64
C ILE C 8 20.93 -7.03 -14.00
N LYS C 9 20.43 -5.81 -14.16
CA LYS C 9 20.41 -5.15 -15.47
C LYS C 9 21.76 -4.55 -15.83
N PRO C 10 21.94 -4.14 -17.10
CA PRO C 10 23.25 -3.64 -17.50
C PRO C 10 23.78 -2.51 -16.61
N ASP C 11 22.90 -1.64 -16.13
CA ASP C 11 23.35 -0.56 -15.25
C ASP C 11 23.85 -1.08 -13.90
N GLY C 12 23.28 -2.18 -13.43
CA GLY C 12 23.70 -2.78 -12.17
C GLY C 12 25.12 -3.33 -12.30
N VAL C 13 25.44 -3.88 -13.47
CA VAL C 13 26.78 -4.36 -13.75
C VAL C 13 27.78 -3.21 -13.83
N GLN C 14 27.43 -2.19 -14.59
CA GLN C 14 28.31 -1.04 -14.80
C GLN C 14 28.59 -0.30 -13.51
N ARG C 15 27.61 -0.24 -12.61
CA ARG C 15 27.78 0.51 -11.36
CA ARG C 15 27.76 0.51 -11.35
C ARG C 15 28.31 -0.34 -10.22
N GLY C 16 28.78 -1.54 -10.55
CA GLY C 16 29.49 -2.37 -9.59
C GLY C 16 28.65 -2.84 -8.42
N LEU C 17 27.41 -3.23 -8.70
CA LEU C 17 26.47 -3.62 -7.66
C LEU C 17 26.19 -5.11 -7.63
N ILE C 18 26.91 -5.89 -8.43
CA ILE C 18 26.62 -7.31 -8.55
C ILE C 18 26.71 -8.02 -7.19
N GLY C 19 27.87 -7.93 -6.56
CA GLY C 19 28.05 -8.53 -5.25
C GLY C 19 27.05 -8.07 -4.20
N GLU C 20 26.80 -6.76 -4.15
CA GLU C 20 25.92 -6.18 -3.16
CA GLU C 20 25.93 -6.19 -3.14
C GLU C 20 24.53 -6.79 -3.27
N ILE C 21 24.04 -6.86 -4.51
CA ILE C 21 22.72 -7.41 -4.79
C ILE C 21 22.65 -8.88 -4.35
N ILE C 22 23.62 -9.69 -4.78
CA ILE C 22 23.65 -11.10 -4.39
C ILE C 22 23.65 -11.26 -2.87
N SER C 23 24.40 -10.40 -2.18
CA SER C 23 24.51 -10.45 -0.73
C SER C 23 23.17 -10.22 -0.03
N ARG C 24 22.36 -9.30 -0.55
CA ARG C 24 21.05 -9.07 0.03
C ARG C 24 20.24 -10.35 0.02
N PHE C 25 20.29 -11.06 -1.10
CA PHE C 25 19.52 -12.29 -1.24
C PHE C 25 20.10 -13.43 -0.39
N GLU C 26 21.42 -13.55 -0.36
CA GLU C 26 22.09 -14.51 0.51
C GLU C 26 21.79 -14.30 2.00
N LYS C 27 21.90 -13.06 2.45
CA LYS C 27 21.75 -12.79 3.88
C LYS C 27 20.29 -12.96 4.30
N LYS C 28 19.38 -12.76 3.36
CA LYS C 28 17.96 -12.96 3.60
C LYS C 28 17.65 -14.43 3.89
N GLY C 29 18.45 -15.33 3.35
CA GLY C 29 18.26 -16.75 3.61
C GLY C 29 17.87 -17.52 2.36
N PHE C 30 17.74 -16.83 1.24
CA PHE C 30 17.37 -17.48 -0.01
C PHE C 30 18.54 -18.25 -0.65
N TYR C 31 18.20 -19.24 -1.47
CA TYR C 31 19.20 -20.11 -2.08
C TYR C 31 19.39 -19.80 -3.56
N LEU C 32 20.62 -19.44 -3.93
CA LEU C 32 20.93 -19.24 -5.33
C LEU C 32 21.06 -20.59 -6.02
N LYS C 33 20.24 -20.83 -7.04
CA LYS C 33 20.21 -22.13 -7.71
C LYS C 33 20.65 -22.06 -9.17
N ALA C 34 20.80 -20.84 -9.69
CA ALA C 34 21.35 -20.63 -11.03
C ALA C 34 21.92 -19.22 -11.15
N LEU C 35 22.96 -19.09 -11.96
CA LEU C 35 23.70 -17.84 -12.07
C LEU C 35 24.56 -17.83 -13.33
N LYS C 36 24.47 -16.75 -14.10
CA LYS C 36 25.36 -16.57 -15.22
C LYS C 36 25.41 -15.12 -15.65
N LEU C 37 26.61 -14.67 -16.00
CA LEU C 37 26.82 -13.39 -16.64
CA LEU C 37 26.78 -13.37 -16.63
C LEU C 37 26.66 -13.60 -18.14
N VAL C 38 25.77 -12.85 -18.78
CA VAL C 38 25.45 -13.09 -20.18
CA VAL C 38 25.46 -13.08 -20.19
C VAL C 38 25.19 -11.81 -20.98
N ASN C 39 25.61 -11.82 -22.25
CA ASN C 39 25.23 -10.78 -23.21
C ASN C 39 24.03 -11.34 -23.97
N VAL C 40 22.95 -10.60 -23.97
CA VAL C 40 21.72 -11.04 -24.59
C VAL C 40 21.65 -10.47 -25.99
N GLU C 41 21.13 -11.25 -26.94
CA GLU C 41 20.89 -10.77 -28.29
C GLU C 41 19.41 -10.41 -28.47
N ARG C 42 19.10 -9.67 -29.53
CA ARG C 42 17.76 -9.17 -29.77
C ARG C 42 16.66 -10.23 -29.71
N SER C 43 16.86 -11.34 -30.40
CA SER C 43 15.79 -12.32 -30.54
C SER C 43 15.38 -12.88 -29.19
N PHE C 44 16.38 -13.16 -28.34
CA PHE C 44 16.10 -13.59 -26.98
C PHE C 44 15.44 -12.47 -26.19
N ALA C 45 16.00 -11.27 -26.27
CA ALA C 45 15.44 -10.08 -25.63
C ALA C 45 13.95 -9.90 -25.96
N GLU C 46 13.62 -10.07 -27.23
CA GLU C 46 12.25 -9.96 -27.71
C GLU C 46 11.32 -10.99 -27.07
N LYS C 47 11.84 -12.19 -26.83
CA LYS C 47 11.06 -13.20 -26.12
C LYS C 47 10.87 -12.86 -24.65
N HIS C 48 11.91 -12.34 -24.00
CA HIS C 48 11.82 -11.98 -22.59
C HIS C 48 10.77 -10.88 -22.40
N TYR C 49 10.76 -9.91 -23.30
CA TYR C 49 9.83 -8.79 -23.23
C TYR C 49 8.54 -9.04 -24.03
N ALA C 50 8.26 -10.31 -24.32
CA ALA C 50 7.17 -10.66 -25.24
C ALA C 50 5.84 -10.03 -24.84
N ASP C 51 5.55 -9.99 -23.54
CA ASP C 51 4.30 -9.43 -23.07
C ASP C 51 4.10 -8.00 -23.55
N LEU C 52 5.20 -7.33 -23.88
CA LEU C 52 5.16 -5.90 -24.17
C LEU C 52 5.40 -5.58 -25.64
N ALA C 53 5.37 -6.60 -26.48
CA ALA C 53 5.65 -6.43 -27.91
C ALA C 53 4.83 -5.33 -28.58
N SER C 54 3.60 -5.12 -28.10
CA SER C 54 2.71 -4.14 -28.72
C SER C 54 2.87 -2.75 -28.11
N LYS C 55 3.77 -2.61 -27.15
CA LYS C 55 4.01 -1.34 -26.48
C LYS C 55 4.98 -0.49 -27.28
N PRO C 56 4.79 0.84 -27.27
CA PRO C 56 5.63 1.76 -28.06
C PRO C 56 7.05 1.88 -27.51
N PHE C 57 7.26 1.48 -26.26
CA PHE C 57 8.57 1.51 -25.64
C PHE C 57 9.23 0.13 -25.68
N PHE C 58 8.60 -0.80 -26.38
CA PHE C 58 9.16 -2.14 -26.56
C PHE C 58 10.58 -2.11 -27.14
N GLN C 59 10.76 -1.33 -28.21
CA GLN C 59 12.05 -1.30 -28.89
C GLN C 59 13.17 -0.75 -27.99
N GLY C 60 12.83 0.25 -27.19
CA GLY C 60 13.78 0.79 -26.22
C GLY C 60 14.17 -0.23 -25.16
N LEU C 61 13.20 -0.98 -24.68
CA LEU C 61 13.50 -2.06 -23.74
C LEU C 61 14.51 -3.03 -24.34
N VAL C 62 14.27 -3.47 -25.57
CA VAL C 62 15.18 -4.42 -26.24
C VAL C 62 16.54 -3.80 -26.51
N ASP C 63 16.55 -2.59 -27.06
CA ASP C 63 17.79 -1.87 -27.33
C ASP C 63 18.66 -1.76 -26.10
N TYR C 64 18.03 -1.55 -24.95
CA TYR C 64 18.78 -1.33 -23.73
C TYR C 64 19.36 -2.62 -23.15
N ILE C 65 18.54 -3.66 -23.08
CA ILE C 65 18.96 -4.90 -22.41
C ILE C 65 20.08 -5.62 -23.17
N ILE C 66 20.28 -5.28 -24.44
CA ILE C 66 21.38 -5.87 -25.19
C ILE C 66 22.63 -4.98 -25.16
N SER C 67 22.51 -3.78 -24.57
CA SER C 67 23.61 -2.82 -24.60
C SER C 67 24.73 -3.11 -23.59
N GLY C 68 24.53 -4.11 -22.74
CA GLY C 68 25.55 -4.50 -21.76
C GLY C 68 25.23 -5.86 -21.17
N PRO C 69 26.22 -6.52 -20.57
CA PRO C 69 25.96 -7.82 -19.95
C PRO C 69 24.95 -7.69 -18.82
N VAL C 70 24.20 -8.75 -18.56
CA VAL C 70 23.30 -8.80 -17.43
C VAL C 70 23.66 -10.02 -16.60
N VAL C 71 23.24 -10.01 -15.34
CA VAL C 71 23.40 -11.18 -14.50
C VAL C 71 22.04 -11.84 -14.24
N ALA C 72 21.89 -13.08 -14.73
CA ALA C 72 20.65 -13.84 -14.62
C ALA C 72 20.75 -14.86 -13.49
N MET C 73 19.72 -14.94 -12.67
CA MET C 73 19.77 -15.77 -11.47
C MET C 73 18.43 -16.44 -11.16
N VAL C 74 18.50 -17.57 -10.49
CA VAL C 74 17.33 -18.20 -9.93
C VAL C 74 17.57 -18.31 -8.43
N TRP C 75 16.60 -17.82 -7.65
CA TRP C 75 16.67 -17.93 -6.21
C TRP C 75 15.49 -18.74 -5.70
N GLU C 76 15.73 -19.55 -4.68
CA GLU C 76 14.71 -20.44 -4.16
C GLU C 76 14.46 -20.21 -2.67
N GLY C 77 13.20 -20.24 -2.26
CA GLY C 77 12.83 -20.12 -0.86
C GLY C 77 11.36 -19.83 -0.66
N LYS C 78 10.90 -19.83 0.59
CA LYS C 78 9.51 -19.50 0.89
C LYS C 78 9.14 -18.08 0.46
N SER C 79 8.04 -17.97 -0.28
CA SER C 79 7.56 -16.70 -0.79
C SER C 79 8.66 -15.89 -1.49
N VAL C 80 9.64 -16.56 -2.08
CA VAL C 80 10.76 -15.84 -2.68
C VAL C 80 10.33 -14.92 -3.83
N VAL C 81 9.25 -15.27 -4.52
CA VAL C 81 8.72 -14.37 -5.56
C VAL C 81 8.33 -13.00 -5.01
N THR C 82 7.38 -12.96 -4.08
CA THR C 82 6.91 -11.69 -3.54
CA THR C 82 6.91 -11.69 -3.53
C THR C 82 7.95 -11.03 -2.63
N THR C 83 8.66 -11.83 -1.85
CA THR C 83 9.69 -11.30 -0.96
C THR C 83 10.86 -10.75 -1.78
N GLY C 84 11.08 -11.33 -2.94
CA GLY C 84 12.12 -10.85 -3.85
C GLY C 84 11.78 -9.46 -4.37
N ARG C 85 10.50 -9.24 -4.66
CA ARG C 85 10.07 -7.91 -5.10
CA ARG C 85 10.04 -7.92 -5.08
C ARG C 85 10.14 -6.92 -3.95
N LYS C 86 9.86 -7.40 -2.74
CA LYS C 86 9.96 -6.53 -1.56
C LYS C 86 11.40 -6.04 -1.36
N ILE C 87 12.35 -6.97 -1.41
CA ILE C 87 13.78 -6.64 -1.36
C ILE C 87 14.20 -5.65 -2.46
N ILE C 88 13.66 -5.85 -3.66
CA ILE C 88 13.99 -4.97 -4.79
C ILE C 88 13.43 -3.57 -4.62
N GLY C 89 12.19 -3.46 -4.15
CA GLY C 89 11.57 -2.17 -3.93
C GLY C 89 10.51 -1.88 -4.96
N ALA C 90 10.05 -0.63 -5.02
CA ALA C 90 9.00 -0.22 -5.93
C ALA C 90 9.49 -0.05 -7.37
N THR C 91 8.57 -0.11 -8.31
CA THR C 91 8.87 0.08 -9.74
C THR C 91 9.67 1.36 -9.99
N ASN C 92 9.13 2.51 -9.60
CA ASN C 92 9.90 3.76 -9.67
C ASN C 92 10.87 3.80 -8.49
N PRO C 93 12.17 3.79 -8.78
CA PRO C 93 13.23 3.85 -7.77
C PRO C 93 13.04 4.98 -6.77
N LEU C 94 12.50 6.10 -7.22
CA LEU C 94 12.33 7.24 -6.32
C LEU C 94 11.24 6.99 -5.29
N ALA C 95 10.34 6.04 -5.57
CA ALA C 95 9.28 5.67 -4.61
C ALA C 95 9.73 4.51 -3.74
N SER C 96 10.89 3.93 -4.09
CA SER C 96 11.44 2.79 -3.36
C SER C 96 12.01 3.25 -2.02
N GLU C 97 11.74 2.48 -0.97
CA GLU C 97 12.17 2.86 0.37
C GLU C 97 13.64 2.56 0.61
N PRO C 98 14.33 3.43 1.38
CA PRO C 98 15.71 3.12 1.77
C PRO C 98 15.73 1.77 2.43
N GLY C 99 16.78 0.98 2.19
CA GLY C 99 16.82 -0.38 2.68
C GLY C 99 16.51 -1.40 1.59
N THR C 100 15.79 -0.97 0.55
CA THR C 100 15.57 -1.84 -0.61
C THR C 100 16.67 -1.60 -1.64
N ILE C 101 16.83 -2.52 -2.59
CA ILE C 101 17.88 -2.37 -3.60
C ILE C 101 17.70 -1.09 -4.41
N ARG C 102 16.50 -0.84 -4.92
CA ARG C 102 16.27 0.36 -5.72
CA ARG C 102 16.27 0.36 -5.70
C ARG C 102 16.24 1.60 -4.81
N GLY C 103 15.82 1.42 -3.55
CA GLY C 103 15.78 2.54 -2.62
C GLY C 103 17.19 3.05 -2.32
N ASP C 104 18.11 2.12 -2.13
CA ASP C 104 19.49 2.46 -1.80
C ASP C 104 20.32 2.90 -3.02
N PHE C 105 20.01 2.38 -4.20
CA PHE C 105 20.91 2.58 -5.35
C PHE C 105 20.40 3.27 -6.62
N ALA C 106 19.09 3.41 -6.79
CA ALA C 106 18.60 3.88 -8.09
C ALA C 106 17.73 5.13 -8.00
N VAL C 107 17.68 5.89 -9.09
CA VAL C 107 16.82 7.08 -9.15
C VAL C 107 15.94 7.15 -10.40
N ASP C 108 16.33 6.46 -11.47
CA ASP C 108 15.64 6.57 -12.75
C ASP C 108 14.94 5.26 -13.12
N ILE C 109 13.64 5.35 -13.42
CA ILE C 109 12.84 4.19 -13.85
C ILE C 109 13.52 3.39 -14.96
N GLY C 110 14.13 4.08 -15.92
CA GLY C 110 14.79 3.43 -17.04
C GLY C 110 16.19 2.92 -16.72
N ARG C 111 16.62 3.14 -15.48
CA ARG C 111 17.91 2.66 -15.01
C ARG C 111 17.69 2.10 -13.60
N ASN C 112 16.87 1.05 -13.51
CA ASN C 112 16.38 0.59 -12.22
C ASN C 112 17.14 -0.62 -11.71
N VAL C 113 18.34 -0.83 -12.24
CA VAL C 113 19.31 -1.75 -11.63
C VAL C 113 18.98 -3.24 -11.71
N ILE C 114 17.73 -3.61 -11.54
CA ILE C 114 17.43 -5.02 -11.33
C ILE C 114 16.00 -5.39 -11.71
N HIS C 115 15.80 -6.65 -12.08
CA HIS C 115 14.48 -7.19 -12.36
C HIS C 115 14.15 -8.40 -11.47
N GLY C 116 12.91 -8.48 -11.01
CA GLY C 116 12.45 -9.66 -10.30
C GLY C 116 11.10 -10.10 -10.86
N SER C 117 10.87 -11.41 -10.93
CA SER C 117 9.60 -11.93 -11.44
C SER C 117 8.41 -11.35 -10.67
N ASP C 118 7.38 -10.90 -11.40
CA ASP C 118 6.22 -10.29 -10.75
C ASP C 118 5.21 -11.30 -10.18
N SER C 119 5.35 -12.58 -10.52
CA SER C 119 4.39 -13.57 -10.06
C SER C 119 4.92 -14.97 -10.23
N ILE C 120 4.32 -15.93 -9.54
CA ILE C 120 4.75 -17.32 -9.65
C ILE C 120 4.68 -17.83 -11.09
N GLU C 121 3.65 -17.42 -11.83
CA GLU C 121 3.54 -17.84 -13.22
C GLU C 121 4.57 -17.14 -14.10
N SER C 122 4.82 -15.85 -13.85
CA SER C 122 5.88 -15.15 -14.56
C SER C 122 7.25 -15.79 -14.27
N ALA C 123 7.45 -16.17 -13.01
CA ALA C 123 8.71 -16.79 -12.61
C ALA C 123 8.94 -18.13 -13.33
N ASN C 124 7.95 -19.01 -13.33
CA ASN C 124 8.08 -20.29 -14.02
C ASN C 124 8.39 -20.07 -15.49
N LYS C 125 7.74 -19.08 -16.09
CA LYS C 125 8.01 -18.73 -17.48
C LYS C 125 9.41 -18.16 -17.68
N GLU C 126 9.81 -17.24 -16.80
CA GLU C 126 11.10 -16.58 -16.95
C GLU C 126 12.25 -17.56 -16.75
N ILE C 127 12.10 -18.44 -15.77
CA ILE C 127 13.12 -19.44 -15.49
C ILE C 127 13.30 -20.43 -16.63
N ALA C 128 12.19 -20.88 -17.20
CA ALA C 128 12.23 -21.77 -18.36
C ALA C 128 12.85 -21.07 -19.56
N LEU C 129 12.67 -19.76 -19.65
CA LEU C 129 13.23 -18.98 -20.76
C LEU C 129 14.73 -18.77 -20.63
N TRP C 130 15.17 -18.39 -19.43
CA TRP C 130 16.57 -18.01 -19.21
C TRP C 130 17.47 -19.19 -18.86
N PHE C 131 16.89 -20.19 -18.22
CA PHE C 131 17.67 -21.35 -17.79
C PHE C 131 17.10 -22.67 -18.31
N PRO C 132 17.11 -22.84 -19.65
CA PRO C 132 16.65 -24.09 -20.27
C PRO C 132 17.47 -25.24 -19.72
N GLU C 133 18.77 -25.00 -19.53
CA GLU C 133 19.70 -26.01 -19.04
C GLU C 133 19.41 -26.49 -17.61
N GLY C 134 18.47 -25.83 -16.93
CA GLY C 134 18.13 -26.23 -15.56
C GLY C 134 19.00 -25.55 -14.50
N LEU C 135 18.94 -26.08 -13.28
CA LEU C 135 19.61 -25.44 -12.15
C LEU C 135 20.78 -26.25 -11.61
N ALA C 136 21.63 -25.59 -10.84
CA ALA C 136 22.70 -26.25 -10.10
C ALA C 136 22.23 -26.50 -8.68
N ASP C 137 21.65 -27.67 -8.43
CA ASP C 137 21.01 -27.95 -7.16
C ASP C 137 21.99 -28.25 -6.02
N TRP C 138 21.56 -27.95 -4.80
CA TRP C 138 22.33 -28.20 -3.60
C TRP C 138 21.43 -28.04 -2.39
N GLN C 139 21.89 -28.48 -1.22
CA GLN C 139 21.08 -28.37 -0.01
C GLN C 139 21.90 -27.61 1.03
N SER C 140 21.35 -26.51 1.53
CA SER C 140 22.07 -25.67 2.49
C SER C 140 22.12 -26.29 3.87
N SER C 141 23.31 -26.33 4.46
CA SER C 141 23.48 -26.84 5.81
C SER C 141 22.77 -25.95 6.84
N GLN C 142 22.34 -24.76 6.42
CA GLN C 142 21.65 -23.86 7.33
C GLN C 142 20.12 -24.00 7.25
N HIS C 143 19.66 -24.89 6.37
CA HIS C 143 18.23 -25.10 6.18
C HIS C 143 17.42 -25.24 7.48
N PRO C 144 17.91 -26.04 8.43
CA PRO C 144 17.12 -26.20 9.67
C PRO C 144 17.05 -24.95 10.56
N TRP C 145 17.91 -23.96 10.31
CA TRP C 145 17.91 -22.71 11.09
C TRP C 145 17.24 -21.55 10.36
N ILE C 146 17.11 -21.70 9.04
CA ILE C 146 16.38 -20.73 8.22
C ILE C 146 14.89 -21.08 8.21
N TYR C 147 14.57 -22.36 8.25
CA TYR C 147 13.19 -22.84 8.12
C TYR C 147 12.80 -23.75 9.27
N GLU C 148 11.51 -23.73 9.62
CA GLU C 148 10.98 -24.60 10.66
C GLU C 148 10.46 -25.92 10.10
N LYS C 149 10.71 -27.01 10.81
CA LYS C 149 10.20 -28.33 10.45
C LYS C 149 10.95 -28.95 9.27
N MET D 1 -43.84 -22.47 -4.38
CA MET D 1 -43.06 -23.52 -3.71
C MET D 1 -41.93 -24.13 -4.57
N GLU D 2 -41.98 -23.90 -5.88
CA GLU D 2 -40.86 -24.29 -6.75
C GLU D 2 -39.55 -23.70 -6.19
N SER D 3 -38.44 -24.42 -6.35
CA SER D 3 -37.16 -23.88 -5.90
C SER D 3 -36.05 -24.07 -6.94
N THR D 4 -35.04 -23.20 -6.89
CA THR D 4 -33.94 -23.26 -7.83
C THR D 4 -32.62 -23.07 -7.10
N PHE D 5 -31.53 -23.50 -7.71
CA PHE D 5 -30.19 -23.29 -7.15
C PHE D 5 -29.48 -22.10 -7.84
N ILE D 6 -29.07 -21.11 -7.05
CA ILE D 6 -28.34 -19.97 -7.59
C ILE D 6 -26.96 -19.89 -6.93
N MET D 7 -25.92 -19.78 -7.73
CA MET D 7 -24.58 -19.68 -7.18
C MET D 7 -23.83 -18.48 -7.73
N ILE D 8 -23.28 -17.67 -6.84
CA ILE D 8 -22.40 -16.58 -7.22
C ILE D 8 -21.01 -17.17 -7.41
N LYS D 9 -20.50 -17.04 -8.62
CA LYS D 9 -19.19 -17.59 -8.96
C LYS D 9 -18.05 -16.79 -8.30
N PRO D 10 -16.82 -17.34 -8.30
CA PRO D 10 -15.71 -16.67 -7.58
C PRO D 10 -15.50 -15.22 -8.01
N ASP D 11 -15.77 -14.90 -9.27
CA ASP D 11 -15.61 -13.54 -9.74
C ASP D 11 -16.68 -12.62 -9.15
N GLY D 12 -17.84 -13.17 -8.82
CA GLY D 12 -18.89 -12.37 -8.21
C GLY D 12 -18.51 -11.97 -6.80
N VAL D 13 -17.82 -12.86 -6.10
CA VAL D 13 -17.34 -12.58 -4.76
C VAL D 13 -16.19 -11.57 -4.81
N GLN D 14 -15.23 -11.81 -5.68
CA GLN D 14 -14.08 -10.92 -5.81
C GLN D 14 -14.52 -9.50 -6.17
N ARG D 15 -15.53 -9.37 -7.03
CA ARG D 15 -15.96 -8.06 -7.50
CA ARG D 15 -15.95 -8.05 -7.50
C ARG D 15 -17.02 -7.39 -6.62
N GLY D 16 -17.27 -7.98 -5.45
CA GLY D 16 -18.11 -7.33 -4.45
C GLY D 16 -19.60 -7.24 -4.79
N LEU D 17 -20.11 -8.27 -5.45
CA LEU D 17 -21.46 -8.26 -5.99
C LEU D 17 -22.41 -9.15 -5.16
N ILE D 18 -21.94 -9.70 -4.05
CA ILE D 18 -22.80 -10.61 -3.27
C ILE D 18 -24.10 -9.96 -2.81
N GLY D 19 -23.98 -8.85 -2.10
CA GLY D 19 -25.16 -8.15 -1.61
C GLY D 19 -26.10 -7.73 -2.74
N GLU D 20 -25.52 -7.19 -3.82
CA GLU D 20 -26.31 -6.68 -4.93
C GLU D 20 -27.14 -7.79 -5.59
N ILE D 21 -26.53 -8.94 -5.81
CA ILE D 21 -27.20 -10.10 -6.37
C ILE D 21 -28.37 -10.61 -5.49
N ILE D 22 -28.10 -10.77 -4.20
CA ILE D 22 -29.14 -11.18 -3.26
C ILE D 22 -30.35 -10.23 -3.28
N SER D 23 -30.10 -8.93 -3.22
CA SER D 23 -31.15 -7.91 -3.29
C SER D 23 -32.06 -8.05 -4.51
N ARG D 24 -31.50 -8.38 -5.65
CA ARG D 24 -32.34 -8.52 -6.83
C ARG D 24 -33.39 -9.63 -6.67
N PHE D 25 -32.99 -10.74 -6.07
CA PHE D 25 -33.92 -11.83 -5.86
C PHE D 25 -34.88 -11.52 -4.72
N GLU D 26 -34.38 -10.82 -3.70
CA GLU D 26 -35.23 -10.37 -2.58
C GLU D 26 -36.31 -9.39 -3.03
N LYS D 27 -35.91 -8.41 -3.84
CA LYS D 27 -36.83 -7.37 -4.30
C LYS D 27 -37.88 -7.96 -5.21
N LYS D 28 -37.50 -8.99 -5.97
CA LYS D 28 -38.42 -9.67 -6.88
C LYS D 28 -39.58 -10.35 -6.13
N GLY D 29 -39.37 -10.69 -4.87
CA GLY D 29 -40.40 -11.36 -4.09
C GLY D 29 -40.09 -12.81 -3.83
N PHE D 30 -38.91 -13.29 -4.26
CA PHE D 30 -38.52 -14.67 -4.05
C PHE D 30 -38.03 -14.85 -2.61
N TYR D 31 -38.07 -16.10 -2.11
CA TYR D 31 -37.71 -16.39 -0.72
C TYR D 31 -36.38 -17.14 -0.63
N LEU D 32 -35.42 -16.55 0.08
CA LEU D 32 -34.15 -17.22 0.31
C LEU D 32 -34.35 -18.36 1.30
N LYS D 33 -34.04 -19.57 0.87
CA LYS D 33 -34.23 -20.77 1.69
C LYS D 33 -32.91 -21.44 2.10
N ALA D 34 -31.79 -20.99 1.53
CA ALA D 34 -30.49 -21.51 1.94
C ALA D 34 -29.41 -20.61 1.41
N LEU D 35 -28.31 -20.55 2.14
CA LEU D 35 -27.26 -19.60 1.81
C LEU D 35 -25.99 -19.98 2.53
N LYS D 36 -24.90 -20.10 1.79
CA LYS D 36 -23.61 -20.26 2.43
C LYS D 36 -22.45 -19.86 1.55
N LEU D 37 -21.37 -19.41 2.19
CA LEU D 37 -20.11 -19.12 1.53
CA LEU D 37 -20.11 -19.13 1.51
C LEU D 37 -19.25 -20.38 1.58
N VAL D 38 -18.81 -20.86 0.43
CA VAL D 38 -18.12 -22.15 0.34
C VAL D 38 -16.82 -22.08 -0.45
N ASN D 39 -15.77 -22.73 0.05
CA ASN D 39 -14.65 -23.13 -0.80
C ASN D 39 -14.93 -24.50 -1.40
N VAL D 40 -15.01 -24.57 -2.72
CA VAL D 40 -15.29 -25.84 -3.37
C VAL D 40 -14.02 -26.68 -3.52
N GLU D 41 -14.12 -27.96 -3.19
CA GLU D 41 -13.01 -28.89 -3.34
C GLU D 41 -13.17 -29.63 -4.67
N ARG D 42 -12.05 -30.09 -5.23
CA ARG D 42 -12.01 -30.63 -6.61
C ARG D 42 -13.01 -31.74 -6.88
N SER D 43 -13.10 -32.73 -5.99
CA SER D 43 -13.99 -33.84 -6.24
C SER D 43 -15.43 -33.38 -6.28
N PHE D 44 -15.76 -32.36 -5.48
CA PHE D 44 -17.11 -31.81 -5.47
C PHE D 44 -17.35 -31.06 -6.78
N ALA D 45 -16.39 -30.23 -7.17
CA ALA D 45 -16.47 -29.54 -8.44
C ALA D 45 -16.78 -30.51 -9.58
N GLU D 46 -16.11 -31.66 -9.58
CA GLU D 46 -16.30 -32.67 -10.63
C GLU D 46 -17.69 -33.25 -10.61
N LYS D 47 -18.26 -33.39 -9.41
CA LYS D 47 -19.63 -33.85 -9.29
C LYS D 47 -20.59 -32.79 -9.84
N HIS D 48 -20.36 -31.53 -9.49
CA HIS D 48 -21.23 -30.46 -9.97
C HIS D 48 -21.24 -30.39 -11.48
N TYR D 49 -20.06 -30.55 -12.09
CA TYR D 49 -19.92 -30.45 -13.54
C TYR D 49 -19.97 -31.81 -14.26
N ALA D 50 -20.44 -32.84 -13.55
CA ALA D 50 -20.45 -34.20 -14.07
C ALA D 50 -21.05 -34.35 -15.48
N ASP D 51 -22.10 -33.59 -15.76
CA ASP D 51 -22.74 -33.60 -17.08
C ASP D 51 -21.78 -33.23 -18.23
N LEU D 52 -20.67 -32.57 -17.89
CA LEU D 52 -19.77 -32.02 -18.89
C LEU D 52 -18.42 -32.71 -18.87
N ALA D 53 -18.34 -33.84 -18.15
CA ALA D 53 -17.08 -34.53 -17.92
C ALA D 53 -16.34 -34.89 -19.20
N SER D 54 -17.08 -35.10 -20.29
CA SER D 54 -16.50 -35.52 -21.55
C SER D 54 -16.29 -34.36 -22.52
N LYS D 55 -16.20 -33.15 -21.98
CA LYS D 55 -15.97 -31.95 -22.79
C LYS D 55 -14.55 -31.46 -22.62
N PRO D 56 -14.03 -30.77 -23.65
CA PRO D 56 -12.66 -30.23 -23.59
C PRO D 56 -12.51 -29.15 -22.53
N PHE D 57 -13.59 -28.45 -22.20
CA PHE D 57 -13.54 -27.36 -21.23
C PHE D 57 -13.88 -27.80 -19.80
N PHE D 58 -14.03 -29.10 -19.59
CA PHE D 58 -14.39 -29.63 -18.28
C PHE D 58 -13.35 -29.30 -17.22
N GLN D 59 -12.10 -29.64 -17.51
CA GLN D 59 -11.02 -29.38 -16.56
C GLN D 59 -10.93 -27.89 -16.20
N GLY D 60 -11.21 -27.04 -17.18
CA GLY D 60 -11.11 -25.60 -16.99
C GLY D 60 -12.20 -25.13 -16.05
N LEU D 61 -13.39 -25.67 -16.23
CA LEU D 61 -14.53 -25.36 -15.36
CA LEU D 61 -14.52 -25.35 -15.35
C LEU D 61 -14.23 -25.77 -13.92
N VAL D 62 -13.70 -26.98 -13.76
CA VAL D 62 -13.34 -27.46 -12.44
C VAL D 62 -12.23 -26.60 -11.82
N ASP D 63 -11.23 -26.25 -12.62
CA ASP D 63 -10.11 -25.48 -12.08
C ASP D 63 -10.57 -24.12 -11.59
N TYR D 64 -11.45 -23.50 -12.36
CA TYR D 64 -11.90 -22.16 -12.01
C TYR D 64 -12.75 -22.12 -10.73
N ILE D 65 -13.72 -23.04 -10.62
CA ILE D 65 -14.67 -22.99 -9.51
C ILE D 65 -14.01 -23.24 -8.14
N ILE D 66 -12.84 -23.89 -8.12
CA ILE D 66 -12.14 -24.10 -6.85
C ILE D 66 -11.08 -23.02 -6.56
N SER D 67 -10.95 -22.04 -7.43
CA SER D 67 -9.92 -21.02 -7.26
C SER D 67 -10.33 -19.87 -6.33
N GLY D 68 -11.59 -19.84 -5.91
CA GLY D 68 -12.04 -18.84 -4.96
C GLY D 68 -13.39 -19.25 -4.41
N PRO D 69 -13.80 -18.70 -3.27
CA PRO D 69 -15.07 -19.14 -2.68
C PRO D 69 -16.26 -18.72 -3.54
N VAL D 70 -17.35 -19.46 -3.37
CA VAL D 70 -18.58 -19.17 -4.09
C VAL D 70 -19.68 -18.96 -3.06
N VAL D 71 -20.77 -18.32 -3.46
CA VAL D 71 -21.94 -18.26 -2.60
C VAL D 71 -23.04 -19.16 -3.17
N ALA D 72 -23.40 -20.18 -2.40
CA ALA D 72 -24.44 -21.13 -2.79
C ALA D 72 -25.76 -20.71 -2.18
N MET D 73 -26.83 -20.74 -2.97
CA MET D 73 -28.15 -20.35 -2.46
C MET D 73 -29.28 -21.20 -3.01
N VAL D 74 -30.36 -21.27 -2.26
CA VAL D 74 -31.61 -21.78 -2.79
C VAL D 74 -32.68 -20.71 -2.67
N TRP D 75 -33.39 -20.47 -3.76
CA TRP D 75 -34.51 -19.53 -3.77
C TRP D 75 -35.82 -20.24 -4.12
N GLU D 76 -36.89 -19.86 -3.45
CA GLU D 76 -38.21 -20.46 -3.71
C GLU D 76 -39.23 -19.44 -4.15
N GLY D 77 -40.11 -19.85 -5.05
CA GLY D 77 -41.16 -18.97 -5.54
C GLY D 77 -41.77 -19.47 -6.83
N LYS D 78 -42.91 -18.91 -7.19
CA LYS D 78 -43.58 -19.26 -8.44
C LYS D 78 -42.61 -19.09 -9.61
N SER D 79 -42.50 -20.14 -10.41
CA SER D 79 -41.64 -20.14 -11.60
C SER D 79 -40.24 -19.61 -11.34
N VAL D 80 -39.70 -19.87 -10.16
CA VAL D 80 -38.40 -19.32 -9.82
C VAL D 80 -37.24 -19.84 -10.68
N VAL D 81 -37.35 -21.08 -11.18
CA VAL D 81 -36.29 -21.62 -12.04
C VAL D 81 -36.14 -20.79 -13.32
N THR D 82 -37.24 -20.60 -14.06
CA THR D 82 -37.16 -19.87 -15.32
CA THR D 82 -37.19 -19.86 -15.31
C THR D 82 -36.94 -18.37 -15.10
N THR D 83 -37.58 -17.83 -14.06
CA THR D 83 -37.44 -16.41 -13.76
C THR D 83 -36.05 -16.08 -13.23
N GLY D 84 -35.48 -17.02 -12.49
CA GLY D 84 -34.11 -16.92 -12.04
C GLY D 84 -33.15 -16.77 -13.20
N ARG D 85 -33.34 -17.57 -14.25
CA ARG D 85 -32.50 -17.47 -15.43
CA ARG D 85 -32.53 -17.48 -15.45
C ARG D 85 -32.76 -16.15 -16.17
N LYS D 86 -34.00 -15.68 -16.15
CA LYS D 86 -34.33 -14.41 -16.79
C LYS D 86 -33.60 -13.26 -16.08
N ILE D 87 -33.65 -13.27 -14.75
CA ILE D 87 -32.95 -12.26 -13.97
C ILE D 87 -31.44 -12.27 -14.25
N ILE D 88 -30.89 -13.47 -14.34
CA ILE D 88 -29.47 -13.67 -14.59
C ILE D 88 -29.02 -13.19 -15.98
N GLY D 89 -29.82 -13.46 -17.00
CA GLY D 89 -29.50 -13.04 -18.36
C GLY D 89 -28.80 -14.08 -19.21
N ALA D 90 -28.65 -13.76 -20.49
CA ALA D 90 -28.06 -14.66 -21.48
C ALA D 90 -26.70 -15.17 -21.04
N THR D 91 -26.43 -16.42 -21.39
CA THR D 91 -25.17 -17.08 -21.04
C THR D 91 -23.97 -16.25 -21.46
N ASN D 92 -23.99 -15.74 -22.68
CA ASN D 92 -22.92 -14.89 -23.18
C ASN D 92 -23.21 -13.43 -22.87
N PRO D 93 -22.43 -12.84 -21.94
CA PRO D 93 -22.61 -11.45 -21.50
C PRO D 93 -22.70 -10.48 -22.67
N LEU D 94 -22.16 -10.89 -23.82
CA LEU D 94 -22.28 -10.09 -25.04
C LEU D 94 -23.74 -9.90 -25.45
N ALA D 95 -24.59 -10.88 -25.17
CA ALA D 95 -26.01 -10.82 -25.54
C ALA D 95 -26.89 -10.46 -24.33
N SER D 96 -26.31 -10.50 -23.14
CA SER D 96 -27.11 -10.28 -21.94
C SER D 96 -27.62 -8.84 -21.87
N GLU D 97 -28.93 -8.70 -21.70
CA GLU D 97 -29.59 -7.39 -21.73
C GLU D 97 -29.34 -6.60 -20.43
N PRO D 98 -29.09 -5.29 -20.56
CA PRO D 98 -29.00 -4.43 -19.38
C PRO D 98 -30.26 -4.58 -18.56
N GLY D 99 -30.15 -4.48 -17.23
CA GLY D 99 -31.26 -4.81 -16.36
C GLY D 99 -31.11 -6.20 -15.74
N THR D 100 -30.47 -7.11 -16.47
CA THR D 100 -30.15 -8.41 -15.92
C THR D 100 -28.81 -8.37 -15.22
N ILE D 101 -28.54 -9.40 -14.42
CA ILE D 101 -27.29 -9.48 -13.66
C ILE D 101 -26.05 -9.48 -14.57
N ARG D 102 -25.99 -10.39 -15.53
CA ARG D 102 -24.85 -10.43 -16.45
CA ARG D 102 -24.85 -10.42 -16.44
C ARG D 102 -24.86 -9.21 -17.37
N GLY D 103 -26.06 -8.72 -17.69
CA GLY D 103 -26.21 -7.53 -18.52
C GLY D 103 -25.59 -6.31 -17.86
N ASP D 104 -25.73 -6.22 -16.53
CA ASP D 104 -25.19 -5.08 -15.81
C ASP D 104 -23.72 -5.23 -15.40
N PHE D 105 -23.24 -6.46 -15.26
CA PHE D 105 -21.96 -6.68 -14.58
C PHE D 105 -20.92 -7.52 -15.33
N ALA D 106 -21.33 -8.23 -16.37
CA ALA D 106 -20.43 -9.21 -16.98
C ALA D 106 -20.03 -8.85 -18.42
N VAL D 107 -18.81 -9.20 -18.79
CA VAL D 107 -18.30 -8.89 -20.12
CA VAL D 107 -18.32 -8.90 -20.13
C VAL D 107 -17.73 -10.13 -20.82
N ASP D 108 -17.29 -11.10 -20.01
CA ASP D 108 -16.60 -12.30 -20.52
C ASP D 108 -17.37 -13.56 -20.13
N ILE D 109 -17.70 -14.40 -21.11
CA ILE D 109 -18.45 -15.62 -20.84
C ILE D 109 -17.79 -16.52 -19.79
N GLY D 110 -16.47 -16.47 -19.69
CA GLY D 110 -15.74 -17.28 -18.72
C GLY D 110 -15.69 -16.62 -17.36
N ARG D 111 -16.22 -15.41 -17.28
CA ARG D 111 -16.33 -14.70 -16.01
C ARG D 111 -17.75 -14.13 -15.97
N ASN D 112 -18.73 -15.01 -15.99
CA ASN D 112 -20.12 -14.60 -16.11
C ASN D 112 -20.85 -14.51 -14.76
N VAL D 113 -20.07 -14.41 -13.68
CA VAL D 113 -20.54 -13.89 -12.39
C VAL D 113 -21.44 -14.83 -11.56
N ILE D 114 -22.29 -15.59 -12.23
CA ILE D 114 -23.33 -16.30 -11.50
C ILE D 114 -23.87 -17.48 -12.31
N HIS D 115 -24.45 -18.44 -11.62
CA HIS D 115 -25.08 -19.60 -12.23
C HIS D 115 -26.50 -19.78 -11.68
N GLY D 116 -27.40 -20.24 -12.54
CA GLY D 116 -28.77 -20.57 -12.15
C GLY D 116 -29.18 -21.89 -12.78
N SER D 117 -29.91 -22.74 -12.06
CA SER D 117 -30.36 -24.01 -12.62
C SER D 117 -31.05 -23.80 -13.97
N ASP D 118 -30.72 -24.64 -14.96
CA ASP D 118 -31.33 -24.53 -16.29
C ASP D 118 -32.73 -25.15 -16.41
N SER D 119 -33.16 -25.86 -15.36
CA SER D 119 -34.46 -26.54 -15.38
C SER D 119 -34.83 -27.05 -13.99
N ILE D 120 -36.09 -27.44 -13.82
CA ILE D 120 -36.55 -28.00 -12.55
C ILE D 120 -35.77 -29.26 -12.16
N GLU D 121 -35.53 -30.13 -13.13
CA GLU D 121 -34.75 -31.33 -12.90
C GLU D 121 -33.32 -31.00 -12.47
N SER D 122 -32.72 -30.03 -13.14
CA SER D 122 -31.39 -29.57 -12.79
C SER D 122 -31.40 -28.99 -11.40
N ALA D 123 -32.41 -28.17 -11.12
CA ALA D 123 -32.53 -27.55 -9.81
C ALA D 123 -32.58 -28.61 -8.71
N ASN D 124 -33.38 -29.64 -8.89
CA ASN D 124 -33.51 -30.65 -7.85
C ASN D 124 -32.20 -31.33 -7.56
N LYS D 125 -31.49 -31.68 -8.64
CA LYS D 125 -30.22 -32.35 -8.53
C LYS D 125 -29.19 -31.46 -7.86
N GLU D 126 -29.13 -30.21 -8.31
CA GLU D 126 -28.20 -29.23 -7.77
C GLU D 126 -28.46 -28.94 -6.30
N ILE D 127 -29.73 -28.75 -5.95
CA ILE D 127 -30.07 -28.49 -4.55
C ILE D 127 -29.68 -29.69 -3.69
N ALA D 128 -29.92 -30.90 -4.19
CA ALA D 128 -29.49 -32.11 -3.48
C ALA D 128 -27.98 -32.17 -3.26
N LEU D 129 -27.20 -31.79 -4.28
CA LEU D 129 -25.74 -31.85 -4.20
CA LEU D 129 -25.74 -31.84 -4.19
C LEU D 129 -25.16 -30.81 -3.24
N TRP D 130 -25.63 -29.57 -3.36
CA TRP D 130 -25.07 -28.47 -2.57
C TRP D 130 -25.66 -28.32 -1.18
N PHE D 131 -26.94 -28.69 -1.04
CA PHE D 131 -27.60 -28.61 0.25
C PHE D 131 -28.23 -29.95 0.69
N PRO D 132 -27.41 -30.97 0.91
CA PRO D 132 -27.93 -32.24 1.46
C PRO D 132 -28.54 -32.03 2.85
N GLU D 133 -28.07 -31.00 3.55
CA GLU D 133 -28.51 -30.71 4.90
C GLU D 133 -29.90 -30.08 4.94
N GLY D 134 -30.48 -29.85 3.77
CA GLY D 134 -31.81 -29.28 3.68
C GLY D 134 -31.87 -27.76 3.69
N LEU D 135 -33.10 -27.25 3.68
CA LEU D 135 -33.35 -25.83 3.59
C LEU D 135 -33.76 -25.26 4.93
N ALA D 136 -33.61 -23.95 5.09
CA ALA D 136 -34.19 -23.29 6.26
C ALA D 136 -35.62 -22.95 5.94
N ASP D 137 -36.54 -23.22 6.86
CA ASP D 137 -37.94 -22.93 6.60
C ASP D 137 -38.41 -21.66 7.30
N TRP D 138 -39.27 -20.91 6.61
CA TRP D 138 -39.89 -19.76 7.21
C TRP D 138 -41.02 -19.31 6.31
N GLN D 139 -41.89 -18.50 6.89
CA GLN D 139 -43.01 -17.95 6.17
C GLN D 139 -42.85 -16.44 6.17
N SER D 140 -42.94 -15.83 4.98
CA SER D 140 -42.84 -14.39 4.85
C SER D 140 -44.18 -13.74 5.13
N SER D 141 -44.16 -12.67 5.92
CA SER D 141 -45.39 -11.95 6.22
C SER D 141 -45.87 -11.17 5.00
N GLN D 142 -45.04 -11.11 3.97
CA GLN D 142 -45.39 -10.41 2.72
C GLN D 142 -46.12 -11.33 1.74
N HIS D 143 -46.18 -12.62 2.07
CA HIS D 143 -46.81 -13.62 1.21
C HIS D 143 -48.18 -13.22 0.60
N PRO D 144 -49.10 -12.71 1.42
CA PRO D 144 -50.41 -12.32 0.88
C PRO D 144 -50.36 -11.16 -0.10
N TRP D 145 -49.26 -10.42 -0.12
CA TRP D 145 -49.13 -9.29 -1.05
C TRP D 145 -48.25 -9.62 -2.25
N ILE D 146 -47.50 -10.69 -2.14
CA ILE D 146 -46.68 -11.18 -3.23
C ILE D 146 -47.47 -12.15 -4.09
N TYR D 147 -48.33 -12.95 -3.44
CA TYR D 147 -49.11 -13.98 -4.10
C TYR D 147 -50.61 -13.81 -3.87
N GLU D 148 -51.40 -14.20 -4.86
CA GLU D 148 -52.85 -14.16 -4.74
C GLU D 148 -53.35 -15.48 -4.17
N LYS D 149 -54.21 -15.41 -3.16
CA LYS D 149 -54.75 -16.59 -2.47
C LYS D 149 -53.77 -17.14 -1.43
N MET E 1 16.25 6.24 29.97
CA MET E 1 16.39 5.30 31.09
C MET E 1 15.40 4.13 31.01
N GLU E 2 14.47 4.19 30.06
CA GLU E 2 13.61 3.06 29.76
C GLU E 2 14.47 1.88 29.31
N SER E 3 14.08 0.66 29.67
CA SER E 3 14.87 -0.49 29.23
C SER E 3 13.99 -1.61 28.66
N THR E 4 14.57 -2.41 27.76
CA THR E 4 13.83 -3.50 27.13
C THR E 4 14.69 -4.76 27.06
N PHE E 5 14.04 -5.91 26.88
CA PHE E 5 14.74 -7.19 26.81
C PHE E 5 14.81 -7.63 25.36
N ILE E 6 16.03 -7.86 24.87
CA ILE E 6 16.22 -8.29 23.50
C ILE E 6 16.91 -9.63 23.53
N MET E 7 16.42 -10.58 22.75
CA MET E 7 16.98 -11.91 22.79
C MET E 7 17.26 -12.42 21.39
N ILE E 8 18.53 -12.78 21.12
CA ILE E 8 18.87 -13.38 19.85
C ILE E 8 18.59 -14.88 19.98
N LYS E 9 17.69 -15.38 19.14
CA LYS E 9 17.25 -16.78 19.22
C LYS E 9 18.30 -17.72 18.64
N PRO E 10 18.10 -19.03 18.80
CA PRO E 10 19.16 -19.97 18.39
C PRO E 10 19.54 -19.86 16.92
N ASP E 11 18.59 -19.53 16.05
CA ASP E 11 18.93 -19.40 14.64
C ASP E 11 19.81 -18.18 14.37
N GLY E 12 19.67 -17.14 15.18
CA GLY E 12 20.52 -15.96 15.03
C GLY E 12 21.95 -16.30 15.37
N VAL E 13 22.12 -17.16 16.38
CA VAL E 13 23.46 -17.58 16.78
C VAL E 13 24.09 -18.45 15.72
N GLN E 14 23.32 -19.44 15.24
CA GLN E 14 23.78 -20.40 14.25
C GLN E 14 24.10 -19.73 12.90
N ARG E 15 23.34 -18.71 12.55
CA ARG E 15 23.53 -18.04 11.27
CA ARG E 15 23.52 -18.04 11.27
C ARG E 15 24.56 -16.90 11.34
N GLY E 16 25.24 -16.81 12.49
CA GLY E 16 26.32 -15.84 12.67
C GLY E 16 25.91 -14.38 12.66
N LEU E 17 24.77 -14.07 13.28
CA LEU E 17 24.19 -12.72 13.22
C LEU E 17 24.32 -11.94 14.52
N ILE E 18 25.06 -12.49 15.48
CA ILE E 18 25.15 -11.86 16.79
C ILE E 18 25.74 -10.45 16.74
N GLY E 19 26.95 -10.33 16.18
CA GLY E 19 27.62 -9.04 16.10
C GLY E 19 26.80 -8.03 15.30
N GLU E 20 26.24 -8.49 14.18
N GLU E 20 26.24 -8.49 14.18
CA GLU E 20 25.46 -7.60 13.32
CA GLU E 20 25.45 -7.61 13.32
C GLU E 20 24.26 -7.03 14.08
C GLU E 20 24.27 -7.04 14.09
N ILE E 21 23.62 -7.89 14.87
CA ILE E 21 22.45 -7.47 15.62
C ILE E 21 22.82 -6.45 16.71
N ILE E 22 23.88 -6.74 17.45
CA ILE E 22 24.35 -5.80 18.48
C ILE E 22 24.72 -4.46 17.86
N SER E 23 25.33 -4.50 16.68
CA SER E 23 25.80 -3.27 16.01
C SER E 23 24.64 -2.35 15.68
N ARG E 24 23.54 -2.93 15.24
CA ARG E 24 22.36 -2.14 14.92
C ARG E 24 21.81 -1.36 16.13
N PHE E 25 21.81 -1.99 17.30
CA PHE E 25 21.39 -1.30 18.53
C PHE E 25 22.42 -0.29 19.05
N GLU E 26 23.70 -0.60 18.92
CA GLU E 26 24.75 0.35 19.26
C GLU E 26 24.69 1.60 18.38
N LYS E 27 24.54 1.41 17.08
CA LYS E 27 24.59 2.51 16.14
C LYS E 27 23.36 3.40 16.29
N LYS E 28 22.25 2.81 16.69
CA LYS E 28 21.04 3.56 16.97
C LYS E 28 21.23 4.55 18.12
N GLY E 29 22.14 4.23 19.04
CA GLY E 29 22.45 5.09 20.16
C GLY E 29 21.97 4.54 21.48
N PHE E 30 21.53 3.28 21.46
CA PHE E 30 21.05 2.61 22.66
C PHE E 30 22.22 2.08 23.47
N TYR E 31 21.98 1.85 24.76
CA TYR E 31 23.04 1.44 25.69
C TYR E 31 22.82 0.00 26.14
N LEU E 32 23.81 -0.85 25.91
CA LEU E 32 23.74 -2.23 26.33
C LEU E 32 24.03 -2.28 27.83
N LYS E 33 23.08 -2.78 28.62
CA LYS E 33 23.27 -2.82 30.08
C LYS E 33 23.39 -4.24 30.65
N ALA E 34 23.12 -5.24 29.81
CA ALA E 34 23.30 -6.65 30.19
C ALA E 34 23.42 -7.55 28.97
N LEU E 35 24.21 -8.61 29.12
CA LEU E 35 24.55 -9.48 28.00
C LEU E 35 25.05 -10.82 28.52
N LYS E 36 24.46 -11.91 28.02
CA LYS E 36 25.00 -13.23 28.27
C LYS E 36 24.57 -14.22 27.20
N LEU E 37 25.45 -15.16 26.88
CA LEU E 37 25.14 -16.26 25.99
C LEU E 37 24.75 -17.37 26.92
N VAL E 38 23.60 -18.00 26.69
CA VAL E 38 23.11 -19.03 27.61
C VAL E 38 22.36 -20.18 26.95
N ASN E 39 22.52 -21.37 27.52
CA ASN E 39 21.68 -22.50 27.16
C ASN E 39 20.46 -22.49 28.07
N VAL E 40 19.28 -22.44 27.46
CA VAL E 40 18.04 -22.28 28.22
C VAL E 40 17.44 -23.61 28.68
N GLU E 41 16.99 -23.63 29.92
CA GLU E 41 16.40 -24.83 30.51
C GLU E 41 14.88 -24.85 30.26
N ARG E 42 14.33 -26.05 30.14
CA ARG E 42 12.96 -26.26 29.68
C ARG E 42 11.88 -25.60 30.57
N SER E 43 11.98 -25.80 31.89
CA SER E 43 11.02 -25.16 32.79
C SER E 43 11.19 -23.64 32.80
N PHE E 44 12.41 -23.16 32.58
CA PHE E 44 12.64 -21.72 32.50
C PHE E 44 11.95 -21.17 31.25
N ALA E 45 12.07 -21.90 30.15
CA ALA E 45 11.46 -21.50 28.88
C ALA E 45 9.94 -21.51 28.96
N GLU E 46 9.40 -22.46 29.71
CA GLU E 46 7.95 -22.54 29.93
C GLU E 46 7.45 -21.30 30.65
N LYS E 47 8.26 -20.76 31.56
CA LYS E 47 7.89 -19.54 32.25
C LYS E 47 7.96 -18.34 31.30
N HIS E 48 9.09 -18.19 30.63
CA HIS E 48 9.26 -17.10 29.67
C HIS E 48 8.06 -17.00 28.70
N TYR E 49 7.56 -18.14 28.25
CA TYR E 49 6.44 -18.16 27.30
C TYR E 49 5.06 -18.32 27.97
N ALA E 50 4.99 -18.17 29.28
CA ALA E 50 3.75 -18.45 30.03
C ALA E 50 2.49 -17.83 29.40
N ASP E 51 2.58 -16.57 29.00
CA ASP E 51 1.47 -15.84 28.38
C ASP E 51 0.89 -16.53 27.14
N LEU E 52 1.63 -17.48 26.58
CA LEU E 52 1.17 -18.17 25.39
C LEU E 52 0.85 -19.62 25.72
N ALA E 53 0.78 -19.92 27.01
CA ALA E 53 0.70 -21.30 27.47
C ALA E 53 -0.51 -22.05 26.94
N SER E 54 -1.63 -21.36 26.83
CA SER E 54 -2.86 -21.99 26.37
C SER E 54 -3.02 -21.86 24.87
N LYS E 55 -1.93 -21.53 24.19
CA LYS E 55 -1.92 -21.46 22.74
C LYS E 55 -1.40 -22.78 22.15
N PRO E 56 -1.70 -23.01 20.86
CA PRO E 56 -1.37 -24.29 20.22
C PRO E 56 0.12 -24.42 19.92
N PHE E 57 0.74 -23.34 19.44
CA PHE E 57 2.15 -23.37 19.06
C PHE E 57 3.06 -23.11 20.26
N PHE E 58 2.51 -23.26 21.45
CA PHE E 58 3.26 -22.98 22.67
C PHE E 58 4.41 -23.95 22.88
N GLN E 59 4.11 -25.26 22.82
CA GLN E 59 5.13 -26.28 23.05
C GLN E 59 6.26 -26.22 22.03
N GLY E 60 5.92 -25.79 20.81
CA GLY E 60 6.88 -25.62 19.74
C GLY E 60 7.87 -24.52 20.07
N LEU E 61 7.37 -23.43 20.64
CA LEU E 61 8.20 -22.31 21.07
C LEU E 61 9.18 -22.79 22.14
N VAL E 62 8.66 -23.56 23.10
CA VAL E 62 9.46 -24.04 24.20
C VAL E 62 10.50 -25.05 23.72
N ASP E 63 10.11 -25.96 22.83
CA ASP E 63 11.03 -26.94 22.30
C ASP E 63 12.15 -26.24 21.53
N TYR E 64 11.79 -25.23 20.76
CA TYR E 64 12.75 -24.57 19.88
C TYR E 64 13.77 -23.74 20.65
N ILE E 65 13.32 -22.96 21.62
CA ILE E 65 14.21 -22.05 22.30
C ILE E 65 15.28 -22.74 23.16
N ILE E 66 15.04 -24.01 23.51
CA ILE E 66 16.05 -24.74 24.25
C ILE E 66 16.91 -25.62 23.32
N SER E 67 16.72 -25.49 22.01
CA SER E 67 17.43 -26.35 21.08
C SER E 67 18.83 -25.82 20.73
N GLY E 68 19.14 -24.60 21.13
CA GLY E 68 20.45 -24.01 20.97
C GLY E 68 20.59 -22.83 21.90
N PRO E 69 21.82 -22.32 22.09
CA PRO E 69 22.02 -21.17 22.99
C PRO E 69 21.38 -19.91 22.42
N VAL E 70 21.08 -18.97 23.30
CA VAL E 70 20.54 -17.69 22.89
C VAL E 70 21.41 -16.58 23.48
N VAL E 71 21.27 -15.37 22.96
CA VAL E 71 21.92 -14.20 23.53
C VAL E 71 20.89 -13.30 24.20
N ALA E 72 20.97 -13.21 25.52
CA ALA E 72 20.01 -12.43 26.28
C ALA E 72 20.62 -11.06 26.53
N MET E 73 19.84 -10.01 26.28
CA MET E 73 20.33 -8.65 26.42
C MET E 73 19.33 -7.69 27.01
N VAL E 74 19.84 -6.70 27.73
CA VAL E 74 19.07 -5.55 28.11
C VAL E 74 19.64 -4.30 27.44
N TRP E 75 18.77 -3.52 26.80
CA TRP E 75 19.16 -2.27 26.16
C TRP E 75 18.36 -1.11 26.75
N GLU E 76 19.03 0.03 26.92
CA GLU E 76 18.44 1.17 27.62
C GLU E 76 18.44 2.41 26.73
N GLY E 77 17.37 3.19 26.79
CA GLY E 77 17.26 4.42 26.00
C GLY E 77 15.83 4.90 25.87
N LYS E 78 15.67 6.12 25.36
CA LYS E 78 14.34 6.68 25.21
C LYS E 78 13.53 5.85 24.23
N SER E 79 12.36 5.40 24.67
CA SER E 79 11.44 4.64 23.82
C SER E 79 12.07 3.35 23.33
N VAL E 80 13.03 2.82 24.07
CA VAL E 80 13.75 1.66 23.58
C VAL E 80 12.83 0.45 23.35
N VAL E 81 11.77 0.31 24.16
CA VAL E 81 10.82 -0.78 23.94
C VAL E 81 10.18 -0.77 22.55
N THR E 82 9.48 0.30 22.22
N THR E 82 9.45 0.29 22.22
CA THR E 82 8.79 0.40 20.93
CA THR E 82 8.79 0.37 20.91
C THR E 82 9.78 0.47 19.77
C THR E 82 9.79 0.46 19.77
N THR E 83 10.87 1.20 19.98
CA THR E 83 11.88 1.37 18.92
C THR E 83 12.66 0.08 18.65
N GLY E 84 12.89 -0.71 19.70
CA GLY E 84 13.52 -2.01 19.56
C GLY E 84 12.67 -2.91 18.68
N ARG E 85 11.34 -2.81 18.86
CA ARG E 85 10.43 -3.59 18.05
C ARG E 85 10.46 -3.10 16.62
N LYS E 86 10.60 -1.80 16.45
CA LYS E 86 10.61 -1.21 15.12
C LYS E 86 11.87 -1.67 14.37
N ILE E 87 12.98 -1.71 15.09
CA ILE E 87 14.26 -2.15 14.51
C ILE E 87 14.20 -3.64 14.12
N ILE E 88 13.53 -4.41 14.95
CA ILE E 88 13.41 -5.84 14.77
C ILE E 88 12.55 -6.17 13.56
N GLY E 89 11.44 -5.44 13.40
CA GLY E 89 10.57 -5.67 12.26
C GLY E 89 9.38 -6.54 12.59
N ALA E 90 8.47 -6.68 11.64
CA ALA E 90 7.24 -7.44 11.80
C ALA E 90 7.50 -8.88 12.21
N THR E 91 6.59 -9.43 12.99
CA THR E 91 6.72 -10.81 13.44
C THR E 91 6.83 -11.79 12.29
N ASN E 92 5.95 -11.63 11.31
CA ASN E 92 5.99 -12.45 10.12
C ASN E 92 6.96 -11.86 9.12
N PRO E 93 8.11 -12.51 8.92
CA PRO E 93 9.16 -12.01 8.01
C PRO E 93 8.61 -11.75 6.60
N LEU E 94 7.51 -12.40 6.27
CA LEU E 94 6.80 -12.11 5.02
C LEU E 94 6.41 -10.63 4.96
N ALA E 95 6.20 -10.03 6.13
CA ALA E 95 5.77 -8.64 6.21
C ALA E 95 6.91 -7.69 6.61
N SER E 96 7.93 -8.22 7.27
CA SER E 96 9.01 -7.37 7.76
C SER E 96 9.66 -6.56 6.62
N GLU E 97 9.91 -5.28 6.88
CA GLU E 97 10.44 -4.38 5.87
C GLU E 97 11.96 -4.52 5.78
N PRO E 98 12.49 -4.52 4.55
CA PRO E 98 13.94 -4.45 4.40
C PRO E 98 14.47 -3.25 5.20
N GLY E 99 15.64 -3.43 5.84
CA GLY E 99 16.18 -2.40 6.70
C GLY E 99 15.98 -2.78 8.15
N THR E 100 15.00 -3.62 8.43
CA THR E 100 14.82 -4.16 9.77
C THR E 100 15.57 -5.49 9.85
N ILE E 101 15.83 -5.95 11.08
CA ILE E 101 16.56 -7.19 11.30
C ILE E 101 15.86 -8.38 10.61
N ARG E 102 14.59 -8.60 10.93
CA ARG E 102 13.86 -9.68 10.27
CA ARG E 102 13.85 -9.67 10.27
C ARG E 102 13.67 -9.41 8.77
N GLY E 103 13.49 -8.15 8.39
CA GLY E 103 13.38 -7.80 6.98
C GLY E 103 14.62 -8.19 6.18
N ASP E 104 15.78 -8.04 6.80
CA ASP E 104 17.05 -8.30 6.10
C ASP E 104 17.47 -9.76 6.15
N PHE E 105 17.05 -10.46 7.21
CA PHE E 105 17.66 -11.75 7.56
C PHE E 105 16.74 -12.97 7.64
N ALA E 106 15.42 -12.76 7.74
CA ALA E 106 14.54 -13.88 8.07
C ALA E 106 13.46 -14.15 7.01
N VAL E 107 13.08 -15.42 6.84
CA VAL E 107 12.04 -15.77 5.88
C VAL E 107 10.91 -16.61 6.47
N ASP E 108 11.15 -17.20 7.63
CA ASP E 108 10.18 -18.11 8.26
C ASP E 108 9.78 -17.57 9.62
N ILE E 109 8.49 -17.38 9.84
CA ILE E 109 7.99 -16.91 11.12
C ILE E 109 8.50 -17.77 12.29
N GLY E 110 8.73 -19.05 12.06
CA GLY E 110 9.24 -19.93 13.10
C GLY E 110 10.74 -19.83 13.29
N ARG E 111 11.40 -19.06 12.42
CA ARG E 111 12.84 -18.86 12.53
C ARG E 111 13.06 -17.39 12.33
N ASN E 112 12.59 -16.60 13.29
CA ASN E 112 12.56 -15.17 13.09
C ASN E 112 13.67 -14.43 13.85
N VAL E 113 14.70 -15.18 14.23
CA VAL E 113 16.01 -14.61 14.58
C VAL E 113 16.15 -13.95 15.94
N ILE E 114 15.15 -13.19 16.36
CA ILE E 114 15.32 -12.31 17.50
C ILE E 114 13.98 -12.02 18.15
N HIS E 115 14.01 -11.66 19.42
CA HIS E 115 12.83 -11.29 20.17
C HIS E 115 13.08 -9.98 20.89
N GLY E 116 12.09 -9.11 20.93
CA GLY E 116 12.14 -7.92 21.76
C GLY E 116 10.86 -7.78 22.57
N SER E 117 10.95 -7.24 23.78
CA SER E 117 9.77 -7.09 24.64
C SER E 117 8.68 -6.33 23.92
N ASP E 118 7.43 -6.72 24.13
CA ASP E 118 6.32 -6.09 23.43
C ASP E 118 5.74 -4.87 24.13
N SER E 119 6.12 -4.65 25.38
CA SER E 119 5.63 -3.50 26.13
C SER E 119 6.54 -3.28 27.32
N ILE E 120 6.36 -2.15 27.98
CA ILE E 120 7.16 -1.85 29.16
C ILE E 120 6.90 -2.90 30.25
N GLU E 121 5.67 -3.38 30.34
CA GLU E 121 5.33 -4.35 31.37
C GLU E 121 5.94 -5.71 31.09
N SER E 122 5.88 -6.15 29.83
CA SER E 122 6.59 -7.36 29.43
C SER E 122 8.09 -7.24 29.65
N ALA E 123 8.66 -6.09 29.30
CA ALA E 123 10.08 -5.82 29.52
C ALA E 123 10.48 -6.00 30.98
N ASN E 124 9.74 -5.36 31.88
CA ASN E 124 10.04 -5.52 33.30
C ASN E 124 10.02 -6.97 33.75
N LYS E 125 9.01 -7.70 33.29
CA LYS E 125 8.85 -9.11 33.59
C LYS E 125 10.01 -9.94 33.03
N GLU E 126 10.31 -9.73 31.75
CA GLU E 126 11.37 -10.50 31.10
C GLU E 126 12.74 -10.20 31.73
N ILE E 127 12.95 -8.94 32.08
CA ILE E 127 14.21 -8.52 32.67
C ILE E 127 14.39 -9.13 34.06
N ALA E 128 13.30 -9.21 34.81
CA ALA E 128 13.34 -9.85 36.12
C ALA E 128 13.58 -11.37 36.00
N LEU E 129 13.12 -11.97 34.91
CA LEU E 129 13.27 -13.40 34.71
C LEU E 129 14.71 -13.74 34.25
N TRP E 130 15.22 -12.98 33.29
CA TRP E 130 16.47 -13.34 32.61
C TRP E 130 17.67 -12.73 33.30
N PHE E 131 17.48 -11.57 33.89
CA PHE E 131 18.58 -10.94 34.61
C PHE E 131 18.17 -10.57 36.03
N PRO E 132 17.83 -11.57 36.85
CA PRO E 132 17.54 -11.33 38.27
C PRO E 132 18.73 -10.68 38.97
N GLU E 133 19.93 -10.94 38.46
CA GLU E 133 21.14 -10.41 39.08
C GLU E 133 21.35 -8.91 38.78
N GLY E 134 20.51 -8.36 37.91
CA GLY E 134 20.61 -6.94 37.58
C GLY E 134 21.55 -6.61 36.42
N LEU E 135 21.86 -5.32 36.30
CA LEU E 135 22.50 -4.81 35.12
C LEU E 135 23.93 -4.36 35.41
N ALA E 136 24.75 -4.30 34.37
CA ALA E 136 26.06 -3.65 34.50
C ALA E 136 25.80 -2.16 34.44
N ASP E 137 26.71 -1.36 34.98
CA ASP E 137 26.48 0.07 35.04
C ASP E 137 27.55 0.85 34.32
N TRP E 138 27.14 1.85 33.55
CA TRP E 138 28.09 2.73 32.88
C TRP E 138 27.37 3.94 32.28
N GLN E 139 28.12 4.99 32.00
CA GLN E 139 27.57 6.19 31.40
C GLN E 139 28.34 6.50 30.13
N SER E 140 27.63 6.66 29.03
CA SER E 140 28.27 6.88 27.74
C SER E 140 28.78 8.31 27.59
N SER E 141 29.98 8.44 27.08
CA SER E 141 30.56 9.75 26.77
C SER E 141 29.79 10.44 25.63
N GLN E 142 29.01 9.69 24.88
CA GLN E 142 28.24 10.26 23.77
C GLN E 142 26.88 10.77 24.20
N HIS E 143 26.53 10.55 25.47
CA HIS E 143 25.21 10.93 25.96
C HIS E 143 24.76 12.32 25.51
N PRO E 144 25.61 13.35 25.64
CA PRO E 144 25.09 14.68 25.30
C PRO E 144 24.88 14.94 23.81
N TRP E 145 25.32 14.01 22.96
CA TRP E 145 25.13 14.12 21.51
C TRP E 145 24.03 13.18 21.02
N ILE E 146 23.69 12.18 21.83
CA ILE E 146 22.59 11.29 21.54
C ILE E 146 21.29 11.89 22.06
N TYR E 147 21.36 12.54 23.21
CA TYR E 147 20.18 13.11 23.84
C TYR E 147 20.27 14.60 24.10
N GLU E 148 19.12 15.24 24.14
CA GLU E 148 19.03 16.63 24.56
C GLU E 148 18.49 16.70 25.98
N LYS E 149 19.18 17.46 26.83
CA LYS E 149 18.62 17.96 28.08
C LYS E 149 19.07 17.17 29.32
N MET F 1 19.13 17.80 -12.55
CA MET F 1 19.85 19.01 -12.21
C MET F 1 19.27 19.76 -10.98
N GLU F 2 18.16 19.29 -10.46
CA GLU F 2 17.64 19.77 -9.18
C GLU F 2 18.73 19.64 -8.10
N SER F 3 18.79 20.58 -7.17
CA SER F 3 19.79 20.52 -6.12
CA SER F 3 19.79 20.59 -6.11
C SER F 3 19.17 20.75 -4.74
N THR F 4 19.82 20.19 -3.72
CA THR F 4 19.31 20.35 -2.36
C THR F 4 20.44 20.62 -1.36
N PHE F 5 20.09 21.21 -0.23
CA PHE F 5 21.06 21.45 0.83
C PHE F 5 20.89 20.42 1.95
N ILE F 6 21.99 19.75 2.27
CA ILE F 6 21.99 18.79 3.37
CA ILE F 6 22.01 18.77 3.36
C ILE F 6 23.07 19.16 4.37
N MET F 7 22.70 19.17 5.64
CA MET F 7 23.63 19.57 6.68
C MET F 7 23.71 18.50 7.76
N ILE F 8 24.92 18.05 8.05
CA ILE F 8 25.13 17.13 9.17
C ILE F 8 25.29 18.00 10.40
N LYS F 9 24.42 17.79 11.39
CA LYS F 9 24.42 18.62 12.58
C LYS F 9 25.57 18.25 13.51
N PRO F 10 25.84 19.08 14.53
CA PRO F 10 26.99 18.87 15.41
C PRO F 10 27.04 17.46 15.96
N ASP F 11 25.89 16.91 16.33
CA ASP F 11 25.81 15.56 16.86
C ASP F 11 26.25 14.49 15.84
N GLY F 12 26.00 14.74 14.55
CA GLY F 12 26.42 13.81 13.50
C GLY F 12 27.95 13.78 13.37
N VAL F 13 28.56 14.93 13.53
CA VAL F 13 30.02 15.04 13.48
C VAL F 13 30.65 14.40 14.71
N GLN F 14 30.09 14.69 15.89
CA GLN F 14 30.61 14.12 17.12
C GLN F 14 30.49 12.61 17.11
N ARG F 15 29.44 12.07 16.49
CA ARG F 15 29.20 10.63 16.53
CA ARG F 15 29.20 10.63 16.52
C ARG F 15 29.89 9.88 15.39
N GLY F 16 30.71 10.59 14.61
CA GLY F 16 31.53 9.95 13.60
C GLY F 16 30.73 9.40 12.44
N LEU F 17 29.71 10.14 12.03
CA LEU F 17 28.77 9.68 11.02
C LEU F 17 28.95 10.38 9.66
N ILE F 18 29.97 11.21 9.54
CA ILE F 18 30.13 12.03 8.35
C ILE F 18 30.27 11.18 7.08
N GLY F 19 31.22 10.25 7.07
CA GLY F 19 31.44 9.41 5.89
C GLY F 19 30.25 8.50 5.59
N GLU F 20 29.64 7.96 6.64
CA GLU F 20 28.52 7.07 6.48
C GLU F 20 27.37 7.80 5.79
N ILE F 21 27.13 9.05 6.21
CA ILE F 21 26.08 9.84 5.59
C ILE F 21 26.38 10.15 4.11
N ILE F 22 27.60 10.58 3.83
CA ILE F 22 27.98 10.89 2.44
C ILE F 22 27.84 9.67 1.54
N SER F 23 28.28 8.52 2.03
CA SER F 23 28.18 7.25 1.30
C SER F 23 26.77 6.93 0.84
N ARG F 24 25.79 7.15 1.71
CA ARG F 24 24.39 6.90 1.34
C ARG F 24 23.94 7.74 0.14
N PHE F 25 24.37 8.98 0.09
CA PHE F 25 24.02 9.83 -1.05
C PHE F 25 24.78 9.45 -2.32
N GLU F 26 26.05 9.10 -2.20
CA GLU F 26 26.85 8.65 -3.35
C GLU F 26 26.31 7.36 -3.95
N LYS F 27 25.95 6.40 -3.08
CA LYS F 27 25.49 5.10 -3.54
C LYS F 27 24.15 5.18 -4.25
N LYS F 28 23.33 6.15 -3.85
CA LYS F 28 22.02 6.35 -4.44
C LYS F 28 22.15 6.84 -5.88
N GLY F 29 23.30 7.42 -6.21
CA GLY F 29 23.53 7.96 -7.54
C GLY F 29 23.47 9.49 -7.63
N PHE F 30 23.41 10.18 -6.49
CA PHE F 30 23.40 11.64 -6.50
C PHE F 30 24.81 12.24 -6.60
N TYR F 31 24.91 13.49 -7.04
CA TYR F 31 26.21 14.11 -7.26
C TYR F 31 26.51 15.20 -6.21
N LEU F 32 27.61 15.02 -5.49
CA LEU F 32 28.05 16.01 -4.52
C LEU F 32 28.61 17.23 -5.23
N LYS F 33 28.02 18.40 -5.00
CA LYS F 33 28.40 19.62 -5.70
C LYS F 33 29.00 20.68 -4.77
N ALA F 34 28.95 20.43 -3.47
CA ALA F 34 29.53 21.36 -2.50
C ALA F 34 29.67 20.63 -1.18
N LEU F 35 30.74 20.93 -0.45
CA LEU F 35 31.03 20.23 0.80
C LEU F 35 32.03 21.02 1.64
N LYS F 36 31.71 21.25 2.91
CA LYS F 36 32.65 21.92 3.79
C LYS F 36 32.31 21.78 5.27
N LEU F 37 33.34 21.80 6.10
CA LEU F 37 33.20 21.68 7.54
C LEU F 37 33.22 23.11 8.09
N VAL F 38 32.23 23.49 8.89
CA VAL F 38 32.05 24.90 9.28
CA VAL F 38 32.13 24.89 9.30
C VAL F 38 31.72 25.10 10.75
N ASN F 39 32.32 26.12 11.37
CA ASN F 39 31.86 26.61 12.66
C ASN F 39 30.86 27.74 12.43
N VAL F 40 29.59 27.51 12.72
CA VAL F 40 28.58 28.53 12.47
C VAL F 40 28.55 29.60 13.57
N GLU F 41 28.44 30.85 13.15
CA GLU F 41 28.43 31.99 14.06
C GLU F 41 26.97 32.43 14.27
N ARG F 42 26.70 33.03 15.43
CA ARG F 42 25.30 33.34 15.79
C ARG F 42 24.49 34.04 14.69
N SER F 43 25.02 35.11 14.09
CA SER F 43 24.21 35.89 13.14
C SER F 43 23.86 35.08 11.89
N PHE F 44 24.74 34.17 11.50
CA PHE F 44 24.47 33.27 10.38
C PHE F 44 23.41 32.24 10.77
N ALA F 45 23.52 31.67 11.97
CA ALA F 45 22.50 30.75 12.47
C ALA F 45 21.12 31.39 12.44
N GLU F 46 21.06 32.66 12.82
CA GLU F 46 19.77 33.36 12.83
C GLU F 46 19.20 33.52 11.42
N LYS F 47 20.07 33.70 10.43
CA LYS F 47 19.62 33.74 9.03
C LYS F 47 19.10 32.39 8.55
N HIS F 48 19.86 31.33 8.82
CA HIS F 48 19.45 29.99 8.43
C HIS F 48 18.06 29.61 8.99
N TYR F 49 17.80 30.00 10.23
CA TYR F 49 16.52 29.66 10.86
C TYR F 49 15.54 30.84 10.81
N ALA F 50 15.83 31.84 9.97
CA ALA F 50 14.98 33.04 9.88
C ALA F 50 13.48 32.73 9.81
N ASP F 51 13.12 31.70 9.05
CA ASP F 51 11.72 31.30 8.92
C ASP F 51 11.05 30.94 10.24
N LEU F 52 11.83 30.71 11.30
CA LEU F 52 11.25 30.30 12.58
C LEU F 52 11.52 31.33 13.66
N ALA F 53 11.85 32.55 13.24
CA ALA F 53 12.23 33.61 14.17
C ALA F 53 11.15 33.94 15.21
N SER F 54 9.90 33.61 14.92
CA SER F 54 8.81 33.97 15.81
C SER F 54 8.44 32.80 16.71
N LYS F 55 9.04 31.65 16.43
CA LYS F 55 8.78 30.44 17.21
C LYS F 55 9.49 30.49 18.56
N PRO F 56 8.87 29.90 19.59
CA PRO F 56 9.46 29.93 20.94
C PRO F 56 10.77 29.15 21.02
N PHE F 57 10.94 28.17 20.12
CA PHE F 57 12.11 27.31 20.12
C PHE F 57 13.24 27.83 19.20
N PHE F 58 13.01 28.97 18.57
CA PHE F 58 13.98 29.59 17.68
C PHE F 58 15.36 29.75 18.33
N GLN F 59 15.40 30.38 19.50
CA GLN F 59 16.67 30.65 20.17
C GLN F 59 17.40 29.36 20.57
N GLY F 60 16.63 28.34 20.91
CA GLY F 60 17.20 27.03 21.22
C GLY F 60 17.92 26.45 20.00
N LEU F 61 17.28 26.55 18.84
CA LEU F 61 17.86 26.07 17.59
C LEU F 61 19.18 26.77 17.28
N VAL F 62 19.17 28.09 17.41
CA VAL F 62 20.35 28.92 17.19
C VAL F 62 21.49 28.53 18.15
N ASP F 63 21.15 28.40 19.42
CA ASP F 63 22.16 28.01 20.41
C ASP F 63 22.82 26.69 20.02
N TYR F 64 22.00 25.70 19.65
CA TYR F 64 22.55 24.38 19.34
C TYR F 64 23.48 24.36 18.12
N ILE F 65 23.07 25.01 17.04
CA ILE F 65 23.78 24.87 15.79
C ILE F 65 25.16 25.57 15.82
N ILE F 66 25.38 26.48 16.76
CA ILE F 66 26.69 27.10 16.92
C ILE F 66 27.54 26.43 18.00
N SER F 67 27.00 25.39 18.64
CA SER F 67 27.73 24.70 19.72
C SER F 67 28.85 23.76 19.23
N GLY F 68 28.82 23.43 17.94
CA GLY F 68 29.79 22.52 17.36
C GLY F 68 29.77 22.63 15.86
N PRO F 69 30.84 22.17 15.19
CA PRO F 69 30.91 22.28 13.73
C PRO F 69 29.86 21.43 13.03
N VAL F 70 29.49 21.86 11.83
CA VAL F 70 28.53 21.12 11.01
C VAL F 70 29.19 20.84 9.67
N VAL F 71 28.62 19.89 8.93
CA VAL F 71 29.05 19.64 7.56
C VAL F 71 27.96 20.10 6.61
N ALA F 72 28.26 21.13 5.81
CA ALA F 72 27.32 21.67 4.84
C ALA F 72 27.58 21.05 3.47
N MET F 73 26.51 20.67 2.77
CA MET F 73 26.64 19.97 1.49
C MET F 73 25.54 20.38 0.54
N VAL F 74 25.86 20.30 -0.76
CA VAL F 74 24.86 20.39 -1.79
C VAL F 74 24.91 19.12 -2.64
N TRP F 75 23.75 18.54 -2.90
CA TRP F 75 23.66 17.36 -3.75
C TRP F 75 22.72 17.62 -4.90
N GLU F 76 23.02 17.01 -6.04
CA GLU F 76 22.26 17.23 -7.25
C GLU F 76 21.79 15.92 -7.85
N GLY F 77 20.55 15.93 -8.33
CA GLY F 77 20.02 14.80 -9.08
C GLY F 77 18.52 14.91 -9.21
N LYS F 78 17.92 13.95 -9.88
CA LYS F 78 16.48 13.95 -10.08
C LYS F 78 15.76 13.89 -8.72
N SER F 79 14.84 14.82 -8.50
CA SER F 79 14.06 14.86 -7.26
C SER F 79 14.89 14.71 -6.00
N VAL F 80 16.10 15.27 -6.02
CA VAL F 80 17.03 15.11 -4.91
C VAL F 80 16.53 15.79 -3.61
N VAL F 81 15.67 16.80 -3.75
CA VAL F 81 15.14 17.45 -2.55
C VAL F 81 14.27 16.50 -1.72
N THR F 82 13.22 15.98 -2.35
CA THR F 82 12.33 15.05 -1.68
CA THR F 82 12.32 15.04 -1.68
C THR F 82 13.05 13.72 -1.36
N THR F 83 13.87 13.26 -2.28
CA THR F 83 14.61 12.00 -2.08
C THR F 83 15.62 12.13 -0.93
N GLY F 84 16.28 13.27 -0.86
CA GLY F 84 17.14 13.59 0.25
C GLY F 84 16.41 13.42 1.57
N ARG F 85 15.21 13.98 1.67
CA ARG F 85 14.44 13.85 2.91
CA ARG F 85 14.39 13.87 2.90
C ARG F 85 13.94 12.42 3.15
N LYS F 86 13.71 11.69 2.08
CA LYS F 86 13.34 10.28 2.22
C LYS F 86 14.51 9.47 2.80
N ILE F 87 15.72 9.75 2.33
CA ILE F 87 16.91 9.04 2.81
C ILE F 87 17.15 9.37 4.29
N ILE F 88 16.88 10.62 4.66
CA ILE F 88 17.10 11.10 6.01
C ILE F 88 16.09 10.52 7.00
N GLY F 89 14.84 10.40 6.56
CA GLY F 89 13.83 9.78 7.41
C GLY F 89 13.05 10.81 8.22
N ALA F 90 12.03 10.32 8.92
CA ALA F 90 11.08 11.18 9.62
C ALA F 90 11.77 12.10 10.62
N THR F 91 11.19 13.28 10.79
CA THR F 91 11.75 14.28 11.71
C THR F 91 11.90 13.73 13.12
N ASN F 92 10.84 13.10 13.62
CA ASN F 92 10.89 12.46 14.93
C ASN F 92 11.41 11.04 14.87
N PRO F 93 12.55 10.78 15.54
CA PRO F 93 13.17 9.44 15.49
C PRO F 93 12.30 8.34 16.09
N LEU F 94 11.20 8.71 16.73
CA LEU F 94 10.23 7.70 17.13
C LEU F 94 9.56 7.13 15.89
N ALA F 95 9.47 7.93 14.84
CA ALA F 95 8.80 7.48 13.62
C ALA F 95 9.78 7.04 12.52
N SER F 96 11.04 7.46 12.61
CA SER F 96 11.98 7.20 11.51
C SER F 96 12.16 5.70 11.26
N GLU F 97 12.02 5.29 10.00
CA GLU F 97 12.11 3.88 9.65
C GLU F 97 13.55 3.38 9.55
N PRO F 98 13.80 2.18 10.10
CA PRO F 98 15.11 1.58 9.88
C PRO F 98 15.45 1.61 8.39
N GLY F 99 16.70 1.92 8.05
CA GLY F 99 17.09 2.03 6.65
C GLY F 99 17.37 3.48 6.25
N THR F 100 16.70 4.41 6.93
CA THR F 100 16.97 5.82 6.78
C THR F 100 18.04 6.24 7.78
N ILE F 101 18.63 7.41 7.55
CA ILE F 101 19.72 7.89 8.41
C ILE F 101 19.24 8.05 9.86
N ARG F 102 18.14 8.75 10.08
CA ARG F 102 17.62 8.88 11.42
CA ARG F 102 17.60 8.89 11.42
C ARG F 102 17.10 7.54 11.93
N GLY F 103 16.56 6.72 11.04
CA GLY F 103 16.07 5.41 11.42
C GLY F 103 17.17 4.57 12.04
N ASP F 104 18.37 4.67 11.49
CA ASP F 104 19.49 3.83 11.90
C ASP F 104 20.29 4.45 13.06
N PHE F 105 20.26 5.77 13.17
CA PHE F 105 21.20 6.47 14.06
C PHE F 105 20.65 7.36 15.18
N ALA F 106 19.41 7.81 15.07
CA ALA F 106 18.89 8.83 15.98
C ALA F 106 17.80 8.28 16.90
N VAL F 107 17.74 8.81 18.12
CA VAL F 107 16.68 8.43 19.06
C VAL F 107 16.00 9.63 19.71
N ASP F 108 16.54 10.83 19.46
CA ASP F 108 16.03 12.05 20.09
C ASP F 108 15.83 13.14 19.04
N ILE F 109 14.62 13.69 18.98
CA ILE F 109 14.31 14.72 18.00
C ILE F 109 15.26 15.89 18.08
N GLY F 110 15.76 16.16 19.29
CA GLY F 110 16.68 17.27 19.50
C GLY F 110 18.11 16.94 19.09
N ARG F 111 18.36 15.67 18.78
CA ARG F 111 19.67 15.23 18.32
C ARG F 111 19.41 14.35 17.12
N ASN F 112 18.92 14.97 16.06
CA ASN F 112 18.46 14.21 14.90
C ASN F 112 19.47 14.18 13.75
N VAL F 113 20.72 14.43 14.09
CA VAL F 113 21.88 14.10 13.23
C VAL F 113 22.05 14.94 11.97
N ILE F 114 20.96 15.20 11.26
CA ILE F 114 21.05 15.81 9.94
CA ILE F 114 21.06 15.78 9.93
C ILE F 114 19.81 16.61 9.59
N HIS F 115 19.95 17.52 8.62
CA HIS F 115 18.88 18.32 8.10
C HIS F 115 18.96 18.28 6.57
N GLY F 116 17.80 18.24 5.89
CA GLY F 116 17.75 18.45 4.46
C GLY F 116 16.67 19.44 4.09
N SER F 117 16.86 20.20 3.01
CA SER F 117 15.86 21.16 2.52
C SER F 117 14.48 20.53 2.37
N ASP F 118 13.41 21.23 2.78
CA ASP F 118 12.06 20.65 2.75
C ASP F 118 11.31 20.91 1.46
N SER F 119 11.87 21.78 0.63
CA SER F 119 11.26 22.15 -0.66
C SER F 119 12.31 22.72 -1.58
N ILE F 120 11.97 22.78 -2.87
CA ILE F 120 12.83 23.43 -3.85
C ILE F 120 13.04 24.89 -3.49
N GLU F 121 11.98 25.54 -3.00
CA GLU F 121 12.09 26.93 -2.57
C GLU F 121 13.11 27.07 -1.43
N SER F 122 12.95 26.27 -0.38
CA SER F 122 13.89 26.29 0.73
C SER F 122 15.31 25.90 0.29
N ALA F 123 15.42 24.91 -0.60
CA ALA F 123 16.74 24.46 -1.03
C ALA F 123 17.50 25.60 -1.72
N ASN F 124 16.81 26.34 -2.58
CA ASN F 124 17.44 27.47 -3.25
C ASN F 124 17.93 28.53 -2.29
N LYS F 125 17.11 28.84 -1.29
CA LYS F 125 17.47 29.85 -0.30
C LYS F 125 18.67 29.38 0.54
N GLU F 126 18.62 28.12 0.96
CA GLU F 126 19.69 27.51 1.75
C GLU F 126 21.01 27.42 1.00
N ILE F 127 20.95 27.00 -0.27
CA ILE F 127 22.16 26.93 -1.10
C ILE F 127 22.76 28.32 -1.29
N ALA F 128 21.92 29.31 -1.54
CA ALA F 128 22.39 30.69 -1.70
C ALA F 128 23.08 31.21 -0.42
N LEU F 129 22.50 30.87 0.74
CA LEU F 129 23.02 31.31 2.04
C LEU F 129 24.31 30.62 2.45
N TRP F 130 24.36 29.29 2.31
CA TRP F 130 25.52 28.54 2.79
C TRP F 130 26.64 28.51 1.75
N PHE F 131 26.29 28.52 0.48
CA PHE F 131 27.28 28.47 -0.60
C PHE F 131 27.17 29.62 -1.60
N PRO F 132 27.33 30.87 -1.12
CA PRO F 132 27.36 32.01 -2.04
C PRO F 132 28.48 31.86 -3.04
N GLU F 133 29.57 31.19 -2.64
CA GLU F 133 30.73 31.00 -3.49
C GLU F 133 30.47 30.10 -4.68
N GLY F 134 29.32 29.42 -4.68
CA GLY F 134 28.95 28.56 -5.78
C GLY F 134 29.29 27.09 -5.61
N LEU F 135 28.99 26.31 -6.65
CA LEU F 135 29.13 24.86 -6.61
C LEU F 135 30.32 24.39 -7.44
N ALA F 136 30.83 23.21 -7.13
CA ALA F 136 31.88 22.60 -7.96
C ALA F 136 31.23 22.05 -9.20
N ASP F 137 31.85 22.21 -10.37
CA ASP F 137 31.25 21.61 -11.54
C ASP F 137 32.02 20.38 -12.02
N TRP F 138 31.25 19.36 -12.37
CA TRP F 138 31.84 18.14 -12.90
C TRP F 138 30.73 17.28 -13.44
N GLN F 139 31.11 16.35 -14.32
CA GLN F 139 30.16 15.44 -14.92
C GLN F 139 30.59 14.03 -14.56
N SER F 140 29.67 13.26 -13.98
CA SER F 140 29.97 11.90 -13.58
C SER F 140 30.05 10.96 -14.78
N SER F 141 31.08 10.12 -14.78
CA SER F 141 31.25 9.12 -15.82
C SER F 141 30.12 8.10 -15.77
N GLN F 142 29.42 8.06 -14.65
CA GLN F 142 28.32 7.10 -14.45
C GLN F 142 26.99 7.59 -14.99
N HIS F 143 26.94 8.85 -15.40
CA HIS F 143 25.67 9.49 -15.76
C HIS F 143 24.78 8.65 -16.69
N PRO F 144 25.38 8.05 -17.73
CA PRO F 144 24.48 7.31 -18.64
C PRO F 144 23.98 6.01 -18.04
N TRP F 145 24.53 5.59 -16.91
CA TRP F 145 24.04 4.37 -16.25
C TRP F 145 23.08 4.66 -15.09
N ILE F 146 23.14 5.89 -14.59
CA ILE F 146 22.22 6.35 -13.56
C ILE F 146 20.94 6.91 -14.19
N TYR F 147 21.07 7.56 -15.35
CA TYR F 147 19.94 8.24 -16.01
C TYR F 147 19.71 7.71 -17.42
N GLU F 148 18.45 7.54 -17.79
CA GLU F 148 18.12 7.19 -19.17
C GLU F 148 18.23 8.42 -20.07
N LYS F 149 18.95 8.27 -21.17
CA LYS F 149 19.16 9.37 -22.12
C LYS F 149 20.17 10.39 -21.57
N MET G 1 -48.18 4.85 16.84
CA MET G 1 -49.35 5.52 16.28
C MET G 1 -49.24 7.05 16.25
N GLU G 2 -48.18 7.59 16.86
CA GLU G 2 -47.88 9.01 16.72
C GLU G 2 -47.74 9.37 15.23
N SER G 3 -48.12 10.58 14.87
CA SER G 3 -48.02 10.98 13.47
C SER G 3 -47.43 12.38 13.29
N THR G 4 -46.84 12.63 12.13
CA THR G 4 -46.22 13.90 11.81
C THR G 4 -46.53 14.35 10.38
N PHE G 5 -46.35 15.65 10.13
CA PHE G 5 -46.61 16.24 8.83
C PHE G 5 -45.29 16.49 8.13
N ILE G 6 -45.15 15.93 6.94
CA ILE G 6 -43.95 16.09 6.13
CA ILE G 6 -43.93 16.07 6.14
C ILE G 6 -44.34 16.66 4.77
N MET G 7 -43.71 17.74 4.37
CA MET G 7 -44.06 18.38 3.12
C MET G 7 -42.81 18.56 2.25
N ILE G 8 -42.88 18.08 1.01
CA ILE G 8 -41.81 18.31 0.05
C ILE G 8 -42.06 19.66 -0.61
N LYS G 9 -41.10 20.57 -0.45
CA LYS G 9 -41.26 21.94 -0.93
C LYS G 9 -41.16 22.05 -2.44
N PRO G 10 -41.51 23.21 -2.99
CA PRO G 10 -41.52 23.30 -4.46
C PRO G 10 -40.20 22.84 -5.09
N ASP G 11 -39.06 23.16 -4.48
CA ASP G 11 -37.77 22.76 -5.04
C ASP G 11 -37.54 21.24 -5.01
N GLY G 12 -38.10 20.56 -4.02
CA GLY G 12 -38.03 19.11 -4.00
C GLY G 12 -38.74 18.50 -5.20
N VAL G 13 -39.87 19.09 -5.59
CA VAL G 13 -40.61 18.64 -6.78
C VAL G 13 -39.82 18.94 -8.06
N GLN G 14 -39.39 20.20 -8.21
CA GLN G 14 -38.63 20.61 -9.39
C GLN G 14 -37.36 19.77 -9.57
N ARG G 15 -36.72 19.39 -8.48
CA ARG G 15 -35.45 18.66 -8.58
CA ARG G 15 -35.45 18.66 -8.59
C ARG G 15 -35.62 17.14 -8.66
N GLY G 16 -36.86 16.68 -8.78
CA GLY G 16 -37.12 15.27 -9.00
C GLY G 16 -36.78 14.39 -7.82
N LEU G 17 -37.01 14.90 -6.62
CA LEU G 17 -36.65 14.21 -5.39
C LEU G 17 -37.83 13.53 -4.70
N ILE G 18 -39.02 13.61 -5.30
CA ILE G 18 -40.24 13.11 -4.64
C ILE G 18 -40.14 11.65 -4.21
N GLY G 19 -39.85 10.76 -5.16
CA GLY G 19 -39.77 9.33 -4.89
C GLY G 19 -38.66 9.01 -3.89
N GLU G 20 -37.50 9.65 -4.06
CA GLU G 20 -36.36 9.41 -3.17
CA GLU G 20 -36.37 9.41 -3.17
C GLU G 20 -36.73 9.75 -1.73
N ILE G 21 -37.40 10.87 -1.54
CA ILE G 21 -37.81 11.27 -0.21
C ILE G 21 -38.81 10.27 0.39
N ILE G 22 -39.82 9.89 -0.39
CA ILE G 22 -40.78 8.90 0.08
C ILE G 22 -40.11 7.56 0.45
N SER G 23 -39.21 7.08 -0.39
CA SER G 23 -38.47 5.84 -0.11
C SER G 23 -37.76 5.84 1.24
N ARG G 24 -37.15 6.96 1.61
CA ARG G 24 -36.45 7.04 2.89
C ARG G 24 -37.37 6.77 4.06
N PHE G 25 -38.55 7.38 4.03
CA PHE G 25 -39.55 7.16 5.07
C PHE G 25 -40.11 5.75 5.05
N GLU G 26 -40.37 5.21 3.86
CA GLU G 26 -40.84 3.82 3.72
C GLU G 26 -39.79 2.85 4.26
N LYS G 27 -38.55 3.00 3.81
CA LYS G 27 -37.49 2.09 4.20
C LYS G 27 -37.23 2.11 5.70
N LYS G 28 -37.47 3.26 6.31
CA LYS G 28 -37.26 3.41 7.75
C LYS G 28 -38.27 2.61 8.56
N GLY G 29 -39.40 2.27 7.95
CA GLY G 29 -40.45 1.54 8.64
C GLY G 29 -41.68 2.37 8.98
N PHE G 30 -41.72 3.61 8.53
CA PHE G 30 -42.87 4.46 8.81
C PHE G 30 -44.01 4.20 7.83
N TYR G 31 -45.24 4.55 8.25
CA TYR G 31 -46.44 4.27 7.46
C TYR G 31 -47.02 5.56 6.88
N LEU G 32 -47.09 5.64 5.55
CA LEU G 32 -47.69 6.80 4.89
C LEU G 32 -49.20 6.74 5.09
N LYS G 33 -49.78 7.75 5.72
CA LYS G 33 -51.21 7.75 6.03
C LYS G 33 -51.98 8.83 5.28
N ALA G 34 -51.26 9.67 4.55
CA ALA G 34 -51.91 10.69 3.73
C ALA G 34 -50.90 11.22 2.74
N LEU G 35 -51.37 11.55 1.55
CA LEU G 35 -50.47 11.99 0.49
C LEU G 35 -51.22 12.79 -0.56
N LYS G 36 -50.71 13.97 -0.90
CA LYS G 36 -51.22 14.69 -2.06
C LYS G 36 -50.26 15.69 -2.67
N LEU G 37 -50.39 15.86 -3.99
CA LEU G 37 -49.67 16.88 -4.74
CA LEU G 37 -49.66 16.88 -4.72
C LEU G 37 -50.60 18.05 -4.94
N VAL G 38 -50.26 19.22 -4.40
CA VAL G 38 -51.17 20.35 -4.51
C VAL G 38 -50.48 21.68 -4.74
N ASN G 39 -51.18 22.59 -5.40
CA ASN G 39 -50.78 24.00 -5.42
C ASN G 39 -51.38 24.67 -4.20
N VAL G 40 -50.57 25.47 -3.52
CA VAL G 40 -51.00 26.19 -2.32
C VAL G 40 -51.32 27.63 -2.68
N GLU G 41 -52.45 28.15 -2.20
CA GLU G 41 -52.85 29.54 -2.46
C GLU G 41 -52.34 30.45 -1.32
N ARG G 42 -52.20 31.75 -1.59
CA ARG G 42 -51.59 32.67 -0.61
C ARG G 42 -52.22 32.66 0.80
N SER G 43 -53.55 32.72 0.88
CA SER G 43 -54.21 32.79 2.18
C SER G 43 -53.95 31.55 3.01
N PHE G 44 -53.92 30.40 2.35
CA PHE G 44 -53.62 29.16 3.05
C PHE G 44 -52.15 29.18 3.48
N ALA G 45 -51.27 29.67 2.61
CA ALA G 45 -49.85 29.78 2.97
C ALA G 45 -49.68 30.63 4.23
N GLU G 46 -50.37 31.76 4.29
CA GLU G 46 -50.29 32.61 5.46
C GLU G 46 -50.75 31.88 6.74
N LYS G 47 -51.75 31.00 6.62
CA LYS G 47 -52.22 30.21 7.77
C LYS G 47 -51.16 29.22 8.25
N HIS G 48 -50.48 28.61 7.30
CA HIS G 48 -49.44 27.63 7.60
C HIS G 48 -48.24 28.28 8.28
N TYR G 49 -47.87 29.48 7.83
CA TYR G 49 -46.76 30.22 8.43
C TYR G 49 -47.23 31.25 9.46
N ALA G 50 -48.43 31.03 10.00
CA ALA G 50 -49.05 31.95 10.95
C ALA G 50 -48.12 32.35 12.08
N ASP G 51 -47.45 31.36 12.66
CA ASP G 51 -46.52 31.57 13.76
C ASP G 51 -45.40 32.56 13.44
N LEU G 52 -45.21 32.87 12.16
CA LEU G 52 -44.11 33.74 11.76
C LEU G 52 -44.61 35.04 11.13
N ALA G 53 -45.89 35.33 11.29
CA ALA G 53 -46.49 36.51 10.67
C ALA G 53 -45.77 37.82 11.03
N SER G 54 -45.14 37.83 12.21
CA SER G 54 -44.48 39.03 12.74
C SER G 54 -42.97 39.03 12.51
N LYS G 55 -42.55 38.48 11.38
CA LYS G 55 -41.14 38.41 11.04
C LYS G 55 -40.89 39.07 9.68
N PRO G 56 -39.67 39.58 9.47
CA PRO G 56 -39.34 40.24 8.21
C PRO G 56 -39.31 39.28 7.03
N PHE G 57 -39.09 37.99 7.31
CA PHE G 57 -38.99 37.02 6.23
C PHE G 57 -40.32 36.31 5.93
N PHE G 58 -41.37 36.71 6.64
CA PHE G 58 -42.68 36.09 6.49
C PHE G 58 -43.16 36.09 5.05
N GLN G 59 -43.18 37.27 4.43
CA GLN G 59 -43.65 37.39 3.06
C GLN G 59 -42.81 36.59 2.06
N GLY G 60 -41.54 36.39 2.38
CA GLY G 60 -40.68 35.56 1.55
C GLY G 60 -41.08 34.09 1.60
N LEU G 61 -41.39 33.60 2.78
CA LEU G 61 -41.83 32.22 2.97
C LEU G 61 -43.13 31.98 2.21
N VAL G 62 -44.09 32.88 2.40
CA VAL G 62 -45.37 32.82 1.70
C VAL G 62 -45.18 32.84 0.19
N ASP G 63 -44.43 33.81 -0.31
CA ASP G 63 -44.20 33.96 -1.75
C ASP G 63 -43.62 32.68 -2.36
N TYR G 64 -42.71 32.03 -1.64
CA TYR G 64 -42.04 30.87 -2.19
C TYR G 64 -42.93 29.62 -2.24
N ILE G 65 -43.61 29.33 -1.14
CA ILE G 65 -44.37 28.08 -1.04
C ILE G 65 -45.52 28.08 -2.04
N ILE G 66 -45.85 29.27 -2.55
CA ILE G 66 -46.93 29.47 -3.50
CA ILE G 66 -46.94 29.41 -3.51
C ILE G 66 -46.44 29.32 -4.95
N SER G 67 -45.12 29.28 -5.13
CA SER G 67 -44.52 29.35 -6.46
C SER G 67 -44.49 28.04 -7.25
N GLY G 68 -44.83 26.93 -6.59
CA GLY G 68 -44.90 25.64 -7.25
C GLY G 68 -45.62 24.66 -6.35
N PRO G 69 -46.05 23.52 -6.91
CA PRO G 69 -46.76 22.56 -6.08
C PRO G 69 -45.88 21.96 -5.00
N VAL G 70 -46.50 21.51 -3.91
CA VAL G 70 -45.82 20.78 -2.86
C VAL G 70 -46.42 19.41 -2.76
N VAL G 71 -45.69 18.49 -2.13
CA VAL G 71 -46.25 17.21 -1.76
C VAL G 71 -46.47 17.14 -0.25
N ALA G 72 -47.74 17.18 0.16
CA ALA G 72 -48.14 17.11 1.55
C ALA G 72 -48.30 15.65 1.99
N MET G 73 -47.76 15.30 3.16
CA MET G 73 -47.84 13.93 3.65
C MET G 73 -48.06 13.82 5.14
N VAL G 74 -48.68 12.72 5.56
CA VAL G 74 -48.73 12.36 6.97
C VAL G 74 -48.04 11.02 7.13
N TRP G 75 -47.11 10.94 8.07
CA TRP G 75 -46.43 9.67 8.33
C TRP G 75 -46.69 9.24 9.77
N GLU G 76 -46.89 7.95 9.97
CA GLU G 76 -47.17 7.41 11.29
CA GLU G 76 -47.18 7.42 11.30
C GLU G 76 -46.12 6.42 11.77
N GLY G 77 -45.75 6.53 13.04
CA GLY G 77 -44.86 5.54 13.63
C GLY G 77 -44.38 5.99 14.98
N LYS G 78 -43.73 5.08 15.71
CA LYS G 78 -43.17 5.43 17.01
C LYS G 78 -42.13 6.53 16.87
N SER G 79 -42.31 7.61 17.62
CA SER G 79 -41.38 8.73 17.61
C SER G 79 -41.20 9.36 16.23
N VAL G 80 -42.23 9.29 15.39
CA VAL G 80 -42.09 9.74 14.00
C VAL G 80 -41.81 11.26 13.89
N VAL G 81 -42.30 12.02 14.86
CA VAL G 81 -42.07 13.47 14.85
C VAL G 81 -40.57 13.80 14.98
N THR G 82 -39.95 13.32 16.04
CA THR G 82 -38.53 13.54 16.28
CA THR G 82 -38.53 13.57 16.27
C THR G 82 -37.66 12.81 15.26
N THR G 83 -37.99 11.56 14.99
CA THR G 83 -37.21 10.74 14.07
C THR G 83 -37.36 11.27 12.63
N GLY G 84 -38.54 11.78 12.32
CA GLY G 84 -38.73 12.49 11.07
C GLY G 84 -37.77 13.66 10.92
N ARG G 85 -37.64 14.49 11.96
CA ARG G 85 -36.69 15.61 11.88
CA ARG G 85 -36.70 15.62 11.92
C ARG G 85 -35.26 15.12 11.72
N LYS G 86 -34.95 13.99 12.33
CA LYS G 86 -33.59 13.44 12.23
C LYS G 86 -33.23 13.04 10.80
N ILE G 87 -34.15 12.33 10.15
CA ILE G 87 -33.98 11.88 8.77
C ILE G 87 -33.83 13.07 7.83
N ILE G 88 -34.57 14.12 8.11
CA ILE G 88 -34.50 15.37 7.34
C ILE G 88 -33.16 16.12 7.49
N GLY G 89 -32.63 16.15 8.71
CA GLY G 89 -31.36 16.81 8.96
C GLY G 89 -31.50 18.26 9.39
N ALA G 90 -30.38 18.89 9.75
CA ALA G 90 -30.37 20.23 10.34
C ALA G 90 -31.01 21.26 9.44
N THR G 91 -31.63 22.28 10.05
CA THR G 91 -32.34 23.31 9.31
C THR G 91 -31.49 23.94 8.23
N ASN G 92 -30.32 24.41 8.64
CA ASN G 92 -29.38 24.98 7.69
C ASN G 92 -28.61 23.87 7.01
N PRO G 93 -28.87 23.65 5.71
CA PRO G 93 -28.18 22.62 4.93
C PRO G 93 -26.66 22.69 5.11
N LEU G 94 -26.15 23.83 5.54
CA LEU G 94 -24.72 23.98 5.80
C LEU G 94 -24.26 23.09 6.96
N ALA G 95 -25.19 22.78 7.86
CA ALA G 95 -24.92 21.93 9.02
C ALA G 95 -25.46 20.51 8.84
N SER G 96 -26.34 20.30 7.88
CA SER G 96 -27.00 19.00 7.72
C SER G 96 -25.98 17.90 7.44
N GLU G 97 -26.08 16.80 8.17
CA GLU G 97 -25.12 15.68 8.02
C GLU G 97 -25.40 14.84 6.77
N PRO G 98 -24.34 14.45 6.05
CA PRO G 98 -24.52 13.50 4.95
C PRO G 98 -25.26 12.26 5.44
N GLY G 99 -26.21 11.74 4.67
CA GLY G 99 -27.02 10.63 5.13
C GLY G 99 -28.45 11.08 5.42
N THR G 100 -28.60 12.35 5.79
CA THR G 100 -29.92 12.94 5.97
C THR G 100 -30.40 13.50 4.64
N ILE G 101 -31.68 13.85 4.57
CA ILE G 101 -32.25 14.36 3.32
C ILE G 101 -31.62 15.70 2.90
N ARG G 102 -31.58 16.67 3.82
CA ARG G 102 -30.92 17.93 3.51
CA ARG G 102 -30.91 17.94 3.51
C ARG G 102 -29.40 17.75 3.37
N GLY G 103 -28.85 16.81 4.12
CA GLY G 103 -27.44 16.49 4.01
C GLY G 103 -27.04 16.04 2.62
N ASP G 104 -27.87 15.21 1.99
CA ASP G 104 -27.57 14.66 0.68
C ASP G 104 -28.01 15.55 -0.49
N PHE G 105 -29.01 16.40 -0.27
CA PHE G 105 -29.66 17.09 -1.40
C PHE G 105 -29.69 18.63 -1.39
N ALA G 106 -29.48 19.25 -0.23
CA ALA G 106 -29.67 20.70 -0.10
C ALA G 106 -28.40 21.48 0.17
N VAL G 107 -28.38 22.74 -0.28
CA VAL G 107 -27.22 23.60 -0.08
CA VAL G 107 -27.22 23.59 -0.07
C VAL G 107 -27.60 24.94 0.52
N ASP G 108 -28.81 25.39 0.22
CA ASP G 108 -29.25 26.71 0.63
C ASP G 108 -30.42 26.61 1.62
N ILE G 109 -30.33 27.33 2.72
CA ILE G 109 -31.38 27.30 3.72
C ILE G 109 -32.74 27.72 3.14
N GLY G 110 -32.72 28.61 2.14
CA GLY G 110 -33.95 29.05 1.51
C GLY G 110 -34.49 28.07 0.48
N ARG G 111 -33.69 27.06 0.15
CA ARG G 111 -34.13 26.01 -0.74
C ARG G 111 -33.80 24.68 -0.08
N ASN G 112 -34.43 24.43 1.06
CA ASN G 112 -34.04 23.27 1.88
C ASN G 112 -34.90 22.01 1.70
N VAL G 113 -35.55 21.93 0.54
CA VAL G 113 -36.13 20.68 0.01
C VAL G 113 -37.41 20.20 0.70
N ILE G 114 -37.46 20.28 2.02
CA ILE G 114 -38.47 19.54 2.77
C ILE G 114 -38.76 20.19 4.14
N HIS G 115 -39.95 19.93 4.67
CA HIS G 115 -40.34 20.36 6.01
C HIS G 115 -40.93 19.18 6.79
N GLY G 116 -40.61 19.11 8.09
CA GLY G 116 -41.23 18.15 8.99
C GLY G 116 -41.67 18.86 10.26
N SER G 117 -42.81 18.48 10.83
CA SER G 117 -43.29 19.06 12.09
C SER G 117 -42.19 19.07 13.16
N ASP G 118 -42.09 20.15 13.90
CA ASP G 118 -41.00 20.27 14.88
C ASP G 118 -41.38 19.71 16.24
N SER G 119 -42.67 19.45 16.46
CA SER G 119 -43.13 18.91 17.73
C SER G 119 -44.47 18.19 17.55
N ILE G 120 -44.87 17.44 18.56
CA ILE G 120 -46.16 16.77 18.53
C ILE G 120 -47.28 17.80 18.42
N GLU G 121 -47.15 18.89 19.19
CA GLU G 121 -48.12 19.97 19.13
C GLU G 121 -48.21 20.59 17.73
N SER G 122 -47.07 20.86 17.12
CA SER G 122 -47.05 21.38 15.75
C SER G 122 -47.59 20.35 14.74
N ALA G 123 -47.20 19.09 14.89
CA ALA G 123 -47.70 18.05 13.99
C ALA G 123 -49.23 18.01 14.01
N ASN G 124 -49.81 17.99 15.21
CA ASN G 124 -51.26 17.96 15.33
C ASN G 124 -51.94 19.15 14.66
N LYS G 125 -51.35 20.33 14.87
CA LYS G 125 -51.85 21.54 14.23
C LYS G 125 -51.71 21.46 12.70
N GLU G 126 -50.55 21.04 12.21
CA GLU G 126 -50.29 20.99 10.79
C GLU G 126 -51.17 19.96 10.06
N ILE G 127 -51.28 18.78 10.65
CA ILE G 127 -52.15 17.75 10.09
C ILE G 127 -53.60 18.21 10.02
N ALA G 128 -54.05 18.98 11.02
CA ALA G 128 -55.42 19.50 11.01
C ALA G 128 -55.61 20.51 9.90
N LEU G 129 -54.58 21.32 9.63
CA LEU G 129 -54.69 22.37 8.63
C LEU G 129 -54.62 21.81 7.22
N TRP G 130 -53.70 20.86 7.01
CA TRP G 130 -53.43 20.35 5.66
C TRP G 130 -54.34 19.19 5.29
N PHE G 131 -54.80 18.44 6.29
CA PHE G 131 -55.62 17.25 6.05
C PHE G 131 -56.91 17.22 6.90
N PRO G 132 -57.73 18.28 6.80
CA PRO G 132 -59.01 18.29 7.52
C PRO G 132 -59.93 17.16 7.02
N GLU G 133 -59.70 16.70 5.80
CA GLU G 133 -60.45 15.58 5.25
C GLU G 133 -60.01 14.21 5.81
N GLY G 134 -59.01 14.19 6.67
CA GLY G 134 -58.60 12.96 7.34
C GLY G 134 -57.56 12.12 6.62
N LEU G 135 -57.26 10.96 7.19
CA LEU G 135 -56.18 10.09 6.71
C LEU G 135 -56.72 8.86 6.04
N ALA G 136 -55.87 8.21 5.24
CA ALA G 136 -56.19 6.92 4.65
C ALA G 136 -55.59 5.81 5.48
N ASP G 137 -56.39 5.18 6.34
CA ASP G 137 -55.85 4.18 7.25
C ASP G 137 -55.63 2.78 6.63
N TRP G 138 -54.65 2.06 7.17
CA TRP G 138 -54.33 0.69 6.78
C TRP G 138 -53.38 0.09 7.82
N GLN G 139 -53.18 -1.21 7.76
CA GLN G 139 -52.24 -1.87 8.66
C GLN G 139 -51.25 -2.63 7.82
N SER G 140 -49.98 -2.44 8.12
CA SER G 140 -48.90 -3.08 7.39
C SER G 140 -48.72 -4.52 7.84
N SER G 141 -48.61 -5.44 6.87
CA SER G 141 -48.26 -6.81 7.16
C SER G 141 -46.87 -6.93 7.78
N GLN G 142 -46.07 -5.88 7.66
CA GLN G 142 -44.71 -5.91 8.21
C GLN G 142 -44.71 -5.47 9.67
N HIS G 143 -45.86 -5.04 10.18
CA HIS G 143 -45.94 -4.48 11.53
C HIS G 143 -45.25 -5.34 12.61
N PRO G 144 -45.48 -6.65 12.59
CA PRO G 144 -44.87 -7.44 13.66
C PRO G 144 -43.34 -7.56 13.55
N TRP G 145 -42.79 -7.14 12.41
CA TRP G 145 -41.33 -7.15 12.23
C TRP G 145 -40.70 -5.78 12.38
N ILE G 146 -41.52 -4.75 12.28
CA ILE G 146 -41.06 -3.38 12.50
C ILE G 146 -41.13 -3.05 14.00
N TYR G 147 -42.15 -3.59 14.66
CA TYR G 147 -42.39 -3.28 16.06
C TYR G 147 -42.44 -4.53 16.92
N GLU G 148 -42.02 -4.37 18.17
CA GLU G 148 -42.12 -5.41 19.18
C GLU G 148 -43.46 -5.30 19.86
N LYS G 149 -44.23 -6.39 19.82
CA LYS G 149 -45.53 -6.47 20.51
C LYS G 149 -46.47 -5.33 20.13
N MET H 1 -8.92 -5.19 -25.50
CA MET H 1 -8.19 -3.94 -25.70
C MET H 1 -8.94 -2.97 -26.61
N GLU H 2 -10.06 -3.43 -27.16
CA GLU H 2 -10.95 -2.58 -27.94
C GLU H 2 -11.32 -1.34 -27.15
N SER H 3 -11.47 -0.21 -27.83
CA SER H 3 -11.87 1.03 -27.18
C SER H 3 -13.00 1.74 -27.91
N THR H 4 -13.78 2.51 -27.17
CA THR H 4 -14.86 3.23 -27.80
C THR H 4 -14.93 4.63 -27.24
N PHE H 5 -15.62 5.51 -27.95
CA PHE H 5 -15.78 6.87 -27.48
C PHE H 5 -17.20 7.02 -26.99
N ILE H 6 -17.36 7.48 -25.75
CA ILE H 6 -18.70 7.78 -25.30
CA ILE H 6 -18.68 7.74 -25.20
C ILE H 6 -18.76 9.22 -24.79
N MET H 7 -19.81 9.91 -25.20
CA MET H 7 -19.93 11.32 -24.89
C MET H 7 -21.24 11.59 -24.19
N ILE H 8 -21.19 12.24 -23.03
CA ILE H 8 -22.42 12.65 -22.37
C ILE H 8 -22.75 14.04 -22.90
N LYS H 9 -23.94 14.16 -23.49
CA LYS H 9 -24.32 15.40 -24.16
C LYS H 9 -24.76 16.46 -23.17
N PRO H 10 -24.98 17.69 -23.64
CA PRO H 10 -25.28 18.78 -22.72
C PRO H 10 -26.47 18.50 -21.82
N ASP H 11 -27.52 17.85 -22.35
CA ASP H 11 -28.66 17.50 -21.51
C ASP H 11 -28.25 16.52 -20.39
N GLY H 12 -27.27 15.66 -20.67
CA GLY H 12 -26.78 14.71 -19.67
C GLY H 12 -26.20 15.39 -18.46
N VAL H 13 -25.50 16.49 -18.70
CA VAL H 13 -24.82 17.28 -17.68
C VAL H 13 -25.81 18.12 -16.89
N GLN H 14 -26.71 18.80 -17.61
CA GLN H 14 -27.77 19.61 -17.01
C GLN H 14 -28.70 18.80 -16.09
N ARG H 15 -29.02 17.57 -16.48
CA ARG H 15 -29.92 16.73 -15.70
CA ARG H 15 -29.93 16.74 -15.70
C ARG H 15 -29.20 15.92 -14.62
N GLY H 16 -27.92 16.20 -14.42
CA GLY H 16 -27.14 15.61 -13.35
C GLY H 16 -26.99 14.10 -13.45
N LEU H 17 -26.67 13.62 -14.64
CA LEU H 17 -26.60 12.18 -14.91
C LEU H 17 -25.16 11.68 -15.12
N ILE H 18 -24.20 12.55 -14.89
CA ILE H 18 -22.80 12.22 -15.17
C ILE H 18 -22.34 10.99 -14.36
N GLY H 19 -22.50 11.05 -13.05
CA GLY H 19 -22.07 9.97 -12.17
C GLY H 19 -22.78 8.67 -12.49
N GLU H 20 -24.10 8.76 -12.64
CA GLU H 20 -24.92 7.59 -12.95
CA GLU H 20 -24.91 7.58 -12.94
C GLU H 20 -24.44 6.89 -14.22
N ILE H 21 -24.14 7.69 -15.24
CA ILE H 21 -23.71 7.10 -16.51
C ILE H 21 -22.36 6.39 -16.36
N ILE H 22 -21.42 7.07 -15.72
CA ILE H 22 -20.08 6.50 -15.55
C ILE H 22 -20.16 5.21 -14.71
N SER H 23 -21.02 5.20 -13.70
CA SER H 23 -21.23 4.00 -12.88
C SER H 23 -21.64 2.78 -13.68
N ARG H 24 -22.55 2.96 -14.64
CA ARG H 24 -22.99 1.85 -15.45
C ARG H 24 -21.85 1.19 -16.22
N PHE H 25 -20.96 2.02 -16.72
CA PHE H 25 -19.80 1.53 -17.47
C PHE H 25 -18.78 0.91 -16.52
N GLU H 26 -18.58 1.53 -15.34
CA GLU H 26 -17.67 0.94 -14.34
C GLU H 26 -18.17 -0.42 -13.85
N LYS H 27 -19.46 -0.47 -13.52
CA LYS H 27 -20.04 -1.70 -12.98
C LYS H 27 -20.00 -2.83 -13.98
N LYS H 28 -20.13 -2.49 -15.26
CA LYS H 28 -20.09 -3.48 -16.32
C LYS H 28 -18.73 -4.18 -16.38
N GLY H 29 -17.69 -3.52 -15.85
CA GLY H 29 -16.33 -4.06 -15.94
C GLY H 29 -15.46 -3.43 -17.03
N PHE H 30 -15.87 -2.26 -17.53
CA PHE H 30 -15.10 -1.55 -18.57
C PHE H 30 -14.11 -0.59 -17.91
N TYR H 31 -13.04 -0.28 -18.63
CA TYR H 31 -11.96 0.54 -18.09
C TYR H 31 -11.99 1.94 -18.68
N LEU H 32 -12.15 2.94 -17.82
CA LEU H 32 -12.10 4.34 -18.25
C LEU H 32 -10.66 4.76 -18.53
N LYS H 33 -10.35 5.15 -19.76
CA LYS H 33 -8.97 5.46 -20.12
C LYS H 33 -8.77 6.93 -20.48
N ALA H 34 -9.87 7.67 -20.59
CA ALA H 34 -9.81 9.11 -20.81
C ALA H 34 -11.12 9.74 -20.40
N LEU H 35 -11.05 10.95 -19.87
CA LEU H 35 -12.22 11.62 -19.29
C LEU H 35 -12.01 13.14 -19.22
N LYS H 36 -12.90 13.91 -19.86
CA LYS H 36 -12.84 15.36 -19.69
C LYS H 36 -14.19 16.06 -19.87
N LEU H 37 -14.38 17.11 -19.08
CA LEU H 37 -15.53 18.01 -19.20
C LEU H 37 -15.07 19.17 -20.07
N VAL H 38 -15.77 19.44 -21.18
CA VAL H 38 -15.32 20.49 -22.08
C VAL H 38 -16.44 21.22 -22.79
N ASN H 39 -16.23 22.52 -23.02
CA ASN H 39 -17.05 23.29 -23.96
C ASN H 39 -16.38 23.23 -25.31
N VAL H 40 -17.12 22.74 -26.30
CA VAL H 40 -16.58 22.46 -27.62
C VAL H 40 -16.95 23.62 -28.55
N GLU H 41 -16.02 24.00 -29.42
CA GLU H 41 -16.26 25.11 -30.35
CA GLU H 41 -16.28 25.12 -30.33
C GLU H 41 -16.87 24.61 -31.65
N ARG H 42 -17.54 25.51 -32.38
CA ARG H 42 -18.23 25.15 -33.61
C ARG H 42 -17.33 24.39 -34.59
N SER H 43 -16.13 24.92 -34.83
CA SER H 43 -15.25 24.30 -35.81
C SER H 43 -14.98 22.85 -35.43
N PHE H 44 -14.72 22.63 -34.14
CA PHE H 44 -14.49 21.27 -33.67
C PHE H 44 -15.77 20.42 -33.77
N ALA H 45 -16.90 21.00 -33.38
CA ALA H 45 -18.17 20.26 -33.49
C ALA H 45 -18.42 19.78 -34.93
N GLU H 46 -18.11 20.65 -35.90
CA GLU H 46 -18.26 20.31 -37.31
C GLU H 46 -17.34 19.15 -37.71
N LYS H 47 -16.15 19.09 -37.13
CA LYS H 47 -15.26 17.96 -37.40
C LYS H 47 -15.83 16.67 -36.81
N HIS H 48 -16.41 16.74 -35.62
CA HIS H 48 -17.05 15.55 -35.03
C HIS H 48 -18.19 15.03 -35.88
N TYR H 49 -19.01 15.94 -36.41
CA TYR H 49 -20.14 15.53 -37.23
C TYR H 49 -19.82 15.61 -38.73
N ALA H 50 -18.53 15.58 -39.07
CA ALA H 50 -18.10 15.69 -40.46
C ALA H 50 -18.89 14.83 -41.44
N ASP H 51 -19.16 13.59 -41.07
CA ASP H 51 -19.85 12.64 -41.93
C ASP H 51 -21.26 13.10 -42.30
N LEU H 52 -21.81 14.04 -41.55
CA LEU H 52 -23.20 14.44 -41.73
C LEU H 52 -23.29 15.84 -42.33
N ALA H 53 -22.16 16.37 -42.78
CA ALA H 53 -22.09 17.75 -43.28
C ALA H 53 -23.09 18.08 -44.39
N SER H 54 -23.45 17.08 -45.20
CA SER H 54 -24.40 17.29 -46.30
C SER H 54 -25.87 17.04 -45.92
N LYS H 55 -26.10 16.57 -44.70
CA LYS H 55 -27.47 16.33 -44.22
C LYS H 55 -28.09 17.62 -43.68
N PRO H 56 -29.42 17.75 -43.82
CA PRO H 56 -30.08 18.99 -43.39
C PRO H 56 -30.05 19.22 -41.88
N PHE H 57 -29.92 18.16 -41.09
CA PHE H 57 -29.88 18.31 -39.63
C PHE H 57 -28.46 18.56 -39.11
N PHE H 58 -27.49 18.63 -40.02
CA PHE H 58 -26.10 18.86 -39.64
C PHE H 58 -25.95 20.06 -38.72
N GLN H 59 -26.45 21.22 -39.14
CA GLN H 59 -26.31 22.43 -38.34
C GLN H 59 -26.98 22.34 -36.98
N GLY H 60 -28.15 21.71 -36.91
CA GLY H 60 -28.84 21.52 -35.65
C GLY H 60 -28.02 20.70 -34.64
N LEU H 61 -27.37 19.65 -35.11
CA LEU H 61 -26.47 18.84 -34.28
C LEU H 61 -25.30 19.64 -33.73
N VAL H 62 -24.67 20.41 -34.61
CA VAL H 62 -23.55 21.25 -34.24
C VAL H 62 -23.96 22.31 -33.23
N ASP H 63 -25.07 23.00 -33.52
CA ASP H 63 -25.57 24.04 -32.65
C ASP H 63 -25.76 23.49 -31.23
N TYR H 64 -26.38 22.33 -31.14
CA TYR H 64 -26.73 21.78 -29.81
C TYR H 64 -25.49 21.35 -29.01
N ILE H 65 -24.51 20.78 -29.68
CA ILE H 65 -23.38 20.22 -28.94
C ILE H 65 -22.45 21.33 -28.40
N ILE H 66 -22.56 22.54 -28.96
CA ILE H 66 -21.78 23.65 -28.43
C ILE H 66 -22.56 24.47 -27.42
N SER H 67 -23.82 24.12 -27.21
CA SER H 67 -24.69 24.91 -26.36
C SER H 67 -24.47 24.68 -24.86
N GLY H 68 -23.71 23.64 -24.51
CA GLY H 68 -23.37 23.37 -23.13
C GLY H 68 -22.17 22.44 -23.09
N PRO H 69 -21.50 22.33 -21.93
CA PRO H 69 -20.37 21.40 -21.87
C PRO H 69 -20.79 19.95 -22.02
N VAL H 70 -19.86 19.12 -22.50
CA VAL H 70 -20.09 17.70 -22.63
C VAL H 70 -19.02 16.98 -21.81
N VAL H 71 -19.23 15.70 -21.58
CA VAL H 71 -18.21 14.88 -20.94
C VAL H 71 -17.72 13.87 -21.97
N ALA H 72 -16.46 13.99 -22.37
CA ALA H 72 -15.86 13.06 -23.35
C ALA H 72 -15.14 11.96 -22.63
N MET H 73 -15.28 10.72 -23.12
CA MET H 73 -14.67 9.58 -22.47
C MET H 73 -14.22 8.53 -23.45
N VAL H 74 -13.18 7.80 -23.06
CA VAL H 74 -12.76 6.61 -23.78
C VAL H 74 -12.86 5.45 -22.80
N TRP H 75 -13.55 4.39 -23.22
CA TRP H 75 -13.72 3.19 -22.43
C TRP H 75 -13.10 2.01 -23.15
N GLU H 76 -12.47 1.11 -22.39
CA GLU H 76 -11.78 -0.02 -22.99
C GLU H 76 -12.30 -1.35 -22.45
N GLY H 77 -12.45 -2.33 -23.35
CA GLY H 77 -12.83 -3.68 -22.93
C GLY H 77 -13.33 -4.51 -24.09
N LYS H 78 -13.59 -5.79 -23.83
CA LYS H 78 -14.03 -6.69 -24.87
C LYS H 78 -15.38 -6.25 -25.43
N SER H 79 -15.46 -6.11 -26.75
CA SER H 79 -16.70 -5.71 -27.43
C SER H 79 -17.30 -4.43 -26.88
N VAL H 80 -16.46 -3.52 -26.39
CA VAL H 80 -16.95 -2.32 -25.73
C VAL H 80 -17.70 -1.43 -26.71
N VAL H 81 -17.33 -1.46 -27.99
CA VAL H 81 -18.06 -0.68 -28.96
C VAL H 81 -19.55 -1.08 -29.06
N THR H 82 -19.82 -2.35 -29.40
CA THR H 82 -21.20 -2.82 -29.53
CA THR H 82 -21.21 -2.81 -29.53
C THR H 82 -21.90 -2.86 -28.17
N THR H 83 -21.15 -3.24 -27.14
CA THR H 83 -21.74 -3.33 -25.81
C THR H 83 -22.04 -1.95 -25.23
N GLY H 84 -21.19 -0.97 -25.54
CA GLY H 84 -21.46 0.40 -25.17
C GLY H 84 -22.81 0.86 -25.72
N ARG H 85 -23.05 0.57 -27.00
CA ARG H 85 -24.32 0.93 -27.62
CA ARG H 85 -24.32 0.92 -27.64
C ARG H 85 -25.50 0.19 -26.99
N LYS H 86 -25.29 -1.05 -26.62
CA LYS H 86 -26.35 -1.86 -26.01
C LYS H 86 -26.77 -1.25 -24.66
N ILE H 87 -25.77 -0.81 -23.90
CA ILE H 87 -26.00 -0.16 -22.61
C ILE H 87 -26.73 1.16 -22.76
N ILE H 88 -26.37 1.90 -23.82
CA ILE H 88 -26.99 3.18 -24.11
C ILE H 88 -28.46 3.00 -24.53
N GLY H 89 -28.72 2.00 -25.36
CA GLY H 89 -30.08 1.70 -25.78
C GLY H 89 -30.45 2.41 -27.06
N ALA H 90 -31.64 2.11 -27.56
CA ALA H 90 -32.09 2.58 -28.87
C ALA H 90 -32.01 4.08 -29.03
N THR H 91 -31.75 4.52 -30.26
CA THR H 91 -31.66 5.93 -30.59
C THR H 91 -32.93 6.68 -30.22
N ASN H 92 -34.07 6.12 -30.58
CA ASN H 92 -35.34 6.73 -30.24
C ASN H 92 -35.79 6.24 -28.87
N PRO H 93 -35.76 7.12 -27.87
CA PRO H 93 -36.16 6.81 -26.48
C PRO H 93 -37.58 6.25 -26.39
N LEU H 94 -38.33 6.33 -27.48
CA LEU H 94 -39.61 5.67 -27.55
C LEU H 94 -39.42 4.16 -27.59
N ALA H 95 -38.34 3.72 -28.22
CA ALA H 95 -38.05 2.29 -28.36
C ALA H 95 -37.07 1.76 -27.32
N SER H 96 -36.40 2.65 -26.61
CA SER H 96 -35.31 2.22 -25.75
C SER H 96 -35.82 1.47 -24.52
N GLU H 97 -35.24 0.31 -24.27
CA GLU H 97 -35.73 -0.57 -23.23
C GLU H 97 -35.36 -0.06 -21.84
N PRO H 98 -36.29 -0.19 -20.87
CA PRO H 98 -35.94 0.02 -19.46
C PRO H 98 -34.69 -0.78 -19.10
N GLY H 99 -33.78 -0.16 -18.36
CA GLY H 99 -32.53 -0.82 -18.02
C GLY H 99 -31.35 -0.26 -18.79
N THR H 100 -31.63 0.35 -19.94
CA THR H 100 -30.61 1.06 -20.71
C THR H 100 -30.59 2.50 -20.24
N ILE H 101 -29.52 3.23 -20.55
CA ILE H 101 -29.40 4.63 -20.15
C ILE H 101 -30.57 5.44 -20.73
N ARG H 102 -30.75 5.35 -22.05
CA ARG H 102 -31.85 6.06 -22.68
CA ARG H 102 -31.84 6.06 -22.69
C ARG H 102 -33.20 5.52 -22.21
N GLY H 103 -33.27 4.20 -22.03
CA GLY H 103 -34.47 3.57 -21.50
C GLY H 103 -34.91 4.15 -20.16
N ASP H 104 -33.94 4.40 -19.29
CA ASP H 104 -34.22 4.90 -17.94
C ASP H 104 -34.37 6.43 -17.85
N PHE H 105 -33.69 7.17 -18.74
CA PHE H 105 -33.57 8.62 -18.57
C PHE H 105 -34.06 9.52 -19.71
N ALA H 106 -34.22 8.98 -20.91
CA ALA H 106 -34.58 9.86 -22.03
C ALA H 106 -36.02 9.69 -22.52
N VAL H 107 -36.57 10.78 -23.07
CA VAL H 107 -37.93 10.80 -23.58
CA VAL H 107 -37.93 10.77 -23.59
C VAL H 107 -37.97 11.28 -25.03
N ASP H 108 -37.03 12.17 -25.38
CA ASP H 108 -37.03 12.85 -26.67
C ASP H 108 -35.75 12.52 -27.48
N ILE H 109 -35.93 12.11 -28.72
CA ILE H 109 -34.80 11.72 -29.56
C ILE H 109 -33.75 12.84 -29.68
N GLY H 110 -34.19 14.10 -29.66
CA GLY H 110 -33.29 15.22 -29.74
C GLY H 110 -32.61 15.56 -28.42
N ARG H 111 -33.02 14.89 -27.36
CA ARG H 111 -32.40 15.06 -26.05
C ARG H 111 -32.12 13.67 -25.48
N ASN H 112 -31.27 12.93 -26.17
CA ASN H 112 -31.06 11.53 -25.83
C ASN H 112 -29.79 11.26 -25.04
N VAL H 113 -29.32 12.30 -24.35
CA VAL H 113 -28.44 12.15 -23.17
C VAL H 113 -26.98 11.83 -23.47
N ILE H 114 -26.74 10.93 -24.41
CA ILE H 114 -25.42 10.33 -24.56
C ILE H 114 -25.19 9.85 -25.99
N HIS H 115 -23.92 9.77 -26.39
CA HIS H 115 -23.52 9.20 -27.67
C HIS H 115 -22.47 8.13 -27.45
N GLY H 116 -22.55 7.03 -28.21
CA GLY H 116 -21.49 6.03 -28.25
C GLY H 116 -21.06 5.76 -29.69
N SER H 117 -19.78 5.49 -29.92
CA SER H 117 -19.30 5.20 -31.28
C SER H 117 -20.11 4.07 -31.91
N ASP H 118 -20.43 4.19 -33.20
CA ASP H 118 -21.27 3.19 -33.85
C ASP H 118 -20.49 2.00 -34.41
N SER H 119 -19.18 2.15 -34.51
CA SER H 119 -18.32 1.07 -35.00
C SER H 119 -16.90 1.30 -34.53
N ILE H 120 -16.06 0.28 -34.70
CA ILE H 120 -14.66 0.38 -34.34
C ILE H 120 -13.99 1.45 -35.16
N GLU H 121 -14.37 1.52 -36.44
CA GLU H 121 -13.84 2.55 -37.32
C GLU H 121 -14.20 3.96 -36.82
N SER H 122 -15.47 4.18 -36.49
CA SER H 122 -15.89 5.47 -35.96
C SER H 122 -15.22 5.75 -34.63
N ALA H 123 -15.12 4.72 -33.79
CA ALA H 123 -14.46 4.86 -32.48
C ALA H 123 -13.02 5.35 -32.66
N ASN H 124 -12.27 4.68 -33.53
CA ASN H 124 -10.89 5.07 -33.77
C ASN H 124 -10.81 6.53 -34.21
N LYS H 125 -11.70 6.92 -35.12
CA LYS H 125 -11.79 8.30 -35.57
C LYS H 125 -12.13 9.26 -34.44
N GLU H 126 -13.14 8.91 -33.65
CA GLU H 126 -13.59 9.80 -32.61
C GLU H 126 -12.53 9.95 -31.50
N ILE H 127 -11.89 8.84 -31.14
CA ILE H 127 -10.88 8.89 -30.10
C ILE H 127 -9.70 9.79 -30.51
N ALA H 128 -9.26 9.67 -31.77
CA ALA H 128 -8.15 10.50 -32.26
C ALA H 128 -8.53 11.98 -32.30
N LEU H 129 -9.78 12.26 -32.63
CA LEU H 129 -10.26 13.64 -32.69
C LEU H 129 -10.35 14.28 -31.32
N TRP H 130 -10.99 13.58 -30.37
CA TRP H 130 -11.29 14.16 -29.07
C TRP H 130 -10.15 14.07 -28.07
N PHE H 131 -9.33 13.02 -28.21
CA PHE H 131 -8.17 12.82 -27.33
C PHE H 131 -6.85 12.67 -28.11
N PRO H 132 -6.42 13.75 -28.78
CA PRO H 132 -5.12 13.75 -29.46
C PRO H 132 -3.98 13.57 -28.44
N GLU H 133 -4.22 14.04 -27.23
CA GLU H 133 -3.23 13.96 -26.15
C GLU H 133 -3.05 12.53 -25.62
N GLY H 134 -3.80 11.59 -26.16
CA GLY H 134 -3.71 10.22 -25.72
C GLY H 134 -4.52 9.92 -24.46
N LEU H 135 -4.28 8.74 -23.89
CA LEU H 135 -5.06 8.21 -22.80
C LEU H 135 -4.27 8.23 -21.50
N ALA H 136 -4.96 8.01 -20.38
CA ALA H 136 -4.30 7.85 -19.10
C ALA H 136 -4.31 6.37 -18.77
N ASP H 137 -3.21 5.70 -19.04
CA ASP H 137 -3.19 4.24 -18.93
C ASP H 137 -3.03 3.71 -17.51
N TRP H 138 -3.61 2.54 -17.27
CA TRP H 138 -3.52 1.86 -15.99
C TRP H 138 -3.97 0.41 -16.19
N GLN H 139 -3.72 -0.43 -15.20
CA GLN H 139 -4.17 -1.82 -15.27
C GLN H 139 -5.01 -2.12 -14.03
N SER H 140 -6.21 -2.65 -14.25
CA SER H 140 -7.14 -2.91 -13.16
C SER H 140 -6.71 -4.15 -12.39
N SER H 141 -6.73 -4.07 -11.07
CA SER H 141 -6.49 -5.24 -10.24
CA SER H 141 -6.48 -5.24 -10.25
C SER H 141 -7.64 -6.24 -10.36
N GLN H 142 -8.76 -5.81 -10.94
CA GLN H 142 -9.90 -6.72 -11.08
C GLN H 142 -9.82 -7.51 -12.38
N HIS H 143 -8.83 -7.20 -13.20
CA HIS H 143 -8.71 -7.80 -14.54
C HIS H 143 -8.88 -9.32 -14.61
N PRO H 144 -8.24 -10.07 -13.70
CA PRO H 144 -8.38 -11.53 -13.83
C PRO H 144 -9.73 -12.06 -13.39
N TRP H 145 -10.58 -11.20 -12.83
CA TRP H 145 -11.92 -11.60 -12.40
C TRP H 145 -12.95 -11.14 -13.39
N ILE H 146 -12.56 -10.15 -14.18
CA ILE H 146 -13.39 -9.66 -15.27
C ILE H 146 -13.16 -10.45 -16.55
N TYR H 147 -11.93 -10.87 -16.80
CA TYR H 147 -11.58 -11.62 -18.00
C TYR H 147 -10.96 -12.96 -17.70
N GLU H 148 -11.27 -13.94 -18.55
CA GLU H 148 -10.68 -15.26 -18.47
C GLU H 148 -9.39 -15.26 -19.29
N LYS H 149 -8.28 -15.64 -18.67
CA LYS H 149 -6.97 -15.61 -19.32
C LYS H 149 -6.49 -14.18 -19.51
N MET I 1 43.99 -5.58 -19.30
CA MET I 1 43.42 -6.60 -20.18
C MET I 1 43.85 -8.05 -19.82
N GLU I 2 44.81 -8.17 -18.92
CA GLU I 2 45.17 -9.46 -18.34
C GLU I 2 43.95 -10.12 -17.68
N SER I 3 43.85 -11.44 -17.72
CA SER I 3 42.70 -12.08 -17.09
C SER I 3 43.07 -13.25 -16.19
N THR I 4 42.21 -13.55 -15.22
CA THR I 4 42.51 -14.68 -14.34
C THR I 4 41.25 -15.44 -14.01
N PHE I 5 41.42 -16.71 -13.62
CA PHE I 5 40.29 -17.53 -13.25
C PHE I 5 40.19 -17.55 -11.75
N ILE I 6 38.99 -17.34 -11.25
CA ILE I 6 38.75 -17.33 -9.80
C ILE I 6 37.50 -18.13 -9.47
N MET I 7 37.63 -19.05 -8.53
CA MET I 7 36.55 -19.95 -8.19
C MET I 7 36.20 -19.85 -6.71
N ILE I 8 34.92 -19.66 -6.43
CA ILE I 8 34.43 -19.76 -5.05
C ILE I 8 34.10 -21.23 -4.82
N LYS I 9 34.70 -21.81 -3.79
CA LYS I 9 34.59 -23.24 -3.55
C LYS I 9 33.28 -23.60 -2.87
N PRO I 10 32.97 -24.90 -2.77
CA PRO I 10 31.69 -25.30 -2.17
C PRO I 10 31.42 -24.65 -0.81
N ASP I 11 32.45 -24.52 0.03
CA ASP I 11 32.28 -23.91 1.35
C ASP I 11 31.93 -22.42 1.26
N GLY I 12 32.42 -21.76 0.22
CA GLY I 12 32.08 -20.37 -0.02
C GLY I 12 30.59 -20.16 -0.30
N VAL I 13 30.02 -21.03 -1.13
CA VAL I 13 28.60 -21.00 -1.42
C VAL I 13 27.79 -21.28 -0.14
N GLN I 14 28.12 -22.37 0.54
CA GLN I 14 27.40 -22.78 1.75
C GLN I 14 27.45 -21.74 2.86
N ARG I 15 28.57 -21.01 2.96
CA ARG I 15 28.70 -20.02 4.03
CA ARG I 15 28.70 -20.03 4.03
C ARG I 15 28.16 -18.65 3.65
N GLY I 16 27.48 -18.58 2.50
CA GLY I 16 26.84 -17.34 2.07
C GLY I 16 27.79 -16.22 1.77
N LEU I 17 28.91 -16.52 1.12
CA LEU I 17 29.94 -15.51 0.87
C LEU I 17 30.01 -15.09 -0.58
N ILE I 18 29.07 -15.51 -1.41
CA ILE I 18 29.20 -15.20 -2.83
C ILE I 18 29.22 -13.70 -3.13
N GLY I 19 28.22 -12.96 -2.65
CA GLY I 19 28.18 -11.53 -2.93
C GLY I 19 29.38 -10.76 -2.36
N GLU I 20 29.76 -11.10 -1.15
CA GLU I 20 30.85 -10.40 -0.46
CA GLU I 20 30.85 -10.41 -0.46
C GLU I 20 32.15 -10.55 -1.26
N ILE I 21 32.39 -11.75 -1.75
CA ILE I 21 33.60 -12.00 -2.53
C ILE I 21 33.56 -11.22 -3.82
N ILE I 22 32.42 -11.26 -4.52
CA ILE I 22 32.31 -10.53 -5.78
C ILE I 22 32.50 -9.03 -5.55
N SER I 23 31.85 -8.47 -4.53
CA SER I 23 32.01 -7.05 -4.20
C SER I 23 33.46 -6.63 -4.04
N ARG I 24 34.27 -7.49 -3.43
CA ARG I 24 35.67 -7.13 -3.21
C ARG I 24 36.43 -6.92 -4.52
N PHE I 25 36.20 -7.79 -5.50
CA PHE I 25 36.85 -7.63 -6.80
C PHE I 25 36.28 -6.45 -7.58
N GLU I 26 34.95 -6.25 -7.49
CA GLU I 26 34.31 -5.08 -8.11
C GLU I 26 34.85 -3.76 -7.55
N LYS I 27 34.96 -3.68 -6.23
CA LYS I 27 35.39 -2.42 -5.61
C LYS I 27 36.86 -2.15 -5.92
N LYS I 28 37.62 -3.23 -6.13
CA LYS I 28 39.02 -3.10 -6.50
C LYS I 28 39.17 -2.44 -7.86
N GLY I 29 38.12 -2.52 -8.68
CA GLY I 29 38.17 -1.96 -10.02
C GLY I 29 38.38 -2.99 -11.12
N PHE I 30 38.35 -4.28 -10.78
CA PHE I 30 38.50 -5.36 -11.76
C PHE I 30 37.19 -5.59 -12.52
N TYR I 31 37.27 -6.16 -13.72
CA TYR I 31 36.08 -6.36 -14.55
C TYR I 31 35.66 -7.83 -14.63
N LEU I 32 34.44 -8.13 -14.21
CA LEU I 32 33.92 -9.50 -14.27
C LEU I 32 33.53 -9.81 -15.72
N LYS I 33 34.12 -10.85 -16.29
CA LYS I 33 33.93 -11.15 -17.70
C LYS I 33 33.27 -12.52 -17.92
N ALA I 34 33.17 -13.30 -16.85
CA ALA I 34 32.38 -14.52 -16.90
C ALA I 34 32.01 -14.92 -15.48
N LEU I 35 30.92 -15.65 -15.35
CA LEU I 35 30.37 -15.94 -14.04
C LEU I 35 29.31 -17.02 -14.14
N LYS I 36 29.44 -18.07 -13.33
CA LYS I 36 28.40 -19.08 -13.27
C LYS I 36 28.49 -19.98 -12.05
N LEU I 37 27.31 -20.41 -11.61
CA LEU I 37 27.17 -21.39 -10.55
CA LEU I 37 27.20 -21.40 -10.53
C LEU I 37 27.07 -22.77 -11.21
N VAL I 38 27.95 -23.69 -10.85
CA VAL I 38 27.93 -25.02 -11.47
C VAL I 38 28.26 -26.18 -10.53
N ASN I 39 27.56 -27.30 -10.76
CA ASN I 39 27.92 -28.56 -10.15
C ASN I 39 28.94 -29.23 -11.04
N VAL I 40 30.11 -29.50 -10.49
CA VAL I 40 31.23 -30.08 -11.23
C VAL I 40 31.18 -31.61 -11.23
N GLU I 41 31.49 -32.22 -12.37
CA GLU I 41 31.58 -33.68 -12.42
C GLU I 41 33.01 -34.19 -12.29
N ARG I 42 33.16 -35.48 -11.95
CA ARG I 42 34.47 -36.07 -11.67
C ARG I 42 35.54 -35.75 -12.71
N SER I 43 35.26 -36.12 -13.96
CA SER I 43 36.30 -36.04 -14.98
C SER I 43 36.70 -34.60 -15.22
N PHE I 44 35.76 -33.67 -15.01
CA PHE I 44 36.07 -32.26 -15.15
C PHE I 44 36.94 -31.80 -13.98
N ALA I 45 36.57 -32.23 -12.78
CA ALA I 45 37.37 -31.98 -11.59
C ALA I 45 38.79 -32.53 -11.77
N GLU I 46 38.89 -33.75 -12.31
CA GLU I 46 40.19 -34.39 -12.54
C GLU I 46 41.02 -33.63 -13.57
N LYS I 47 40.37 -33.03 -14.56
CA LYS I 47 41.08 -32.20 -15.54
C LYS I 47 41.58 -30.91 -14.88
N HIS I 48 40.71 -30.28 -14.10
CA HIS I 48 41.06 -29.05 -13.40
C HIS I 48 42.27 -29.22 -12.46
N TYR I 49 42.28 -30.31 -11.70
CA TYR I 49 43.39 -30.57 -10.78
C TYR I 49 44.46 -31.46 -11.41
N ALA I 50 44.52 -31.48 -12.74
CA ALA I 50 45.37 -32.43 -13.45
C ALA I 50 46.83 -32.40 -12.97
N ASP I 51 47.34 -31.19 -12.74
CA ASP I 51 48.72 -30.99 -12.29
C ASP I 51 49.05 -31.71 -10.99
N LEU I 52 48.04 -32.14 -10.26
CA LEU I 52 48.25 -32.75 -8.94
C LEU I 52 47.96 -34.24 -8.93
N ALA I 53 47.74 -34.82 -10.10
CA ALA I 53 47.27 -36.20 -10.22
C ALA I 53 48.13 -37.23 -9.50
N SER I 54 49.44 -36.95 -9.38
CA SER I 54 50.36 -37.91 -8.79
C SER I 54 50.46 -37.73 -7.27
N LYS I 55 49.83 -36.68 -6.77
CA LYS I 55 49.87 -36.41 -5.33
C LYS I 55 48.87 -37.28 -4.59
N PRO I 56 49.18 -37.65 -3.35
CA PRO I 56 48.30 -38.52 -2.56
C PRO I 56 46.95 -37.87 -2.28
N PHE I 57 46.93 -36.55 -2.15
CA PHE I 57 45.71 -35.83 -1.81
C PHE I 57 44.80 -35.56 -3.01
N PHE I 58 45.29 -35.87 -4.21
CA PHE I 58 44.53 -35.62 -5.44
C PHE I 58 43.07 -36.08 -5.30
N GLN I 59 42.88 -37.33 -4.92
CA GLN I 59 41.53 -37.88 -4.75
C GLN I 59 40.65 -37.01 -3.85
N GLY I 60 41.18 -36.63 -2.69
CA GLY I 60 40.47 -35.74 -1.78
C GLY I 60 40.02 -34.44 -2.43
N LEU I 61 40.92 -33.81 -3.17
CA LEU I 61 40.62 -32.57 -3.89
C LEU I 61 39.42 -32.78 -4.81
N VAL I 62 39.46 -33.88 -5.57
CA VAL I 62 38.38 -34.17 -6.49
C VAL I 62 37.06 -34.42 -5.74
N ASP I 63 37.10 -35.27 -4.72
CA ASP I 63 35.88 -35.57 -3.98
C ASP I 63 35.23 -34.28 -3.48
N TYR I 64 36.04 -33.40 -2.91
CA TYR I 64 35.50 -32.18 -2.30
C TYR I 64 34.90 -31.20 -3.30
N ILE I 65 35.59 -30.97 -4.41
CA ILE I 65 35.11 -29.98 -5.36
C ILE I 65 33.81 -30.44 -6.02
N ILE I 66 33.55 -31.74 -5.99
CA ILE I 66 32.34 -32.29 -6.59
C ILE I 66 31.22 -32.42 -5.58
N SER I 67 31.50 -32.08 -4.32
CA SER I 67 30.55 -32.33 -3.23
C SER I 67 29.52 -31.22 -3.08
N GLY I 68 29.63 -30.19 -3.91
CA GLY I 68 28.78 -29.02 -3.78
C GLY I 68 29.08 -28.08 -4.93
N PRO I 69 28.12 -27.21 -5.28
CA PRO I 69 28.33 -26.35 -6.44
C PRO I 69 29.38 -25.27 -6.16
N VAL I 70 30.02 -24.79 -7.21
CA VAL I 70 31.01 -23.74 -7.07
C VAL I 70 30.63 -22.57 -7.95
N VAL I 71 31.24 -21.42 -7.68
CA VAL I 71 31.08 -20.27 -8.55
C VAL I 71 32.35 -20.03 -9.35
N ALA I 72 32.24 -20.16 -10.66
CA ALA I 72 33.38 -19.96 -11.56
C ALA I 72 33.36 -18.54 -12.06
N MET I 73 34.52 -17.87 -12.05
CA MET I 73 34.57 -16.47 -12.48
C MET I 73 35.78 -16.15 -13.32
N VAL I 74 35.62 -15.21 -14.24
CA VAL I 74 36.77 -14.63 -14.91
C VAL I 74 36.81 -13.14 -14.65
N TRP I 75 37.96 -12.67 -14.18
CA TRP I 75 38.17 -11.26 -13.88
C TRP I 75 39.30 -10.71 -14.71
N GLU I 76 39.12 -9.48 -15.18
CA GLU I 76 40.07 -8.83 -16.06
C GLU I 76 40.55 -7.52 -15.47
N GLY I 77 41.85 -7.26 -15.63
CA GLY I 77 42.44 -6.02 -15.17
C GLY I 77 43.95 -6.11 -15.10
N LYS I 78 44.58 -4.96 -14.90
CA LYS I 78 46.03 -4.89 -14.73
C LYS I 78 46.50 -5.76 -13.55
N SER I 79 47.45 -6.65 -13.82
CA SER I 79 48.04 -7.53 -12.83
C SER I 79 47.03 -8.36 -12.05
N VAL I 80 45.90 -8.67 -12.67
CA VAL I 80 44.82 -9.30 -11.94
C VAL I 80 45.18 -10.70 -11.44
N VAL I 81 46.10 -11.38 -12.12
CA VAL I 81 46.47 -12.72 -11.66
C VAL I 81 47.10 -12.67 -10.26
N THR I 82 48.13 -11.84 -10.08
CA THR I 82 48.79 -11.76 -8.77
C THR I 82 48.00 -10.92 -7.76
N THR I 83 47.43 -9.81 -8.23
CA THR I 83 46.63 -8.94 -7.36
C THR I 83 45.36 -9.67 -6.92
N GLY I 84 44.73 -10.40 -7.84
CA GLY I 84 43.65 -11.30 -7.49
C GLY I 84 44.02 -12.20 -6.32
N ARG I 85 45.17 -12.86 -6.43
CA ARG I 85 45.61 -13.73 -5.34
C ARG I 85 46.01 -13.00 -4.06
N LYS I 86 46.50 -11.77 -4.18
CA LYS I 86 46.83 -10.97 -2.98
C LYS I 86 45.57 -10.71 -2.16
N ILE I 87 44.48 -10.36 -2.85
CA ILE I 87 43.20 -10.10 -2.19
C ILE I 87 42.65 -11.36 -1.53
N ILE I 88 42.85 -12.50 -2.20
CA ILE I 88 42.45 -13.79 -1.65
C ILE I 88 43.23 -14.15 -0.39
N GLY I 89 44.55 -13.97 -0.44
CA GLY I 89 45.36 -14.28 0.73
C GLY I 89 46.02 -15.64 0.71
N ALA I 90 46.95 -15.83 1.65
CA ALA I 90 47.76 -17.04 1.76
C ALA I 90 46.92 -18.30 1.88
N THR I 91 47.47 -19.42 1.39
CA THR I 91 46.79 -20.71 1.51
CA THR I 91 46.79 -20.71 1.51
C THR I 91 46.71 -21.18 2.96
N ASN I 92 47.85 -21.08 3.66
CA ASN I 92 47.91 -21.50 5.08
C ASN I 92 47.22 -20.45 5.96
N PRO I 93 46.26 -20.88 6.77
CA PRO I 93 45.55 -19.92 7.65
C PRO I 93 46.49 -19.13 8.57
N LEU I 94 47.48 -19.80 9.14
CA LEU I 94 48.44 -19.09 9.96
C LEU I 94 49.14 -17.95 9.22
N ALA I 95 49.15 -18.00 7.89
CA ALA I 95 49.87 -16.99 7.13
C ALA I 95 48.98 -15.91 6.52
N SER I 96 47.67 -16.12 6.55
CA SER I 96 46.75 -15.18 5.92
CA SER I 96 46.73 -15.18 5.94
C SER I 96 46.67 -13.87 6.71
N GLU I 97 46.55 -12.78 5.98
CA GLU I 97 46.45 -11.47 6.61
C GLU I 97 44.99 -11.01 6.76
N PRO I 98 44.63 -10.50 7.95
CA PRO I 98 43.31 -9.87 8.09
C PRO I 98 43.17 -8.78 7.01
N GLY I 99 42.00 -8.71 6.39
CA GLY I 99 41.81 -7.82 5.26
C GLY I 99 41.78 -8.54 3.92
N THR I 100 42.32 -9.76 3.87
CA THR I 100 42.18 -10.60 2.67
C THR I 100 40.94 -11.47 2.81
N ILE I 101 40.52 -12.10 1.72
CA ILE I 101 39.35 -12.95 1.80
C ILE I 101 39.56 -14.12 2.74
N ARG I 102 40.66 -14.86 2.58
CA ARG I 102 40.92 -15.97 3.49
CA ARG I 102 40.96 -15.96 3.49
C ARG I 102 41.29 -15.47 4.90
N GLY I 103 41.99 -14.33 4.97
CA GLY I 103 42.29 -13.73 6.27
C GLY I 103 41.02 -13.45 7.08
N ASP I 104 39.97 -12.99 6.41
CA ASP I 104 38.71 -12.66 7.08
C ASP I 104 37.75 -13.83 7.32
N PHE I 105 37.79 -14.86 6.45
CA PHE I 105 36.73 -15.88 6.46
C PHE I 105 37.16 -17.34 6.70
N ALA I 106 38.43 -17.66 6.52
CA ALA I 106 38.88 -19.05 6.46
C ALA I 106 39.78 -19.42 7.62
N VAL I 107 39.58 -20.63 8.18
CA VAL I 107 40.40 -21.13 9.28
C VAL I 107 41.04 -22.48 9.00
N ASP I 108 40.67 -23.10 7.89
CA ASP I 108 41.16 -24.43 7.56
C ASP I 108 41.67 -24.47 6.14
N ILE I 109 42.91 -24.91 5.93
CA ILE I 109 43.47 -24.95 4.58
C ILE I 109 42.58 -25.78 3.65
N GLY I 110 41.90 -26.78 4.20
CA GLY I 110 41.01 -27.60 3.39
C GLY I 110 39.64 -26.97 3.16
N ARG I 111 39.38 -25.84 3.81
CA ARG I 111 38.13 -25.13 3.60
C ARG I 111 38.49 -23.68 3.38
N ASN I 112 39.15 -23.43 2.25
CA ASN I 112 39.79 -22.15 2.01
CA ASN I 112 39.80 -22.14 2.03
C ASN I 112 38.97 -21.16 1.19
N VAL I 113 37.69 -21.47 1.02
CA VAL I 113 36.70 -20.54 0.48
C VAL I 113 36.80 -20.23 -1.02
N ILE I 114 38.02 -19.98 -1.51
CA ILE I 114 38.19 -19.41 -2.85
C ILE I 114 39.56 -19.81 -3.40
N HIS I 115 39.74 -19.73 -4.72
CA HIS I 115 41.03 -20.05 -5.31
C HIS I 115 41.22 -19.32 -6.62
N GLY I 116 42.42 -18.79 -6.82
CA GLY I 116 42.74 -18.02 -8.01
C GLY I 116 43.94 -18.62 -8.75
N SER I 117 44.02 -18.34 -10.06
CA SER I 117 45.10 -18.89 -10.90
C SER I 117 46.48 -18.45 -10.44
N ASP I 118 47.46 -19.34 -10.58
CA ASP I 118 48.83 -19.06 -10.21
C ASP I 118 49.50 -18.11 -11.18
N SER I 119 49.22 -18.29 -12.46
CA SER I 119 49.92 -17.53 -13.49
C SER I 119 49.04 -17.20 -14.69
N ILE I 120 49.53 -16.28 -15.52
CA ILE I 120 48.88 -15.95 -16.77
C ILE I 120 48.68 -17.21 -17.60
N GLU I 121 49.69 -18.08 -17.61
CA GLU I 121 49.64 -19.32 -18.37
C GLU I 121 48.58 -20.28 -17.83
N SER I 122 48.60 -20.54 -16.53
CA SER I 122 47.61 -21.45 -15.96
C SER I 122 46.20 -20.85 -15.99
N ALA I 123 46.11 -19.53 -15.90
CA ALA I 123 44.83 -18.84 -16.02
C ALA I 123 44.22 -19.10 -17.41
N ASN I 124 45.03 -18.90 -18.45
CA ASN I 124 44.55 -19.11 -19.82
C ASN I 124 43.97 -20.50 -19.98
N LYS I 125 44.67 -21.47 -19.39
CA LYS I 125 44.27 -22.87 -19.43
C LYS I 125 42.98 -23.08 -18.65
N GLU I 126 42.86 -22.47 -17.47
CA GLU I 126 41.68 -22.65 -16.63
C GLU I 126 40.45 -21.98 -17.26
N ILE I 127 40.65 -20.82 -17.86
CA ILE I 127 39.58 -20.11 -18.54
C ILE I 127 39.02 -20.95 -19.71
N ALA I 128 39.91 -21.58 -20.47
CA ALA I 128 39.50 -22.40 -21.61
C ALA I 128 38.75 -23.64 -21.14
N LEU I 129 39.20 -24.21 -20.03
CA LEU I 129 38.54 -25.34 -19.40
C LEU I 129 37.15 -25.00 -18.86
N TRP I 130 37.04 -23.93 -18.09
CA TRP I 130 35.78 -23.65 -17.37
C TRP I 130 34.78 -22.89 -18.23
N PHE I 131 35.29 -22.11 -19.17
CA PHE I 131 34.42 -21.30 -20.02
C PHE I 131 34.70 -21.51 -21.51
N PRO I 132 34.47 -22.74 -22.01
CA PRO I 132 34.63 -23.02 -23.45
C PRO I 132 33.72 -22.09 -24.24
N GLU I 133 32.56 -21.79 -23.66
CA GLU I 133 31.56 -20.92 -24.30
C GLU I 133 32.08 -19.50 -24.51
N GLY I 134 33.23 -19.17 -23.94
CA GLY I 134 33.77 -17.82 -24.06
C GLY I 134 33.31 -16.88 -22.96
N LEU I 135 33.61 -15.59 -23.12
CA LEU I 135 33.32 -14.56 -22.12
C LEU I 135 32.17 -13.63 -22.53
N ALA I 136 31.69 -12.83 -21.59
CA ALA I 136 30.69 -11.82 -21.86
C ALA I 136 31.36 -10.45 -21.83
N ASP I 137 31.76 -9.95 -23.00
CA ASP I 137 32.59 -8.75 -23.01
C ASP I 137 31.78 -7.46 -22.86
N TRP I 138 32.43 -6.45 -22.31
CA TRP I 138 31.81 -5.14 -22.11
C TRP I 138 32.93 -4.18 -21.79
N GLN I 139 32.61 -2.90 -21.84
CA GLN I 139 33.58 -1.86 -21.53
C GLN I 139 33.02 -0.97 -20.42
N SER I 140 33.79 -0.81 -19.36
CA SER I 140 33.37 -0.01 -18.20
C SER I 140 33.47 1.50 -18.43
N SER I 141 32.41 2.22 -18.11
CA SER I 141 32.42 3.68 -18.18
CA SER I 141 32.44 3.67 -18.20
C SER I 141 33.38 4.29 -17.15
N GLN I 142 33.79 3.49 -16.17
CA GLN I 142 34.74 3.97 -15.18
CA GLN I 142 34.74 3.96 -15.17
C GLN I 142 36.20 3.76 -15.60
N HIS I 143 36.39 3.13 -16.75
CA HIS I 143 37.75 2.82 -17.21
C HIS I 143 38.72 4.00 -17.11
N PRO I 144 38.31 5.19 -17.58
CA PRO I 144 39.28 6.29 -17.55
C PRO I 144 39.61 6.80 -16.15
N TRP I 145 38.86 6.36 -15.14
CA TRP I 145 39.13 6.75 -13.76
C TRP I 145 39.85 5.64 -12.98
N ILE I 146 39.74 4.41 -13.49
CA ILE I 146 40.45 3.28 -12.90
C ILE I 146 41.88 3.21 -13.44
N TYR I 147 42.04 3.56 -14.71
CA TYR I 147 43.32 3.43 -15.39
C TYR I 147 43.78 4.74 -16.03
N GLU I 148 45.09 4.97 -16.02
CA GLU I 148 45.68 6.12 -16.71
C GLU I 148 45.86 5.77 -18.18
N LYS I 149 45.43 6.67 -19.06
CA LYS I 149 45.64 6.50 -20.50
C LYS I 149 44.93 5.26 -21.04
N MET J 1 -6.75 -8.06 9.60
CA MET J 1 -6.93 -9.47 9.92
C MET J 1 -7.92 -9.69 11.09
N GLU J 2 -8.20 -8.62 11.82
CA GLU J 2 -9.23 -8.64 12.87
C GLU J 2 -10.56 -9.13 12.30
N SER J 3 -11.36 -9.82 13.13
CA SER J 3 -12.63 -10.34 12.65
C SER J 3 -13.79 -10.10 13.63
N THR J 4 -15.01 -10.00 13.10
CA THR J 4 -16.17 -9.77 13.94
C THR J 4 -17.37 -10.59 13.46
N PHE J 5 -18.31 -10.81 14.37
CA PHE J 5 -19.51 -11.59 14.08
C PHE J 5 -20.66 -10.63 13.83
N ILE J 6 -21.27 -10.74 12.66
CA ILE J 6 -22.44 -9.95 12.34
CA ILE J 6 -22.43 -9.92 12.33
C ILE J 6 -23.60 -10.85 12.04
N MET J 7 -24.75 -10.55 12.65
CA MET J 7 -25.91 -11.41 12.48
C MET J 7 -27.13 -10.60 12.09
N ILE J 8 -27.70 -10.93 10.93
CA ILE J 8 -28.97 -10.34 10.54
C ILE J 8 -30.10 -11.07 11.26
N LYS J 9 -30.85 -10.32 12.05
CA LYS J 9 -31.89 -10.88 12.91
C LYS J 9 -33.15 -11.18 12.10
N PRO J 10 -34.11 -11.92 12.70
CA PRO J 10 -35.30 -12.36 11.97
C PRO J 10 -36.03 -11.22 11.25
N ASP J 11 -36.08 -10.03 11.86
CA ASP J 11 -36.76 -8.91 11.21
C ASP J 11 -36.03 -8.41 9.95
N GLY J 12 -34.70 -8.56 9.95
CA GLY J 12 -33.90 -8.17 8.80
C GLY J 12 -34.17 -9.04 7.60
N VAL J 13 -34.33 -10.33 7.87
CA VAL J 13 -34.71 -11.30 6.85
C VAL J 13 -36.13 -11.02 6.37
N GLN J 14 -37.06 -10.83 7.30
CA GLN J 14 -38.47 -10.66 6.93
C GLN J 14 -38.68 -9.41 6.09
N ARG J 15 -37.92 -8.35 6.39
CA ARG J 15 -38.08 -7.07 5.71
CA ARG J 15 -38.08 -7.07 5.71
C ARG J 15 -37.22 -6.92 4.45
N GLY J 16 -36.61 -8.02 4.03
CA GLY J 16 -35.94 -8.09 2.74
C GLY J 16 -34.64 -7.30 2.68
N LEU J 17 -33.92 -7.29 3.80
CA LEU J 17 -32.73 -6.43 3.92
C LEU J 17 -31.40 -7.18 3.83
N ILE J 18 -31.43 -8.47 3.56
CA ILE J 18 -30.19 -9.25 3.54
C ILE J 18 -29.16 -8.68 2.55
N GLY J 19 -29.55 -8.56 1.29
CA GLY J 19 -28.63 -8.06 0.28
C GLY J 19 -28.09 -6.68 0.61
N GLU J 20 -28.98 -5.79 1.03
CA GLU J 20 -28.63 -4.41 1.35
C GLU J 20 -27.60 -4.35 2.48
N ILE J 21 -27.79 -5.15 3.51
CA ILE J 21 -26.84 -5.18 4.62
C ILE J 21 -25.46 -5.69 4.18
N ILE J 22 -25.44 -6.79 3.45
CA ILE J 22 -24.19 -7.34 2.95
C ILE J 22 -23.46 -6.33 2.05
N SER J 23 -24.20 -5.61 1.21
CA SER J 23 -23.59 -4.61 0.32
C SER J 23 -22.87 -3.53 1.09
N ARG J 24 -23.45 -3.12 2.21
CA ARG J 24 -22.82 -2.08 3.03
C ARG J 24 -21.44 -2.49 3.54
N PHE J 25 -21.32 -3.72 4.01
CA PHE J 25 -20.03 -4.25 4.43
C PHE J 25 -19.06 -4.48 3.26
N GLU J 26 -19.57 -4.95 2.12
CA GLU J 26 -18.72 -5.13 0.94
C GLU J 26 -18.19 -3.81 0.42
N LYS J 27 -19.06 -2.81 0.30
CA LYS J 27 -18.68 -1.50 -0.22
CA LYS J 27 -18.67 -1.50 -0.21
C LYS J 27 -17.66 -0.80 0.69
N LYS J 28 -17.78 -1.06 1.99
CA LYS J 28 -16.87 -0.46 2.96
C LYS J 28 -15.45 -1.02 2.79
N GLY J 29 -15.32 -2.18 2.17
CA GLY J 29 -14.00 -2.77 1.96
C GLY J 29 -13.68 -3.94 2.87
N PHE J 30 -14.66 -4.39 3.64
CA PHE J 30 -14.51 -5.57 4.49
C PHE J 30 -14.66 -6.87 3.71
N TYR J 31 -14.08 -7.94 4.24
CA TYR J 31 -14.05 -9.23 3.55
C TYR J 31 -14.97 -10.23 4.23
N LEU J 32 -15.93 -10.77 3.50
CA LEU J 32 -16.83 -11.79 4.05
C LEU J 32 -16.10 -13.13 4.12
N LYS J 33 -15.93 -13.66 5.33
CA LYS J 33 -15.17 -14.90 5.51
C LYS J 33 -16.05 -16.09 5.96
N ALA J 34 -17.32 -15.82 6.23
CA ALA J 34 -18.26 -16.88 6.62
C ALA J 34 -19.71 -16.39 6.49
N LEU J 35 -20.59 -17.27 6.04
CA LEU J 35 -21.96 -16.90 5.70
C LEU J 35 -22.90 -18.09 5.77
N LYS J 36 -23.97 -17.96 6.55
CA LYS J 36 -25.01 -18.99 6.52
C LYS J 36 -26.37 -18.50 7.00
N LEU J 37 -27.41 -19.00 6.35
CA LEU J 37 -28.78 -18.77 6.77
C LEU J 37 -29.16 -19.95 7.65
N VAL J 38 -29.60 -19.68 8.87
CA VAL J 38 -29.89 -20.76 9.79
C VAL J 38 -31.13 -20.48 10.63
N ASN J 39 -31.83 -21.55 10.97
CA ASN J 39 -32.88 -21.52 11.98
C ASN J 39 -32.22 -21.88 13.29
N VAL J 40 -32.25 -20.95 14.25
CA VAL J 40 -31.58 -21.16 15.53
C VAL J 40 -32.46 -22.01 16.46
N GLU J 41 -31.83 -22.93 17.18
CA GLU J 41 -32.54 -23.77 18.15
C GLU J 41 -32.48 -23.16 19.55
N ARG J 42 -33.54 -23.36 20.35
CA ARG J 42 -33.64 -22.78 21.69
CA ARG J 42 -33.65 -22.74 21.67
C ARG J 42 -32.38 -22.83 22.56
N SER J 43 -31.86 -24.04 22.81
CA SER J 43 -30.73 -24.15 23.72
C SER J 43 -29.48 -23.47 23.17
N PHE J 44 -29.36 -23.42 21.85
CA PHE J 44 -28.23 -22.72 21.24
C PHE J 44 -28.38 -21.23 21.50
N ALA J 45 -29.61 -20.73 21.38
CA ALA J 45 -29.91 -19.33 21.64
C ALA J 45 -29.61 -18.98 23.10
N GLU J 46 -29.96 -19.89 24.00
CA GLU J 46 -29.69 -19.71 25.42
C GLU J 46 -28.19 -19.55 25.66
N LYS J 47 -27.40 -20.33 24.93
CA LYS J 47 -25.94 -20.22 25.02
C LYS J 47 -25.45 -18.91 24.42
N HIS J 48 -26.00 -18.52 23.27
CA HIS J 48 -25.56 -17.27 22.66
C HIS J 48 -25.77 -16.07 23.60
N TYR J 49 -26.91 -16.04 24.29
CA TYR J 49 -27.23 -14.95 25.22
C TYR J 49 -26.89 -15.25 26.68
N ALA J 50 -26.00 -16.23 26.91
CA ALA J 50 -25.69 -16.66 28.29
C ALA J 50 -25.24 -15.52 29.20
N ASP J 51 -24.51 -14.57 28.64
CA ASP J 51 -24.05 -13.41 29.40
C ASP J 51 -25.20 -12.65 30.04
N LEU J 52 -26.39 -12.83 29.47
CA LEU J 52 -27.56 -12.06 29.89
C LEU J 52 -28.55 -12.92 30.63
N ALA J 53 -28.13 -14.13 31.01
CA ALA J 53 -29.06 -15.13 31.56
C ALA J 53 -29.79 -14.64 32.82
N SER J 54 -29.14 -13.76 33.57
CA SER J 54 -29.70 -13.30 34.83
C SER J 54 -30.67 -12.14 34.66
N LYS J 55 -30.73 -11.60 33.45
CA LYS J 55 -31.55 -10.41 33.19
C LYS J 55 -33.01 -10.75 32.89
N PRO J 56 -33.94 -9.85 33.26
CA PRO J 56 -35.39 -10.11 33.18
C PRO J 56 -35.88 -10.25 31.74
N PHE J 57 -35.09 -9.77 30.78
CA PHE J 57 -35.46 -9.81 29.35
C PHE J 57 -34.75 -10.94 28.61
N PHE J 58 -34.07 -11.82 29.34
CA PHE J 58 -33.33 -12.91 28.72
C PHE J 58 -34.23 -13.84 27.90
N GLN J 59 -35.33 -14.28 28.49
CA GLN J 59 -36.21 -15.23 27.80
C GLN J 59 -36.81 -14.60 26.54
N GLY J 60 -37.08 -13.30 26.60
CA GLY J 60 -37.60 -12.58 25.44
C GLY J 60 -36.61 -12.58 24.30
N LEU J 61 -35.33 -12.39 24.62
CA LEU J 61 -34.29 -12.45 23.61
C LEU J 61 -34.31 -13.81 22.94
N VAL J 62 -34.22 -14.87 23.76
CA VAL J 62 -34.22 -16.23 23.24
C VAL J 62 -35.42 -16.49 22.34
N ASP J 63 -36.61 -16.13 22.81
CA ASP J 63 -37.85 -16.33 22.06
C ASP J 63 -37.78 -15.68 20.70
N TYR J 64 -37.29 -14.45 20.66
CA TYR J 64 -37.33 -13.69 19.43
C TYR J 64 -36.31 -14.20 18.41
N ILE J 65 -35.10 -14.49 18.85
CA ILE J 65 -34.07 -14.92 17.92
C ILE J 65 -34.38 -16.26 17.24
N ILE J 66 -35.27 -17.06 17.84
CA ILE J 66 -35.65 -18.33 17.21
C ILE J 66 -36.99 -18.25 16.51
N SER J 67 -37.56 -17.04 16.42
CA SER J 67 -38.87 -16.88 15.79
C SER J 67 -38.77 -16.82 14.26
N GLY J 68 -37.56 -16.65 13.75
CA GLY J 68 -37.33 -16.64 12.32
C GLY J 68 -35.88 -16.97 12.03
N PRO J 69 -35.55 -17.24 10.76
CA PRO J 69 -34.16 -17.55 10.43
C PRO J 69 -33.30 -16.30 10.55
N VAL J 70 -32.00 -16.47 10.75
CA VAL J 70 -31.08 -15.35 10.83
C VAL J 70 -29.98 -15.60 9.84
N VAL J 71 -29.24 -14.55 9.48
CA VAL J 71 -28.09 -14.74 8.62
C VAL J 71 -26.85 -14.50 9.47
N ALA J 72 -26.05 -15.56 9.65
CA ALA J 72 -24.84 -15.47 10.45
C ALA J 72 -23.64 -15.20 9.56
N MET J 73 -22.79 -14.26 9.97
CA MET J 73 -21.67 -13.84 9.14
C MET J 73 -20.41 -13.59 9.95
N VAL J 74 -19.26 -13.82 9.31
CA VAL J 74 -18.00 -13.34 9.83
C VAL J 74 -17.35 -12.39 8.84
N TRP J 75 -16.99 -11.20 9.32
CA TRP J 75 -16.36 -10.19 8.50
C TRP J 75 -14.96 -9.86 9.02
N GLU J 76 -14.03 -9.69 8.09
CA GLU J 76 -12.64 -9.44 8.44
C GLU J 76 -12.15 -8.12 7.85
N GLY J 77 -11.37 -7.38 8.62
CA GLY J 77 -10.71 -6.17 8.14
C GLY J 77 -10.18 -5.36 9.32
N LYS J 78 -9.42 -4.30 9.02
CA LYS J 78 -8.89 -3.44 10.07
C LYS J 78 -10.01 -2.79 10.88
N SER J 79 -9.95 -2.96 12.20
CA SER J 79 -10.92 -2.37 13.12
C SER J 79 -12.35 -2.79 12.80
N VAL J 80 -12.51 -3.95 12.16
CA VAL J 80 -13.83 -4.40 11.74
C VAL J 80 -14.83 -4.45 12.92
N VAL J 81 -14.34 -4.73 14.13
CA VAL J 81 -15.24 -4.81 15.28
C VAL J 81 -15.90 -3.47 15.61
N THR J 82 -15.09 -2.44 15.82
CA THR J 82 -15.62 -1.12 16.15
CA THR J 82 -15.63 -1.12 16.16
C THR J 82 -16.32 -0.48 14.96
N THR J 83 -15.72 -0.62 13.78
CA THR J 83 -16.30 -0.06 12.56
C THR J 83 -17.60 -0.78 12.15
N GLY J 84 -17.69 -2.08 12.40
CA GLY J 84 -18.93 -2.79 12.25
C GLY J 84 -20.03 -2.16 13.09
N ARG J 85 -19.73 -1.86 14.35
CA ARG J 85 -20.73 -1.24 15.22
C ARG J 85 -21.11 0.16 14.71
N LYS J 86 -20.11 0.88 14.21
CA LYS J 86 -20.32 2.22 13.65
C LYS J 86 -21.27 2.16 12.44
N ILE J 87 -21.02 1.20 11.55
CA ILE J 87 -21.87 0.99 10.40
C ILE J 87 -23.29 0.63 10.82
N ILE J 88 -23.40 -0.20 11.85
CA ILE J 88 -24.69 -0.65 12.33
C ILE J 88 -25.53 0.48 12.95
N GLY J 89 -24.88 1.36 13.71
CA GLY J 89 -25.59 2.47 14.32
C GLY J 89 -26.02 2.16 15.75
N ALA J 90 -26.43 3.20 16.47
CA ALA J 90 -26.85 3.09 17.86
C ALA J 90 -27.90 2.01 18.11
N THR J 91 -27.84 1.41 19.30
CA THR J 91 -28.74 0.34 19.68
C THR J 91 -30.19 0.77 19.66
N ASN J 92 -30.46 1.90 20.29
CA ASN J 92 -31.79 2.47 20.27
C ASN J 92 -32.02 3.30 19.00
N PRO J 93 -32.85 2.77 18.08
CA PRO J 93 -33.18 3.43 16.82
C PRO J 93 -33.64 4.88 17.00
N LEU J 94 -34.00 5.24 18.22
CA LEU J 94 -34.30 6.63 18.53
C LEU J 94 -33.07 7.49 18.30
N ALA J 95 -31.88 6.89 18.49
CA ALA J 95 -30.62 7.60 18.45
C ALA J 95 -29.74 7.25 17.25
N SER J 96 -30.08 6.20 16.51
CA SER J 96 -29.21 5.81 15.40
C SER J 96 -29.22 6.84 14.27
N GLU J 97 -28.05 7.15 13.72
CA GLU J 97 -27.96 8.23 12.74
C GLU J 97 -28.25 7.74 11.32
N PRO J 98 -29.06 8.52 10.56
CA PRO J 98 -29.29 8.19 9.16
C PRO J 98 -27.95 7.92 8.51
N GLY J 99 -27.90 6.93 7.63
CA GLY J 99 -26.64 6.53 7.01
C GLY J 99 -26.14 5.23 7.60
N THR J 100 -26.50 4.97 8.85
CA THR J 100 -26.24 3.66 9.46
C THR J 100 -27.38 2.71 9.13
N ILE J 101 -27.14 1.42 9.31
CA ILE J 101 -28.16 0.42 9.06
C ILE J 101 -29.41 0.69 9.90
N ARG J 102 -29.27 0.82 11.21
CA ARG J 102 -30.42 1.10 12.06
CA ARG J 102 -30.42 1.09 12.07
C ARG J 102 -30.98 2.51 11.82
N GLY J 103 -30.11 3.45 11.49
CA GLY J 103 -30.59 4.79 11.20
C GLY J 103 -31.53 4.80 10.00
N ASP J 104 -31.15 4.03 8.99
CA ASP J 104 -31.93 3.96 7.75
C ASP J 104 -33.15 3.04 7.81
N PHE J 105 -33.11 2.00 8.65
CA PHE J 105 -34.14 0.95 8.58
C PHE J 105 -34.92 0.63 9.86
N ALA J 106 -34.44 1.03 11.03
CA ALA J 106 -35.07 0.61 12.29
C ALA J 106 -35.78 1.74 13.04
N VAL J 107 -36.87 1.40 13.72
CA VAL J 107 -37.59 2.38 14.53
C VAL J 107 -37.89 1.88 15.95
N ASP J 108 -37.73 0.58 16.18
CA ASP J 108 -38.03 -0.01 17.49
C ASP J 108 -36.82 -0.77 18.02
N ILE J 109 -36.42 -0.46 19.25
CA ILE J 109 -35.26 -1.08 19.84
C ILE J 109 -35.36 -2.61 19.88
N GLY J 110 -36.58 -3.12 19.96
CA GLY J 110 -36.78 -4.56 19.98
C GLY J 110 -36.78 -5.15 18.58
N ARG J 111 -36.77 -4.29 17.57
CA ARG J 111 -36.66 -4.76 16.20
C ARG J 111 -35.56 -3.97 15.50
N ASN J 112 -34.32 -4.23 15.91
CA ASN J 112 -33.20 -3.43 15.43
C ASN J 112 -32.32 -4.14 14.42
N VAL J 113 -32.91 -5.12 13.74
CA VAL J 113 -32.46 -5.58 12.42
C VAL J 113 -31.22 -6.45 12.45
N ILE J 114 -30.23 -6.05 13.23
CA ILE J 114 -28.92 -6.65 13.09
C ILE J 114 -28.16 -6.65 14.40
N HIS J 115 -27.18 -7.56 14.52
CA HIS J 115 -26.27 -7.60 15.66
C HIS J 115 -24.82 -7.63 15.17
N GLY J 116 -23.96 -6.89 15.86
CA GLY J 116 -22.52 -6.96 15.63
C GLY J 116 -21.80 -7.10 16.97
N SER J 117 -20.67 -7.80 17.00
CA SER J 117 -19.90 -8.00 18.24
C SER J 117 -19.55 -6.68 18.93
N ASP J 118 -19.66 -6.64 20.26
CA ASP J 118 -19.42 -5.40 21.00
CA ASP J 118 -19.43 -5.41 21.03
C ASP J 118 -17.96 -5.19 21.37
N SER J 119 -17.14 -6.22 21.15
CA SER J 119 -15.71 -6.15 21.44
C SER J 119 -14.98 -7.30 20.76
N ILE J 120 -13.66 -7.20 20.68
CA ILE J 120 -12.86 -8.28 20.12
C ILE J 120 -13.06 -9.57 20.90
N GLU J 121 -13.16 -9.45 22.23
CA GLU J 121 -13.38 -10.61 23.09
C GLU J 121 -14.72 -11.29 22.80
N SER J 122 -15.79 -10.49 22.70
CA SER J 122 -17.09 -11.06 22.34
C SER J 122 -17.03 -11.66 20.93
N ALA J 123 -16.35 -10.96 20.02
CA ALA J 123 -16.24 -11.43 18.63
C ALA J 123 -15.62 -12.83 18.60
N ASN J 124 -14.50 -13.01 19.29
CA ASN J 124 -13.87 -14.33 19.36
C ASN J 124 -14.82 -15.41 19.87
N LYS J 125 -15.54 -15.10 20.96
CA LYS J 125 -16.50 -16.04 21.54
C LYS J 125 -17.63 -16.36 20.57
N GLU J 126 -18.17 -15.34 19.93
CA GLU J 126 -19.33 -15.51 19.05
C GLU J 126 -19.00 -16.31 17.78
N ILE J 127 -17.83 -16.02 17.20
CA ILE J 127 -17.35 -16.77 16.03
C ILE J 127 -17.12 -18.24 16.39
N ALA J 128 -16.56 -18.48 17.57
CA ALA J 128 -16.26 -19.84 17.97
C ALA J 128 -17.55 -20.60 18.18
N LEU J 129 -18.57 -19.92 18.71
CA LEU J 129 -19.86 -20.55 18.93
C LEU J 129 -20.65 -20.80 17.64
N TRP J 130 -20.72 -19.80 16.76
CA TRP J 130 -21.54 -19.86 15.56
C TRP J 130 -20.88 -20.58 14.38
N PHE J 131 -19.55 -20.51 14.34
CA PHE J 131 -18.79 -21.10 13.24
C PHE J 131 -17.66 -22.01 13.71
N PRO J 132 -18.00 -23.06 14.46
CA PRO J 132 -16.95 -23.97 14.93
C PRO J 132 -16.27 -24.66 13.74
N GLU J 133 -17.01 -24.81 12.65
CA GLU J 133 -16.48 -25.40 11.42
C GLU J 133 -15.44 -24.51 10.75
N GLY J 134 -15.23 -23.32 11.32
CA GLY J 134 -14.22 -22.41 10.80
C GLY J 134 -14.71 -21.53 9.64
N LEU J 135 -13.76 -20.92 8.93
CA LEU J 135 -14.08 -19.92 7.93
C LEU J 135 -13.72 -20.36 6.52
N ALA J 136 -14.22 -19.60 5.55
CA ALA J 136 -13.82 -19.81 4.17
C ALA J 136 -12.69 -18.83 3.96
N ASP J 137 -11.59 -19.28 3.38
CA ASP J 137 -10.48 -18.36 3.17
C ASP J 137 -10.33 -17.94 1.72
N TRP J 138 -9.91 -16.70 1.53
CA TRP J 138 -9.66 -16.15 0.21
C TRP J 138 -8.89 -14.85 0.36
N GLN J 139 -8.22 -14.44 -0.70
CA GLN J 139 -7.53 -13.15 -0.71
C GLN J 139 -8.11 -12.23 -1.79
N SER J 140 -8.52 -11.04 -1.38
CA SER J 140 -9.12 -10.12 -2.33
C SER J 140 -8.11 -9.47 -3.25
N SER J 141 -8.40 -9.49 -4.55
CA SER J 141 -7.65 -8.75 -5.54
C SER J 141 -7.62 -7.26 -5.23
N GLN J 142 -8.59 -6.78 -4.47
CA GLN J 142 -8.65 -5.35 -4.13
C GLN J 142 -7.74 -4.96 -2.95
N HIS J 143 -7.11 -5.94 -2.32
CA HIS J 143 -6.36 -5.66 -1.09
C HIS J 143 -5.38 -4.48 -1.18
N PRO J 144 -4.57 -4.43 -2.25
CA PRO J 144 -3.56 -3.35 -2.37
C PRO J 144 -4.19 -1.96 -2.42
N TRP J 145 -5.47 -1.89 -2.75
CA TRP J 145 -6.15 -0.61 -2.95
C TRP J 145 -7.05 -0.24 -1.76
N ILE J 146 -7.34 -1.23 -0.94
CA ILE J 146 -8.11 -1.01 0.27
C ILE J 146 -7.19 -0.68 1.44
N TYR J 147 -6.02 -1.31 1.43
CA TYR J 147 -5.03 -1.16 2.51
C TYR J 147 -3.69 -0.67 1.99
N GLU J 148 -3.00 0.12 2.81
CA GLU J 148 -1.65 0.55 2.52
C GLU J 148 -0.68 -0.48 3.08
N LYS J 149 0.10 -1.09 2.20
CA LYS J 149 1.01 -2.18 2.58
C LYS J 149 0.23 -3.42 3.01
N MET K 1 38.81 -26.93 18.26
CA MET K 1 38.56 -27.21 19.69
C MET K 1 39.42 -26.41 20.68
N GLU K 2 40.56 -25.89 20.22
CA GLU K 2 41.33 -24.92 21.02
C GLU K 2 40.44 -23.73 21.39
N SER K 3 40.67 -23.13 22.56
CA SER K 3 39.87 -21.97 22.94
C SER K 3 40.73 -20.83 23.44
N THR K 4 40.24 -19.60 23.25
CA THR K 4 40.94 -18.43 23.75
C THR K 4 39.98 -17.44 24.42
N PHE K 5 40.54 -16.61 25.29
CA PHE K 5 39.76 -15.59 25.97
C PHE K 5 39.93 -14.25 25.24
N ILE K 6 38.81 -13.66 24.81
CA ILE K 6 38.82 -12.35 24.16
C ILE K 6 38.05 -11.34 25.01
N MET K 7 38.64 -10.19 25.29
CA MET K 7 37.96 -9.20 26.12
C MET K 7 37.92 -7.84 25.43
N ILE K 8 36.73 -7.27 25.30
CA ILE K 8 36.59 -5.91 24.79
C ILE K 8 36.72 -4.96 25.97
N LYS K 9 37.74 -4.11 25.93
CA LYS K 9 38.01 -3.20 27.04
C LYS K 9 36.99 -2.05 27.12
N PRO K 10 37.02 -1.29 28.22
CA PRO K 10 36.02 -0.21 28.40
C PRO K 10 35.97 0.81 27.26
N ASP K 11 37.08 1.06 26.57
CA ASP K 11 37.04 1.96 25.42
C ASP K 11 36.30 1.34 24.24
N GLY K 12 36.40 0.02 24.09
CA GLY K 12 35.68 -0.68 23.04
C GLY K 12 34.18 -0.56 23.23
N VAL K 13 33.74 -0.67 24.48
CA VAL K 13 32.34 -0.48 24.79
C VAL K 13 31.93 0.97 24.53
N GLN K 14 32.72 1.92 25.06
CA GLN K 14 32.35 3.33 24.93
C GLN K 14 32.25 3.80 23.49
N ARG K 15 33.12 3.31 22.62
CA ARG K 15 33.16 3.74 21.23
CA ARG K 15 33.18 3.74 21.23
C ARG K 15 32.25 2.93 20.32
N GLY K 16 31.37 2.13 20.92
CA GLY K 16 30.35 1.39 20.19
C GLY K 16 30.87 0.33 19.24
N LEU K 17 31.87 -0.42 19.68
CA LEU K 17 32.52 -1.41 18.81
C LEU K 17 32.19 -2.87 19.16
N ILE K 18 31.23 -3.10 20.04
CA ILE K 18 30.99 -4.46 20.50
C ILE K 18 30.57 -5.39 19.37
N GLY K 19 29.55 -4.98 18.61
CA GLY K 19 29.04 -5.79 17.53
C GLY K 19 30.05 -6.00 16.42
N GLU K 20 30.73 -4.92 16.06
CA GLU K 20 31.74 -4.99 15.00
C GLU K 20 32.80 -6.02 15.33
N ILE K 21 33.28 -5.97 16.57
CA ILE K 21 34.30 -6.91 17.01
C ILE K 21 33.79 -8.35 17.00
N ILE K 22 32.60 -8.57 17.52
CA ILE K 22 32.01 -9.91 17.51
C ILE K 22 31.83 -10.46 16.08
N SER K 23 31.29 -9.61 15.19
CA SER K 23 31.13 -9.96 13.78
CA SER K 23 31.12 -9.99 13.78
C SER K 23 32.44 -10.44 13.13
N ARG K 24 33.55 -9.85 13.52
CA ARG K 24 34.82 -10.24 12.95
C ARG K 24 35.19 -11.68 13.29
N PHE K 25 34.99 -12.06 14.55
CA PHE K 25 35.26 -13.43 14.96
C PHE K 25 34.25 -14.43 14.37
N GLU K 26 32.98 -14.02 14.28
CA GLU K 26 31.94 -14.87 13.71
C GLU K 26 32.20 -15.15 12.25
N LYS K 27 32.52 -14.10 11.50
CA LYS K 27 32.76 -14.22 10.06
C LYS K 27 33.97 -15.09 9.77
N LYS K 28 34.93 -15.08 10.68
CA LYS K 28 36.15 -15.86 10.54
C LYS K 28 35.84 -17.35 10.62
N GLY K 29 34.72 -17.69 11.25
CA GLY K 29 34.34 -19.07 11.46
C GLY K 29 34.58 -19.59 12.85
N PHE K 30 35.01 -18.72 13.75
CA PHE K 30 35.17 -19.13 15.15
C PHE K 30 33.82 -19.25 15.88
N TYR K 31 33.80 -20.04 16.96
CA TYR K 31 32.57 -20.34 17.67
C TYR K 31 32.58 -19.66 19.03
N LEU K 32 31.58 -18.81 19.25
CA LEU K 32 31.43 -18.12 20.52
C LEU K 32 30.87 -19.12 21.54
N LYS K 33 31.63 -19.36 22.62
CA LYS K 33 31.25 -20.36 23.62
C LYS K 33 30.89 -19.73 24.98
N ALA K 34 31.17 -18.44 25.14
CA ALA K 34 30.82 -17.71 26.35
C ALA K 34 30.88 -16.22 26.09
N LEU K 35 30.03 -15.47 26.79
CA LEU K 35 29.85 -14.04 26.50
C LEU K 35 29.12 -13.37 27.65
N LYS K 36 29.72 -12.31 28.20
CA LYS K 36 29.03 -11.49 29.18
C LYS K 36 29.58 -10.07 29.33
N LEU K 37 28.69 -9.16 29.72
CA LEU K 37 29.03 -7.77 29.97
C LEU K 37 29.22 -7.63 31.48
N VAL K 38 30.41 -7.18 31.89
CA VAL K 38 30.82 -7.27 33.29
C VAL K 38 31.49 -6.01 33.79
N ASN K 39 31.12 -5.56 35.00
CA ASN K 39 31.96 -4.59 35.72
C ASN K 39 32.96 -5.35 36.58
N VAL K 40 34.22 -4.99 36.47
CA VAL K 40 35.32 -5.70 37.12
C VAL K 40 35.79 -4.94 38.37
N GLU K 41 35.98 -5.66 39.48
CA GLU K 41 36.51 -5.08 40.71
CA GLU K 41 36.52 -5.06 40.71
C GLU K 41 38.03 -5.23 40.72
N ARG K 42 38.72 -4.36 41.46
CA ARG K 42 40.18 -4.35 41.42
C ARG K 42 40.86 -5.68 41.77
N SER K 43 40.40 -6.35 42.82
CA SER K 43 41.06 -7.60 43.19
C SER K 43 40.95 -8.61 42.04
N PHE K 44 39.81 -8.64 41.36
CA PHE K 44 39.65 -9.53 40.21
C PHE K 44 40.59 -9.12 39.06
N ALA K 45 40.64 -7.82 38.78
CA ALA K 45 41.56 -7.27 37.79
C ALA K 45 43.00 -7.70 38.06
N GLU K 46 43.42 -7.56 39.32
CA GLU K 46 44.74 -8.01 39.75
C GLU K 46 44.98 -9.51 39.51
N LYS K 47 43.95 -10.32 39.67
CA LYS K 47 44.08 -11.76 39.39
C LYS K 47 44.25 -11.96 37.90
N HIS K 48 43.43 -11.27 37.12
CA HIS K 48 43.55 -11.36 35.67
C HIS K 48 44.97 -11.04 35.18
N TYR K 49 45.54 -9.96 35.69
CA TYR K 49 46.86 -9.52 35.28
C TYR K 49 47.95 -10.01 36.26
N ALA K 50 47.67 -11.10 36.97
CA ALA K 50 48.60 -11.61 37.98
C ALA K 50 50.02 -11.78 37.46
N ASP K 51 50.17 -12.33 36.25
CA ASP K 51 51.49 -12.60 35.70
C ASP K 51 52.23 -11.32 35.31
N LEU K 52 51.85 -10.19 35.90
CA LEU K 52 52.47 -8.90 35.57
C LEU K 52 52.58 -8.01 36.79
N ALA K 53 52.26 -8.55 37.95
CA ALA K 53 52.18 -7.77 39.18
C ALA K 53 53.51 -7.10 39.56
N SER K 54 54.61 -7.68 39.08
CA SER K 54 55.95 -7.19 39.41
C SER K 54 56.30 -5.93 38.63
N LYS K 55 55.58 -5.69 37.55
CA LYS K 55 55.85 -4.55 36.66
C LYS K 55 55.25 -3.25 37.19
N PRO K 56 55.74 -2.11 36.65
CA PRO K 56 55.33 -0.78 37.11
C PRO K 56 54.00 -0.34 36.49
N PHE K 57 53.78 -0.72 35.23
CA PHE K 57 52.54 -0.41 34.55
C PHE K 57 51.49 -1.50 34.80
N PHE K 58 51.73 -2.29 35.85
CA PHE K 58 50.74 -3.24 36.33
C PHE K 58 49.55 -2.46 36.87
N GLN K 59 49.83 -1.47 37.71
CA GLN K 59 48.76 -0.64 38.23
C GLN K 59 48.00 0.00 37.08
N GLY K 60 48.72 0.37 36.03
CA GLY K 60 48.10 0.99 34.87
C GLY K 60 47.11 0.08 34.16
N LEU K 61 47.49 -1.17 33.97
CA LEU K 61 46.61 -2.15 33.34
C LEU K 61 45.38 -2.35 34.23
N VAL K 62 45.60 -2.43 35.54
CA VAL K 62 44.52 -2.67 36.50
C VAL K 62 43.49 -1.53 36.53
N ASP K 63 43.97 -0.29 36.62
CA ASP K 63 43.08 0.88 36.66
C ASP K 63 42.22 1.02 35.41
N TYR K 64 42.84 0.79 34.26
CA TYR K 64 42.18 0.84 32.96
C TYR K 64 40.97 -0.08 32.96
N ILE K 65 41.18 -1.34 33.34
CA ILE K 65 40.16 -2.38 33.20
CA ILE K 65 40.17 -2.38 33.21
C ILE K 65 39.00 -2.25 34.18
N ILE K 66 39.20 -1.51 35.26
CA ILE K 66 38.10 -1.27 36.20
C ILE K 66 37.37 0.05 35.90
N SER K 67 37.77 0.74 34.84
CA SER K 67 37.23 2.08 34.56
C SER K 67 35.88 2.06 33.82
N GLY K 68 35.38 0.87 33.49
CA GLY K 68 34.06 0.72 32.89
C GLY K 68 33.83 -0.73 32.53
N PRO K 69 32.61 -1.08 32.14
CA PRO K 69 32.34 -2.50 31.84
C PRO K 69 33.14 -3.01 30.65
N VAL K 70 33.41 -4.31 30.66
CA VAL K 70 34.13 -4.99 29.60
C VAL K 70 33.22 -6.11 29.09
N VAL K 71 33.50 -6.58 27.89
CA VAL K 71 32.78 -7.72 27.35
C VAL K 71 33.75 -8.89 27.33
N ALA K 72 33.42 -9.93 28.10
CA ALA K 72 34.28 -11.09 28.24
C ALA K 72 33.76 -12.17 27.33
N MET K 73 34.67 -12.83 26.60
CA MET K 73 34.27 -13.85 25.64
C MET K 73 35.21 -15.05 25.60
N VAL K 74 34.68 -16.21 25.25
CA VAL K 74 35.48 -17.38 24.92
C VAL K 74 35.18 -17.74 23.47
N TRP K 75 36.23 -17.89 22.67
CA TRP K 75 36.07 -18.27 21.26
C TRP K 75 36.77 -19.59 21.01
N GLU K 76 36.12 -20.46 20.23
CA GLU K 76 36.66 -21.78 19.95
C GLU K 76 36.97 -22.00 18.47
N GLY K 77 38.12 -22.58 18.19
CA GLY K 77 38.47 -22.95 16.83
C GLY K 77 39.94 -23.29 16.60
N LYS K 78 40.24 -23.81 15.42
CA LYS K 78 41.62 -24.18 15.08
C LYS K 78 42.52 -22.95 15.15
N SER K 79 43.56 -23.04 15.97
CA SER K 79 44.54 -21.97 16.11
C SER K 79 43.92 -20.65 16.56
N VAL K 80 42.88 -20.72 17.37
CA VAL K 80 42.13 -19.52 17.70
C VAL K 80 42.97 -18.59 18.58
N VAL K 81 43.85 -19.17 19.40
CA VAL K 81 44.69 -18.31 20.23
C VAL K 81 45.58 -17.40 19.38
N THR K 82 46.39 -17.96 18.48
CA THR K 82 47.28 -17.13 17.66
CA THR K 82 47.28 -17.12 17.67
C THR K 82 46.48 -16.30 16.65
N THR K 83 45.45 -16.90 16.08
CA THR K 83 44.66 -16.21 15.09
C THR K 83 43.93 -15.04 15.74
N GLY K 84 43.44 -15.26 16.96
CA GLY K 84 42.79 -14.20 17.71
C GLY K 84 43.69 -12.99 17.84
N ARG K 85 44.96 -13.24 18.16
CA ARG K 85 45.93 -12.14 18.28
C ARG K 85 46.21 -11.46 16.93
N LYS K 86 46.26 -12.26 15.88
CA LYS K 86 46.48 -11.75 14.53
C LYS K 86 45.35 -10.80 14.10
N ILE K 87 44.11 -11.19 14.41
CA ILE K 87 42.95 -10.37 14.08
C ILE K 87 42.95 -9.06 14.87
N ILE K 88 43.38 -9.16 16.12
CA ILE K 88 43.43 -8.00 16.99
C ILE K 88 44.50 -7.00 16.54
N GLY K 89 45.67 -7.52 16.15
CA GLY K 89 46.75 -6.68 15.66
C GLY K 89 47.73 -6.29 16.76
N ALA K 90 48.81 -5.62 16.36
CA ALA K 90 49.89 -5.26 17.27
C ALA K 90 49.44 -4.46 18.50
N THR K 91 50.14 -4.66 19.61
CA THR K 91 49.83 -4.00 20.88
C THR K 91 49.82 -2.49 20.74
N ASN K 92 50.83 -1.96 20.07
CA ASN K 92 50.84 -0.56 19.74
C ASN K 92 50.08 -0.33 18.45
N PRO K 93 48.85 0.20 18.56
CA PRO K 93 48.00 0.43 17.39
C PRO K 93 48.70 1.24 16.27
N LEU K 94 49.76 1.98 16.60
CA LEU K 94 50.60 2.62 15.59
C LEU K 94 51.23 1.61 14.64
N ALA K 95 51.62 0.45 15.16
CA ALA K 95 52.20 -0.61 14.34
C ALA K 95 51.15 -1.57 13.79
N SER K 96 49.90 -1.39 14.21
CA SER K 96 48.80 -2.26 13.80
C SER K 96 48.38 -1.98 12.36
N GLU K 97 48.22 -3.04 11.58
CA GLU K 97 47.90 -2.91 10.16
C GLU K 97 46.40 -2.72 9.92
N PRO K 98 46.05 -1.85 8.97
CA PRO K 98 44.66 -1.76 8.51
C PRO K 98 44.16 -3.17 8.22
N GLY K 99 42.93 -3.46 8.64
CA GLY K 99 42.36 -4.78 8.46
C GLY K 99 42.31 -5.55 9.77
N THR K 100 43.15 -5.18 10.73
CA THR K 100 43.05 -5.69 12.09
C THR K 100 42.17 -4.77 12.93
N ILE K 101 41.69 -5.27 14.08
CA ILE K 101 40.84 -4.47 14.93
C ILE K 101 41.53 -3.18 15.42
N ARG K 102 42.73 -3.31 16.01
CA ARG K 102 43.47 -2.14 16.43
CA ARG K 102 43.49 -2.13 16.44
C ARG K 102 43.93 -1.28 15.24
N GLY K 103 44.27 -1.93 14.13
CA GLY K 103 44.67 -1.19 12.95
C GLY K 103 43.53 -0.31 12.42
N ASP K 104 42.31 -0.80 12.54
CA ASP K 104 41.16 -0.07 12.02
C ASP K 104 40.63 0.99 13.02
N PHE K 105 40.80 0.75 14.31
CA PHE K 105 40.05 1.55 15.29
C PHE K 105 40.86 2.28 16.36
N ALA K 106 42.13 1.91 16.55
CA ALA K 106 42.87 2.43 17.69
C ALA K 106 44.12 3.26 17.31
N VAL K 107 44.50 4.17 18.22
CA VAL K 107 45.62 5.07 17.99
CA VAL K 107 45.63 5.06 17.99
C VAL K 107 46.57 5.12 19.19
N ASP K 108 46.07 4.71 20.35
CA ASP K 108 46.84 4.81 21.59
C ASP K 108 46.97 3.45 22.30
N ILE K 109 48.19 3.12 22.69
CA ILE K 109 48.45 1.86 23.39
CA ILE K 109 48.45 1.88 23.42
C ILE K 109 47.59 1.72 24.65
N GLY K 110 47.30 2.84 25.31
CA GLY K 110 46.52 2.83 26.53
C GLY K 110 45.03 2.78 26.28
N ARG K 111 44.65 2.84 25.02
CA ARG K 111 43.26 2.67 24.62
C ARG K 111 43.23 1.76 23.40
N ASN K 112 43.60 0.51 23.59
CA ASN K 112 43.76 -0.37 22.44
C ASN K 112 42.62 -1.37 22.29
N VAL K 113 41.47 -1.02 22.87
CA VAL K 113 40.17 -1.57 22.48
C VAL K 113 39.85 -2.99 22.95
N ILE K 114 40.83 -3.87 22.90
CA ILE K 114 40.55 -5.28 23.06
C ILE K 114 41.78 -6.03 23.54
N HIS K 115 41.54 -7.17 24.21
CA HIS K 115 42.60 -8.05 24.71
C HIS K 115 42.35 -9.47 24.21
N GLY K 116 43.40 -10.16 23.76
CA GLY K 116 43.34 -11.58 23.46
C GLY K 116 44.41 -12.37 24.20
N SER K 117 44.09 -13.57 24.68
CA SER K 117 45.07 -14.40 25.36
C SER K 117 46.37 -14.54 24.56
N ASP K 118 47.52 -14.52 25.23
CA ASP K 118 48.78 -14.53 24.50
C ASP K 118 49.31 -15.93 24.18
N SER K 119 48.68 -16.96 24.75
CA SER K 119 49.16 -18.33 24.59
C SER K 119 48.08 -19.26 25.07
N ILE K 120 48.21 -20.54 24.72
CA ILE K 120 47.26 -21.55 25.15
C ILE K 120 47.20 -21.66 26.68
N GLU K 121 48.35 -21.59 27.32
CA GLU K 121 48.36 -21.71 28.77
C GLU K 121 47.71 -20.48 29.43
N SER K 122 47.95 -19.30 28.88
CA SER K 122 47.26 -18.09 29.33
C SER K 122 45.76 -18.19 29.09
N ALA K 123 45.37 -18.67 27.91
CA ALA K 123 43.95 -18.80 27.61
C ALA K 123 43.25 -19.70 28.64
N ASN K 124 43.86 -20.83 28.96
CA ASN K 124 43.24 -21.75 29.90
C ASN K 124 43.07 -21.10 31.28
N LYS K 125 44.07 -20.32 31.69
CA LYS K 125 44.02 -19.64 32.97
C LYS K 125 42.90 -18.60 32.95
N GLU K 126 42.85 -17.82 31.87
CA GLU K 126 41.90 -16.72 31.76
C GLU K 126 40.47 -17.23 31.68
N ILE K 127 40.26 -18.26 30.87
CA ILE K 127 38.95 -18.85 30.76
C ILE K 127 38.47 -19.37 32.14
N ALA K 128 39.36 -20.04 32.86
CA ALA K 128 39.03 -20.55 34.19
C ALA K 128 38.64 -19.41 35.14
N LEU K 129 39.35 -18.29 35.01
CA LEU K 129 39.14 -17.15 35.91
C LEU K 129 37.82 -16.41 35.62
N TRP K 130 37.56 -16.13 34.35
CA TRP K 130 36.40 -15.33 33.97
C TRP K 130 35.11 -16.13 33.88
N PHE K 131 35.23 -17.41 33.55
CA PHE K 131 34.06 -18.25 33.32
C PHE K 131 34.07 -19.55 34.14
N PRO K 132 34.21 -19.46 35.46
CA PRO K 132 34.13 -20.68 36.28
C PRO K 132 32.77 -21.36 36.15
N GLU K 133 31.75 -20.60 35.77
CA GLU K 133 30.40 -21.13 35.60
C GLU K 133 30.29 -22.01 34.36
N GLY K 134 31.37 -22.12 33.59
CA GLY K 134 31.40 -22.96 32.41
C GLY K 134 30.96 -22.26 31.12
N LEU K 135 31.00 -22.99 30.01
CA LEU K 135 30.71 -22.44 28.70
C LEU K 135 29.32 -22.86 28.23
N ALA K 136 28.83 -22.19 27.19
CA ALA K 136 27.56 -22.56 26.57
C ALA K 136 27.87 -23.41 25.37
N ASP K 137 27.68 -24.72 25.48
CA ASP K 137 28.07 -25.60 24.37
CA ASP K 137 28.06 -25.63 24.39
C ASP K 137 26.99 -25.71 23.30
N TRP K 138 27.43 -25.83 22.06
CA TRP K 138 26.53 -26.02 20.93
C TRP K 138 27.38 -26.52 19.79
N GLN K 139 26.75 -27.08 18.76
CA GLN K 139 27.49 -27.47 17.55
C GLN K 139 26.98 -26.69 16.34
N SER K 140 27.88 -26.01 15.65
CA SER K 140 27.50 -25.21 14.50
C SER K 140 27.13 -26.11 13.32
N SER K 141 26.02 -25.83 12.68
CA SER K 141 25.62 -26.62 11.52
C SER K 141 26.54 -26.31 10.34
N GLN K 142 27.44 -25.35 10.48
CA GLN K 142 28.33 -25.03 9.38
C GLN K 142 29.71 -25.65 9.53
N HIS K 143 29.88 -26.37 10.63
CA HIS K 143 31.13 -27.06 10.94
C HIS K 143 31.77 -27.80 9.76
N PRO K 144 30.98 -28.58 8.99
CA PRO K 144 31.62 -29.36 7.92
C PRO K 144 32.06 -28.48 6.74
N TRP K 145 31.64 -27.21 6.73
CA TRP K 145 32.06 -26.29 5.67
C TRP K 145 33.18 -25.33 6.13
N ILE K 146 33.34 -25.21 7.44
CA ILE K 146 34.40 -24.40 8.02
C ILE K 146 35.65 -25.25 8.20
N TYR K 147 35.46 -26.53 8.54
CA TYR K 147 36.56 -27.48 8.76
C TYR K 147 36.49 -28.71 7.88
N GLU K 148 37.66 -29.23 7.53
CA GLU K 148 37.76 -30.49 6.79
C GLU K 148 37.87 -31.65 7.76
N LYS K 149 36.88 -32.55 7.72
CA LYS K 149 37.01 -33.82 8.43
C LYS K 149 37.03 -33.64 9.94
N MET L 1 -20.34 31.04 -7.62
CA MET L 1 -19.90 31.14 -6.22
C MET L 1 -18.54 30.51 -5.91
N GLU L 2 -18.40 30.04 -4.66
CA GLU L 2 -17.19 29.40 -4.19
C GLU L 2 -16.82 28.18 -5.04
N SER L 3 -15.54 27.92 -5.11
CA SER L 3 -15.02 26.78 -5.88
C SER L 3 -14.06 25.92 -5.08
N THR L 4 -14.08 24.61 -5.27
CA THR L 4 -13.12 23.77 -4.56
C THR L 4 -12.52 22.72 -5.46
N PHE L 5 -11.35 22.22 -5.08
CA PHE L 5 -10.72 21.16 -5.83
C PHE L 5 -10.91 19.84 -5.11
N ILE L 6 -11.37 18.82 -5.84
CA ILE L 6 -11.60 17.51 -5.27
C ILE L 6 -11.00 16.46 -6.17
N MET L 7 -10.24 15.56 -5.57
CA MET L 7 -9.51 14.57 -6.35
C MET L 7 -9.84 13.17 -5.86
N ILE L 8 -10.30 12.33 -6.79
CA ILE L 8 -10.46 10.91 -6.52
C ILE L 8 -9.10 10.27 -6.68
N LYS L 9 -8.64 9.61 -5.62
CA LYS L 9 -7.30 9.05 -5.61
C LYS L 9 -7.23 7.73 -6.38
N PRO L 10 -6.02 7.21 -6.59
CA PRO L 10 -5.90 6.01 -7.42
C PRO L 10 -6.76 4.85 -6.94
N ASP L 11 -7.00 4.74 -5.63
CA ASP L 11 -7.80 3.65 -5.10
C ASP L 11 -9.29 3.83 -5.42
N GLY L 12 -9.75 5.08 -5.46
CA GLY L 12 -11.09 5.42 -5.94
C GLY L 12 -11.31 4.94 -7.37
N VAL L 13 -10.30 5.09 -8.22
CA VAL L 13 -10.41 4.63 -9.60
C VAL L 13 -10.39 3.09 -9.69
N GLN L 14 -9.49 2.47 -8.95
CA GLN L 14 -9.35 1.01 -9.00
C GLN L 14 -10.59 0.28 -8.46
N ARG L 15 -11.25 0.88 -7.47
CA ARG L 15 -12.39 0.25 -6.84
CA ARG L 15 -12.38 0.23 -6.84
C ARG L 15 -13.72 0.62 -7.49
N GLY L 16 -13.66 1.29 -8.63
CA GLY L 16 -14.86 1.58 -9.40
C GLY L 16 -15.83 2.54 -8.73
N LEU L 17 -15.27 3.53 -8.04
CA LEU L 17 -16.06 4.50 -7.30
C LEU L 17 -16.24 5.87 -8.00
N ILE L 18 -15.75 6.01 -9.22
CA ILE L 18 -15.75 7.33 -9.86
C ILE L 18 -17.17 7.90 -10.02
N GLY L 19 -18.02 7.15 -10.71
CA GLY L 19 -19.40 7.56 -10.91
C GLY L 19 -20.17 7.80 -9.63
N GLU L 20 -20.05 6.88 -8.67
CA GLU L 20 -20.71 7.02 -7.37
C GLU L 20 -20.32 8.33 -6.69
N ILE L 21 -19.05 8.66 -6.74
CA ILE L 21 -18.57 9.88 -6.09
C ILE L 21 -19.11 11.13 -6.79
N ILE L 22 -19.04 11.15 -8.11
CA ILE L 22 -19.55 12.29 -8.86
C ILE L 22 -21.06 12.47 -8.62
N SER L 23 -21.81 11.38 -8.61
CA SER L 23 -23.24 11.44 -8.30
C SER L 23 -23.52 12.13 -6.98
N ARG L 24 -22.75 11.80 -5.95
CA ARG L 24 -23.00 12.42 -4.66
C ARG L 24 -22.89 13.94 -4.71
N PHE L 25 -21.92 14.45 -5.47
CA PHE L 25 -21.77 15.89 -5.62
C PHE L 25 -22.86 16.50 -6.52
N GLU L 26 -23.23 15.79 -7.57
CA GLU L 26 -24.32 16.26 -8.42
C GLU L 26 -25.63 16.31 -7.64
N LYS L 27 -25.91 15.26 -6.88
CA LYS L 27 -27.19 15.16 -6.17
C LYS L 27 -27.32 16.22 -5.10
N LYS L 28 -26.18 16.62 -4.52
CA LYS L 28 -26.14 17.64 -3.48
C LYS L 28 -26.56 19.00 -4.03
N GLY L 29 -26.36 19.19 -5.34
CA GLY L 29 -26.70 20.47 -5.95
C GLY L 29 -25.49 21.27 -6.41
N PHE L 30 -24.28 20.72 -6.25
CA PHE L 30 -23.07 21.44 -6.67
C PHE L 30 -22.82 21.27 -8.17
N TYR L 31 -22.09 22.22 -8.77
CA TYR L 31 -21.86 22.22 -10.21
C TYR L 31 -20.43 21.82 -10.57
N LEU L 32 -20.31 20.80 -11.39
CA LEU L 32 -19.00 20.35 -11.86
C LEU L 32 -18.50 21.31 -12.94
N LYS L 33 -17.33 21.90 -12.71
CA LYS L 33 -16.77 22.91 -13.62
C LYS L 33 -15.47 22.50 -14.30
N ALA L 34 -14.90 21.38 -13.85
CA ALA L 34 -13.70 20.84 -14.49
C ALA L 34 -13.56 19.38 -14.09
N LEU L 35 -13.01 18.58 -15.00
CA LEU L 35 -12.98 17.14 -14.78
C LEU L 35 -11.99 16.49 -15.71
N LYS L 36 -11.06 15.70 -15.17
CA LYS L 36 -10.16 14.94 -16.02
C LYS L 36 -9.52 13.77 -15.32
N LEU L 37 -9.35 12.68 -16.08
CA LEU L 37 -8.60 11.52 -15.63
C LEU L 37 -7.16 11.75 -16.05
N VAL L 38 -6.23 11.72 -15.11
CA VAL L 38 -4.81 11.91 -15.45
C VAL L 38 -3.83 11.12 -14.60
N ASN L 39 -2.71 10.77 -15.21
CA ASN L 39 -1.56 10.21 -14.49
C ASN L 39 -0.66 11.36 -14.09
N VAL L 40 -0.37 11.45 -12.79
CA VAL L 40 0.44 12.53 -12.25
CA VAL L 40 0.44 12.55 -12.25
C VAL L 40 1.91 12.15 -12.17
N GLU L 41 2.79 13.10 -12.50
CA GLU L 41 4.23 12.90 -12.38
C GLU L 41 4.76 13.37 -11.03
N ARG L 42 5.90 12.84 -10.59
CA ARG L 42 6.39 13.16 -9.26
C ARG L 42 6.54 14.64 -8.99
N SER L 43 7.15 15.36 -9.93
CA SER L 43 7.46 16.77 -9.72
C SER L 43 6.18 17.59 -9.57
N PHE L 44 5.14 17.19 -10.29
CA PHE L 44 3.85 17.86 -10.16
C PHE L 44 3.26 17.53 -8.79
N ALA L 45 3.37 16.27 -8.39
CA ALA L 45 2.86 15.83 -7.09
C ALA L 45 3.44 16.65 -5.94
N GLU L 46 4.74 16.95 -6.02
CA GLU L 46 5.42 17.75 -4.99
C GLU L 46 4.85 19.17 -4.88
N LYS L 47 4.49 19.76 -6.02
CA LYS L 47 3.84 21.07 -6.01
C LYS L 47 2.46 20.98 -5.36
N HIS L 48 1.72 19.93 -5.72
CA HIS L 48 0.38 19.78 -5.17
C HIS L 48 0.40 19.66 -3.65
N TYR L 49 1.36 18.88 -3.13
CA TYR L 49 1.39 18.59 -1.70
C TYR L 49 2.39 19.50 -1.00
N ALA L 50 2.76 20.59 -1.67
CA ALA L 50 3.82 21.50 -1.21
C ALA L 50 3.63 21.97 0.24
N ASP L 51 2.41 22.37 0.58
CA ASP L 51 2.11 22.84 1.92
C ASP L 51 2.21 21.75 2.99
N LEU L 52 2.38 20.50 2.56
CA LEU L 52 2.48 19.40 3.53
C LEU L 52 3.91 18.88 3.60
N ALA L 53 4.82 19.61 2.97
CA ALA L 53 6.22 19.18 2.82
C ALA L 53 6.91 18.86 4.15
N SER L 54 6.48 19.51 5.22
CA SER L 54 7.10 19.32 6.53
C SER L 54 6.38 18.29 7.39
N LYS L 55 5.31 17.70 6.84
CA LYS L 55 4.52 16.70 7.55
C LYS L 55 5.06 15.29 7.32
N PRO L 56 4.82 14.38 8.28
CA PRO L 56 5.35 13.02 8.21
C PRO L 56 4.83 12.23 6.99
N PHE L 57 3.55 12.35 6.71
CA PHE L 57 2.93 11.56 5.65
C PHE L 57 3.22 12.04 4.22
N PHE L 58 4.00 13.13 4.10
CA PHE L 58 4.32 13.72 2.80
C PHE L 58 4.94 12.77 1.78
N GLN L 59 5.96 12.02 2.20
CA GLN L 59 6.63 11.07 1.30
C GLN L 59 5.66 10.02 0.80
N GLY L 60 4.89 9.43 1.72
CA GLY L 60 3.91 8.45 1.36
C GLY L 60 2.88 8.99 0.37
N LEU L 61 2.43 10.22 0.59
CA LEU L 61 1.43 10.86 -0.28
C LEU L 61 1.96 10.97 -1.71
N VAL L 62 3.19 11.44 -1.84
CA VAL L 62 3.76 11.67 -3.16
C VAL L 62 4.01 10.37 -3.92
N ASP L 63 4.57 9.38 -3.21
CA ASP L 63 4.74 8.04 -3.76
C ASP L 63 3.41 7.45 -4.24
N TYR L 64 2.36 7.69 -3.46
CA TYR L 64 1.08 7.08 -3.76
C TYR L 64 0.36 7.71 -4.95
N ILE L 65 0.27 9.04 -4.97
CA ILE L 65 -0.55 9.70 -5.98
C ILE L 65 -0.04 9.44 -7.40
N ILE L 66 1.24 9.09 -7.51
CA ILE L 66 1.79 8.78 -8.82
C ILE L 66 1.63 7.32 -9.19
N SER L 67 1.07 6.50 -8.30
CA SER L 67 1.02 5.06 -8.54
C SER L 67 -0.15 4.64 -9.45
N GLY L 68 -0.98 5.60 -9.83
CA GLY L 68 -2.09 5.32 -10.73
C GLY L 68 -2.84 6.58 -11.07
N PRO L 69 -3.75 6.51 -12.05
CA PRO L 69 -4.48 7.71 -12.50
C PRO L 69 -5.38 8.23 -11.40
N VAL L 70 -5.61 9.54 -11.43
CA VAL L 70 -6.51 10.18 -10.51
C VAL L 70 -7.57 10.91 -11.29
N VAL L 71 -8.67 11.26 -10.64
CA VAL L 71 -9.69 12.09 -11.28
C VAL L 71 -9.70 13.43 -10.59
N ALA L 72 -9.27 14.45 -11.33
CA ALA L 72 -9.19 15.81 -10.82
C ALA L 72 -10.48 16.54 -11.13
N MET L 73 -11.05 17.21 -10.15
CA MET L 73 -12.34 17.86 -10.34
C MET L 73 -12.36 19.24 -9.73
N VAL L 74 -13.15 20.12 -10.32
CA VAL L 74 -13.48 21.38 -9.67
C VAL L 74 -14.99 21.44 -9.50
N TRP L 75 -15.45 21.72 -8.28
CA TRP L 75 -16.88 21.83 -7.99
C TRP L 75 -17.20 23.22 -7.45
N GLU L 76 -18.36 23.73 -7.84
CA GLU L 76 -18.76 25.09 -7.49
C GLU L 76 -20.09 25.13 -6.75
N GLY L 77 -20.17 25.97 -5.72
CA GLY L 77 -21.43 26.16 -5.02
C GLY L 77 -21.25 26.90 -3.72
N LYS L 78 -22.35 27.29 -3.08
CA LYS L 78 -22.25 27.95 -1.79
C LYS L 78 -21.50 27.06 -0.79
N SER L 79 -20.47 27.61 -0.18
CA SER L 79 -19.70 26.89 0.85
C SER L 79 -19.23 25.51 0.38
N VAL L 80 -18.91 25.38 -0.91
CA VAL L 80 -18.56 24.07 -1.43
C VAL L 80 -17.25 23.57 -0.83
N VAL L 81 -16.38 24.49 -0.43
CA VAL L 81 -15.14 24.07 0.22
C VAL L 81 -15.40 23.25 1.50
N THR L 82 -16.06 23.86 2.49
CA THR L 82 -16.33 23.17 3.75
CA THR L 82 -16.31 23.17 3.75
C THR L 82 -17.33 22.04 3.61
N THR L 83 -18.32 22.22 2.74
CA THR L 83 -19.33 21.18 2.55
C THR L 83 -18.76 20.00 1.77
N GLY L 84 -17.89 20.28 0.80
CA GLY L 84 -17.17 19.23 0.14
C GLY L 84 -16.42 18.37 1.15
N ARG L 85 -15.74 19.03 2.09
CA ARG L 85 -15.02 18.29 3.13
C ARG L 85 -15.96 17.46 4.00
N LYS L 86 -17.13 18.00 4.30
CA LYS L 86 -18.09 17.30 5.15
C LYS L 86 -18.62 16.05 4.43
N ILE L 87 -18.89 16.17 3.14
CA ILE L 87 -19.38 15.05 2.34
C ILE L 87 -18.34 13.92 2.26
N ILE L 88 -17.07 14.32 2.25
CA ILE L 88 -15.99 13.37 2.14
C ILE L 88 -15.76 12.62 3.44
N GLY L 89 -15.88 13.33 4.55
CA GLY L 89 -15.75 12.73 5.86
C GLY L 89 -14.35 12.84 6.45
N ALA L 90 -14.23 12.47 7.73
CA ALA L 90 -12.99 12.53 8.48
C ALA L 90 -11.84 11.82 7.78
N THR L 91 -10.65 12.41 7.91
CA THR L 91 -9.45 11.89 7.27
C THR L 91 -9.18 10.44 7.61
N ASN L 92 -9.20 10.11 8.89
CA ASN L 92 -9.10 8.73 9.32
C ASN L 92 -10.42 7.98 9.17
N PRO L 93 -10.50 7.10 8.17
CA PRO L 93 -11.74 6.34 7.93
C PRO L 93 -12.25 5.65 9.20
N LEU L 94 -11.39 5.50 10.21
CA LEU L 94 -11.82 4.94 11.48
C LEU L 94 -12.84 5.85 12.17
N ALA L 95 -12.76 7.15 11.93
CA ALA L 95 -13.68 8.11 12.52
C ALA L 95 -14.73 8.64 11.53
N SER L 96 -14.57 8.32 10.24
CA SER L 96 -15.45 8.86 9.22
C SER L 96 -16.84 8.25 9.34
N GLU L 97 -17.86 9.10 9.31
CA GLU L 97 -19.22 8.69 9.60
C GLU L 97 -19.91 8.05 8.40
N PRO L 98 -20.68 6.98 8.64
CA PRO L 98 -21.46 6.40 7.55
C PRO L 98 -22.35 7.49 6.95
N GLY L 99 -22.53 7.48 5.64
CA GLY L 99 -23.23 8.56 4.98
C GLY L 99 -22.24 9.44 4.22
N THR L 100 -21.00 9.50 4.71
CA THR L 100 -19.93 10.22 4.00
C THR L 100 -19.25 9.26 3.04
N ILE L 101 -18.48 9.81 2.11
CA ILE L 101 -17.78 8.98 1.14
C ILE L 101 -16.78 8.05 1.83
N ARG L 102 -15.93 8.60 2.68
CA ARG L 102 -14.95 7.77 3.38
CA ARG L 102 -14.95 7.78 3.40
C ARG L 102 -15.64 6.86 4.41
N GLY L 103 -16.74 7.35 4.99
CA GLY L 103 -17.53 6.57 5.93
C GLY L 103 -18.13 5.35 5.27
N ASP L 104 -18.56 5.50 4.02
CA ASP L 104 -19.16 4.40 3.29
C ASP L 104 -18.15 3.45 2.65
N PHE L 105 -17.01 3.98 2.19
CA PHE L 105 -16.09 3.19 1.36
C PHE L 105 -14.67 2.91 1.88
N ALA L 106 -14.20 3.67 2.87
CA ALA L 106 -12.77 3.59 3.23
C ALA L 106 -12.54 2.96 4.61
N VAL L 107 -11.41 2.27 4.75
CA VAL L 107 -11.07 1.67 6.05
C VAL L 107 -9.66 2.02 6.52
N ASP L 108 -8.82 2.49 5.60
CA ASP L 108 -7.41 2.72 5.90
C ASP L 108 -7.07 4.15 5.52
N ILE L 109 -6.53 4.90 6.48
CA ILE L 109 -6.17 6.29 6.26
C ILE L 109 -5.24 6.49 5.04
N GLY L 110 -4.45 5.48 4.72
CA GLY L 110 -3.55 5.54 3.56
C GLY L 110 -4.24 5.19 2.24
N ARG L 111 -5.50 4.74 2.31
CA ARG L 111 -6.29 4.47 1.11
C ARG L 111 -7.65 5.09 1.34
N ASN L 112 -7.69 6.41 1.37
CA ASN L 112 -8.92 7.11 1.75
C ASN L 112 -9.67 7.72 0.57
N VAL L 113 -9.44 7.16 -0.61
CA VAL L 113 -10.36 7.26 -1.74
C VAL L 113 -10.39 8.62 -2.45
N ILE L 114 -10.40 9.70 -1.67
CA ILE L 114 -10.69 11.01 -2.22
C ILE L 114 -10.16 12.09 -1.30
N HIS L 115 -9.89 13.27 -1.85
CA HIS L 115 -9.51 14.39 -1.03
C HIS L 115 -10.03 15.69 -1.61
N GLY L 116 -10.41 16.62 -0.74
CA GLY L 116 -10.85 17.95 -1.15
C GLY L 116 -10.04 19.05 -0.50
N SER L 117 -9.99 20.23 -1.11
CA SER L 117 -9.29 21.38 -0.53
C SER L 117 -9.71 21.64 0.91
N ASP L 118 -8.74 22.00 1.75
CA ASP L 118 -9.03 22.24 3.16
C ASP L 118 -9.43 23.69 3.44
N SER L 119 -9.30 24.56 2.45
CA SER L 119 -9.67 25.96 2.60
C SER L 119 -9.81 26.66 1.25
N ILE L 120 -10.37 27.87 1.29
CA ILE L 120 -10.58 28.66 0.09
C ILE L 120 -9.25 29.02 -0.58
N GLU L 121 -8.24 29.36 0.20
CA GLU L 121 -6.96 29.69 -0.42
C GLU L 121 -6.25 28.45 -0.97
N SER L 122 -6.31 27.33 -0.24
CA SER L 122 -5.84 26.05 -0.80
C SER L 122 -6.58 25.70 -2.10
N ALA L 123 -7.89 25.88 -2.11
CA ALA L 123 -8.68 25.57 -3.30
C ALA L 123 -8.24 26.43 -4.48
N ASN L 124 -8.09 27.72 -4.23
CA ASN L 124 -7.61 28.63 -5.26
C ASN L 124 -6.29 28.13 -5.82
N LYS L 125 -5.37 27.75 -4.93
CA LYS L 125 -4.06 27.31 -5.37
C LYS L 125 -4.14 26.03 -6.21
N GLU L 126 -4.82 25.03 -5.66
CA GLU L 126 -4.92 23.73 -6.32
C GLU L 126 -5.63 23.82 -7.67
N ILE L 127 -6.67 24.64 -7.76
CA ILE L 127 -7.36 24.82 -9.03
C ILE L 127 -6.40 25.39 -10.09
N ALA L 128 -5.65 26.42 -9.72
CA ALA L 128 -4.71 27.04 -10.66
C ALA L 128 -3.62 26.07 -11.12
N LEU L 129 -3.16 25.22 -10.22
CA LEU L 129 -2.14 24.22 -10.53
C LEU L 129 -2.66 23.12 -11.44
N TRP L 130 -3.84 22.60 -11.14
CA TRP L 130 -4.40 21.46 -11.87
C TRP L 130 -5.15 21.84 -13.15
N PHE L 131 -5.74 23.02 -13.19
CA PHE L 131 -6.48 23.43 -14.38
C PHE L 131 -6.02 24.80 -14.91
N PRO L 132 -4.73 24.91 -15.29
CA PRO L 132 -4.27 26.21 -15.80
C PRO L 132 -5.05 26.64 -17.04
N GLU L 133 -5.56 25.66 -17.77
CA GLU L 133 -6.36 25.88 -18.98
C GLU L 133 -7.72 26.53 -18.68
N GLY L 134 -8.09 26.57 -17.40
CA GLY L 134 -9.36 27.14 -16.99
C GLY L 134 -10.48 26.14 -16.76
N LEU L 135 -11.67 26.67 -16.46
CA LEU L 135 -12.83 25.83 -16.18
C LEU L 135 -13.75 25.72 -17.38
N ALA L 136 -14.69 24.78 -17.31
CA ALA L 136 -15.68 24.65 -18.37
C ALA L 136 -16.99 25.26 -17.89
N ASP L 137 -17.25 26.49 -18.31
CA ASP L 137 -18.37 27.27 -17.78
C ASP L 137 -19.75 26.85 -18.28
N TRP L 138 -20.75 26.99 -17.40
CA TRP L 138 -22.14 26.73 -17.73
C TRP L 138 -23.05 27.20 -16.58
N GLN L 139 -24.32 27.42 -16.89
CA GLN L 139 -25.31 27.79 -15.89
C GLN L 139 -26.39 26.71 -15.80
N SER L 140 -26.65 26.23 -14.59
CA SER L 140 -27.64 25.18 -14.38
C SER L 140 -29.06 25.73 -14.45
N SER L 141 -29.87 25.06 -15.26
CA SER L 141 -31.29 25.32 -15.31
C SER L 141 -31.95 25.11 -13.95
N GLN L 142 -31.27 24.43 -13.03
CA GLN L 142 -31.86 24.15 -11.73
C GLN L 142 -31.50 25.21 -10.70
N HIS L 143 -30.66 26.16 -11.12
CA HIS L 143 -30.17 27.19 -10.21
C HIS L 143 -31.22 27.86 -9.30
N PRO L 144 -32.35 28.30 -9.88
CA PRO L 144 -33.36 28.99 -9.05
C PRO L 144 -34.02 28.11 -7.99
N TRP L 145 -33.87 26.79 -8.13
CA TRP L 145 -34.43 25.83 -7.19
C TRP L 145 -33.39 25.33 -6.20
N ILE L 146 -32.13 25.49 -6.54
CA ILE L 146 -31.05 25.11 -5.65
C ILE L 146 -30.74 26.28 -4.74
N TYR L 147 -30.83 27.49 -5.29
CA TYR L 147 -30.49 28.71 -4.57
C TYR L 147 -31.64 29.70 -4.52
N GLU L 148 -31.72 30.45 -3.43
CA GLU L 148 -32.68 31.52 -3.28
C GLU L 148 -32.16 32.76 -4.02
N LYS L 149 -33.02 33.35 -4.84
CA LYS L 149 -32.63 34.41 -5.78
C LYS L 149 -31.40 34.03 -6.60
#